data_8A49
#
_entry.id   8A49
#
_cell.length_a   96.529
_cell.length_b   174.294
_cell.length_c   193.059
_cell.angle_alpha   90.000
_cell.angle_beta   90.000
_cell.angle_gamma   90.000
#
_symmetry.space_group_name_H-M   'P 21 21 21'
#
loop_
_entity.id
_entity.type
_entity.pdbx_description
1 polymer 'IgG1 Fc'
2 polymer 'Secreted endoglycosidase EndoS'
3 branched 2-acetamido-2-deoxy-beta-D-glucopyranose-(1-2)-alpha-D-mannopyranose-(1-3)-[2-acetamido-2-deoxy-beta-D-glucopyranose-(1-2)-alpha-D-mannopyranose-(1-6)]beta-D-mannopyranose-(1-4)-2-acetamido-2-deoxy-beta-D-glucopyranose-(1-4)-[alpha-L-fucopyranose-(1-6)]2-acetamido-2-deoxy-beta-D-glucopyranose
4 water water
#
loop_
_entity_poly.entity_id
_entity_poly.type
_entity_poly.pdbx_seq_one_letter_code
_entity_poly.pdbx_strand_id
1 'polypeptide(L)'
;DKTHTCPPCPAPELLGGPSVFLFPPKPKDTLMISRTPEVTCVVVDVSHEDPEVKFNWYVDGVEVHNAKTKPREEQYNSTY
RVVSVLTVLHQDWLNGKEYKCKVSNKALPAPIEKTISKAKGQPREPQVYTLPPSREEMTKNQVSLTCLVKGFYPSDIAVE
WRSNGQPENNYKTTPPVLDSDGSFFLYSKLTVDKSRWQQGNVFSCSVMHEALHNHYTQKSLSLSPGK
;
A,B
2 'polypeptide(L)'
;MIPEKIPMKPLHGPLYGGYFRTWHDKTSDPTEKDKVNSMGELPKEVDLAFIFHDWTKDYSLFWKELATKHVPKLNKQGTR
VIRTIPWRFLAGGDNSGIAEDTSKYPNTPEGNKALAKAIVDEYVYKYNLDGLDVAVLHDSIPKVDKKEDTAGVERSIQVF
EEIGKLIGPKGVDKSRLFIMDSTYMADKNPLIERGAPYINLLLVQVYGSQGEKGGWEPVSNRPEKTMEERWQGYSKYIRP
EQYMIGFSFYEENAQEGNLWYDINSRKDEDKANGINTDITGTRAERYARWQPKTGGVKGGIFSYAIDRDGVAHQPKKYAK
QKEFKDATDNIFHSDYSVSKALKTVMLKDKSYDLIDEKDFPDKALREAVMAQVGTRKGDLERFNGTLRLDNPAIQSLEGL
NKFKKLAQLDLIGLSRITKLDRSVLPANMKPGKDTLETVLETYKKDNKEEPATIPPVSLKVSGLTGLKELDLSGFDRETL
AGLDAATLTSLEKVDISGNKLDLAPGTENRQIFDTMLSTISNHVGSNEQTVKFDKQKPTGHYPDTYGKTSLRLPVANEKV
DLQSQLLFGTVTNQGTLINSEADYKAYQNHKIAGRSFVDSNYHYNNFKVSYENYTVKVTDSTLGTTTDKTLATDKEETYK
VDFFSPADKTKAVHTAKVIVGDEKTMMVNLAEGATVIGGSADPVNARKVFDGQLGSETDNISLGWDSKQSIIFKLKEDGL
IKHWRFFNDSARNPETTNKPIQEASLQIFNIKDYNLDNLLENPNKFDDEKYWITVDTYSAQGERATAFSNTLNNITSKYW
RVVFDTKGDRYSSPVVPELQILGYPLPNADTIMKTVTTAKELSQQKDKFSQKMLDELKIKEMALETSLNSKIFDVTAINA
NAGVLKDCIEKRQLLKKLLEHHHHHH
;
C,D
#
# COMPACT_ATOMS: atom_id res chain seq x y z
N PRO A 18 -11.49 3.89 -4.02
CA PRO A 18 -11.43 4.07 -2.56
C PRO A 18 -10.78 2.87 -1.87
N SER A 19 -9.81 3.16 -0.98
CA SER A 19 -9.11 2.13 -0.24
C SER A 19 -9.50 2.20 1.24
N VAL A 20 -9.66 1.03 1.86
CA VAL A 20 -10.06 0.93 3.25
C VAL A 20 -8.86 0.42 4.07
N PHE A 21 -8.76 0.89 5.32
CA PHE A 21 -7.65 0.52 6.19
C PHE A 21 -8.16 0.35 7.62
N LEU A 22 -8.51 -0.89 7.97
CA LEU A 22 -8.96 -1.24 9.31
C LEU A 22 -7.75 -1.41 10.23
N PHE A 23 -7.84 -0.87 11.45
CA PHE A 23 -6.73 -0.85 12.38
C PHE A 23 -7.15 -1.40 13.74
N PRO A 24 -6.27 -2.14 14.44
CA PRO A 24 -6.61 -2.73 15.74
C PRO A 24 -6.53 -1.72 16.88
N PRO A 25 -6.98 -2.08 18.11
CA PRO A 25 -6.87 -1.20 19.27
C PRO A 25 -5.48 -1.21 19.88
N LYS A 26 -5.18 -0.18 20.67
CA LYS A 26 -3.91 -0.10 21.38
C LYS A 26 -3.84 -1.23 22.40
N PRO A 27 -2.70 -1.96 22.50
CA PRO A 27 -2.54 -3.00 23.53
C PRO A 27 -2.87 -2.54 24.94
N LYS A 28 -2.45 -1.31 25.29
CA LYS A 28 -2.64 -0.78 26.63
C LYS A 28 -4.13 -0.65 26.95
N ASP A 29 -4.93 -0.31 25.93
CA ASP A 29 -6.36 -0.08 26.09
C ASP A 29 -7.09 -1.40 26.32
N THR A 30 -6.66 -2.47 25.63
CA THR A 30 -7.34 -3.75 25.68
C THR A 30 -6.98 -4.52 26.94
N LEU A 31 -5.91 -4.10 27.64
CA LEU A 31 -5.43 -4.81 28.82
C LEU A 31 -5.75 -4.03 30.10
N MET A 32 -6.46 -2.90 29.96
CA MET A 32 -6.92 -2.13 31.11
C MET A 32 -8.40 -1.79 30.92
N ILE A 33 -9.24 -2.18 31.88
CA ILE A 33 -10.68 -2.04 31.76
C ILE A 33 -11.12 -0.60 31.99
N SER A 34 -10.28 0.20 32.66
CA SER A 34 -10.57 1.60 32.89
C SER A 34 -10.44 2.40 31.58
N ARG A 35 -9.57 1.94 30.69
CA ARG A 35 -9.35 2.58 29.40
C ARG A 35 -10.29 1.97 28.36
N THR A 36 -10.50 2.70 27.26
CA THR A 36 -11.48 2.32 26.25
C THR A 36 -10.79 2.06 24.91
N PRO A 37 -10.81 0.80 24.40
CA PRO A 37 -10.19 0.47 23.13
C PRO A 37 -11.07 0.80 21.92
N GLU A 38 -10.42 1.08 20.78
CA GLU A 38 -11.09 1.51 19.57
C GLU A 38 -10.57 0.71 18.38
N VAL A 39 -11.48 0.34 17.47
CA VAL A 39 -11.13 -0.31 16.22
C VAL A 39 -11.41 0.66 15.07
N THR A 40 -10.37 1.38 14.65
CA THR A 40 -10.51 2.45 13.68
C THR A 40 -10.58 1.87 12.26
N CYS A 41 -11.45 2.45 11.43
CA CYS A 41 -11.60 2.05 10.04
C CYS A 41 -11.47 3.29 9.15
N VAL A 42 -10.24 3.54 8.68
CA VAL A 42 -9.95 4.68 7.83
C VAL A 42 -10.33 4.33 6.39
N VAL A 43 -10.77 5.34 5.63
CA VAL A 43 -11.06 5.19 4.21
C VAL A 43 -10.41 6.36 3.48
N VAL A 44 -9.45 6.04 2.59
CA VAL A 44 -8.69 7.05 1.87
C VAL A 44 -9.03 6.96 0.39
N ASP A 45 -8.68 8.03 -0.35
CA ASP A 45 -8.96 8.14 -1.77
C ASP A 45 -10.47 8.07 -2.01
N VAL A 46 -11.25 8.73 -1.15
CA VAL A 46 -12.70 8.68 -1.22
C VAL A 46 -13.15 9.59 -2.36
N SER A 47 -14.22 9.17 -3.05
CA SER A 47 -14.71 9.86 -4.23
C SER A 47 -15.05 11.31 -3.91
N HIS A 48 -14.52 12.23 -4.72
CA HIS A 48 -14.78 13.65 -4.56
C HIS A 48 -16.17 13.99 -5.11
N GLU A 49 -16.62 13.21 -6.09
CA GLU A 49 -17.91 13.41 -6.72
C GLU A 49 -19.03 12.99 -5.75
N ASP A 50 -18.98 11.74 -5.30
CA ASP A 50 -19.96 11.19 -4.38
C ASP A 50 -19.27 10.87 -3.04
N PRO A 51 -19.20 11.83 -2.09
CA PRO A 51 -18.45 11.62 -0.85
C PRO A 51 -19.23 10.97 0.29
N GLU A 52 -20.43 10.47 0.01
CA GLU A 52 -21.23 9.78 1.01
C GLU A 52 -20.61 8.42 1.31
N VAL A 53 -20.34 8.17 2.59
CA VAL A 53 -19.77 6.91 3.05
C VAL A 53 -20.63 6.36 4.18
N LYS A 54 -21.21 5.17 3.98
CA LYS A 54 -22.01 4.50 4.99
C LYS A 54 -21.22 3.31 5.54
N PHE A 55 -20.82 3.40 6.81
CA PHE A 55 -20.10 2.33 7.47
C PHE A 55 -21.09 1.36 8.12
N ASN A 56 -20.84 0.06 7.93
CA ASN A 56 -21.56 -0.98 8.65
C ASN A 56 -20.56 -1.78 9.46
N TRP A 57 -20.88 -2.03 10.73
CA TRP A 57 -19.98 -2.66 11.67
C TRP A 57 -20.55 -3.98 12.17
N TYR A 58 -19.77 -5.06 12.04
CA TYR A 58 -20.19 -6.38 12.46
C TYR A 58 -19.17 -6.96 13.43
N VAL A 59 -19.65 -7.86 14.30
CA VAL A 59 -18.79 -8.57 15.25
C VAL A 59 -19.24 -10.04 15.27
N ASP A 60 -18.67 -10.83 14.35
CA ASP A 60 -19.06 -12.22 14.12
C ASP A 60 -20.50 -12.27 13.59
N GLY A 61 -20.85 -11.32 12.72
CA GLY A 61 -22.18 -11.27 12.13
C GLY A 61 -23.13 -10.33 12.88
N VAL A 62 -22.93 -10.22 14.20
CA VAL A 62 -23.73 -9.33 15.04
C VAL A 62 -23.42 -7.89 14.63
N GLU A 63 -24.29 -7.32 13.80
CA GLU A 63 -24.12 -5.93 13.36
C GLU A 63 -24.38 -5.01 14.55
N VAL A 64 -23.41 -4.13 14.83
CA VAL A 64 -23.55 -3.13 15.88
C VAL A 64 -23.77 -1.77 15.20
N HIS A 65 -24.43 -0.86 15.93
CA HIS A 65 -24.77 0.45 15.39
C HIS A 65 -24.38 1.53 16.41
N ASN A 66 -23.21 1.35 17.05
CA ASN A 66 -22.75 2.24 18.09
C ASN A 66 -21.45 2.91 17.68
N ALA A 67 -21.20 2.98 16.37
CA ALA A 67 -19.97 3.56 15.83
C ALA A 67 -20.07 5.08 15.87
N LYS A 68 -18.95 5.74 15.59
CA LYS A 68 -18.87 7.20 15.55
C LYS A 68 -17.94 7.63 14.43
N THR A 69 -18.50 8.26 13.40
CA THR A 69 -17.72 8.84 12.32
C THR A 69 -16.95 10.03 12.88
N LYS A 70 -15.63 10.03 12.71
CA LYS A 70 -14.78 11.10 13.22
C LYS A 70 -14.89 12.30 12.29
N PRO A 71 -14.87 13.55 12.83
CA PRO A 71 -14.99 14.75 12.00
C PRO A 71 -13.86 14.87 10.98
N ARG A 72 -14.20 15.41 9.80
CA ARG A 72 -13.25 15.57 8.71
C ARG A 72 -12.11 16.48 9.18
N GLU A 73 -10.94 15.88 9.41
CA GLU A 73 -9.76 16.61 9.85
C GLU A 73 -9.33 17.59 8.76
N GLU A 74 -8.41 18.49 9.10
CA GLU A 74 -8.05 19.61 8.24
C GLU A 74 -6.93 19.19 7.28
N GLN A 75 -7.20 18.18 6.44
CA GLN A 75 -6.34 17.91 5.28
C GLN A 75 -6.49 19.08 4.31
N TYR A 76 -5.37 19.43 3.67
CA TYR A 76 -5.34 20.64 2.85
C TYR A 76 -6.24 20.42 1.63
N ASN A 77 -5.87 19.44 0.79
CA ASN A 77 -6.59 19.13 -0.44
C ASN A 77 -6.43 17.64 -0.77
N SER A 78 -6.76 17.29 -2.02
CA SER A 78 -6.31 16.08 -2.68
C SER A 78 -7.34 14.95 -2.51
N THR A 79 -7.40 14.38 -1.31
CA THR A 79 -8.14 13.15 -1.08
C THR A 79 -8.93 13.26 0.22
N TYR A 80 -10.22 12.89 0.17
CA TYR A 80 -11.03 12.77 1.37
C TYR A 80 -10.61 11.53 2.14
N ARG A 81 -10.57 11.65 3.47
CA ARG A 81 -10.14 10.57 4.35
C ARG A 81 -11.18 10.41 5.47
N VAL A 82 -12.18 9.56 5.22
CA VAL A 82 -13.29 9.38 6.14
C VAL A 82 -12.92 8.29 7.14
N VAL A 83 -12.73 8.67 8.40
CA VAL A 83 -12.41 7.75 9.47
C VAL A 83 -13.72 7.34 10.15
N SER A 84 -13.75 6.11 10.66
CA SER A 84 -14.87 5.63 11.46
C SER A 84 -14.36 4.76 12.61
N VAL A 85 -14.63 5.21 13.84
CA VAL A 85 -14.16 4.54 15.04
C VAL A 85 -15.30 3.65 15.57
N LEU A 86 -14.91 2.57 16.25
CA LEU A 86 -15.85 1.72 16.96
C LEU A 86 -15.27 1.38 18.32
N THR A 87 -15.97 1.78 19.38
CA THR A 87 -15.65 1.35 20.73
C THR A 87 -16.00 -0.12 20.88
N VAL A 88 -15.09 -0.90 21.47
CA VAL A 88 -15.23 -2.34 21.54
C VAL A 88 -15.10 -2.79 23.00
N LEU A 89 -15.69 -3.94 23.30
CA LEU A 89 -15.51 -4.59 24.59
C LEU A 89 -14.16 -5.27 24.62
N HIS A 90 -13.51 -5.22 25.79
CA HIS A 90 -12.20 -5.81 25.98
C HIS A 90 -12.29 -7.31 25.74
N GLN A 91 -13.25 -7.94 26.44
CA GLN A 91 -13.46 -9.37 26.38
C GLN A 91 -13.65 -9.83 24.94
N ASP A 92 -14.38 -9.04 24.14
CA ASP A 92 -14.68 -9.40 22.77
C ASP A 92 -13.40 -9.43 21.94
N TRP A 93 -12.48 -8.49 22.20
CA TRP A 93 -11.21 -8.46 21.51
C TRP A 93 -10.33 -9.63 21.96
N LEU A 94 -10.23 -9.82 23.28
CA LEU A 94 -9.36 -10.82 23.86
C LEU A 94 -9.85 -12.23 23.53
N ASN A 95 -11.18 -12.39 23.39
CA ASN A 95 -11.75 -13.65 22.96
C ASN A 95 -11.45 -13.86 21.47
N GLY A 96 -11.27 -12.75 20.73
CA GLY A 96 -10.80 -12.81 19.36
C GLY A 96 -11.95 -12.83 18.36
N LYS A 97 -12.88 -11.88 18.52
CA LYS A 97 -14.03 -11.77 17.64
C LYS A 97 -13.62 -10.96 16.40
N GLU A 98 -14.17 -11.33 15.24
CA GLU A 98 -13.86 -10.69 13.98
C GLU A 98 -14.65 -9.38 13.85
N TYR A 99 -13.96 -8.25 13.99
CA TYR A 99 -14.54 -6.94 13.74
C TYR A 99 -14.42 -6.62 12.26
N LYS A 100 -15.57 -6.41 11.60
CA LYS A 100 -15.62 -6.19 10.17
C LYS A 100 -16.15 -4.79 9.87
N CYS A 101 -15.41 -4.05 9.04
CA CYS A 101 -15.80 -2.72 8.61
C CYS A 101 -16.24 -2.76 7.14
N LYS A 102 -17.56 -2.64 6.92
CA LYS A 102 -18.12 -2.63 5.57
C LYS A 102 -18.35 -1.18 5.14
N VAL A 103 -17.46 -0.69 4.26
CA VAL A 103 -17.58 0.65 3.70
C VAL A 103 -18.51 0.60 2.50
N SER A 104 -19.35 1.63 2.35
CA SER A 104 -20.31 1.70 1.26
C SER A 104 -20.32 3.10 0.65
N ASN A 105 -19.88 3.20 -0.62
CA ASN A 105 -19.82 4.45 -1.35
C ASN A 105 -20.69 4.31 -2.60
N LYS A 106 -21.25 5.45 -3.06
CA LYS A 106 -22.12 5.47 -4.23
C LYS A 106 -21.29 5.23 -5.49
N ALA A 107 -20.06 5.74 -5.51
CA ALA A 107 -19.14 5.54 -6.63
C ALA A 107 -18.69 4.09 -6.70
N LEU A 108 -18.54 3.46 -5.53
CA LEU A 108 -18.14 2.07 -5.42
C LEU A 108 -19.27 1.17 -5.92
N PRO A 109 -19.02 0.22 -6.85
CA PRO A 109 -20.08 -0.66 -7.36
C PRO A 109 -20.66 -1.63 -6.32
N ALA A 110 -19.82 -2.05 -5.37
CA ALA A 110 -20.27 -2.89 -4.27
C ALA A 110 -19.36 -2.67 -3.06
N PRO A 111 -19.88 -2.86 -1.82
CA PRO A 111 -19.15 -2.46 -0.61
C PRO A 111 -17.82 -3.18 -0.39
N ILE A 112 -16.83 -2.43 0.11
CA ILE A 112 -15.53 -2.97 0.49
C ILE A 112 -15.59 -3.38 1.96
N GLU A 113 -15.25 -4.64 2.24
CA GLU A 113 -15.20 -5.16 3.60
C GLU A 113 -13.75 -5.35 4.03
N LYS A 114 -13.48 -5.08 5.31
CA LYS A 114 -12.18 -5.37 5.92
C LYS A 114 -12.43 -5.99 7.29
N THR A 115 -11.66 -7.02 7.62
CA THR A 115 -11.83 -7.77 8.86
C THR A 115 -10.51 -7.81 9.62
N ILE A 116 -10.60 -7.79 10.95
CA ILE A 116 -9.45 -7.83 11.83
C ILE A 116 -9.79 -8.62 13.08
N SER A 117 -8.77 -9.23 13.69
CA SER A 117 -8.94 -9.97 14.93
C SER A 117 -7.60 -10.05 15.66
N LYS A 118 -7.64 -10.53 16.91
CA LYS A 118 -6.44 -10.71 17.71
C LYS A 118 -5.60 -11.83 17.10
N ALA A 119 -4.28 -11.80 17.36
CA ALA A 119 -3.37 -12.82 16.89
C ALA A 119 -3.78 -14.19 17.45
N LYS A 120 -3.96 -15.16 16.56
CA LYS A 120 -4.45 -16.48 16.93
C LYS A 120 -3.27 -17.39 17.24
N GLY A 121 -3.16 -17.81 18.51
CA GLY A 121 -2.09 -18.69 18.94
C GLY A 121 -2.06 -18.82 20.47
N GLN A 122 -1.39 -19.88 20.96
CA GLN A 122 -1.33 -20.17 22.38
C GLN A 122 -0.61 -19.04 23.12
N PRO A 123 -1.31 -18.26 23.98
CA PRO A 123 -0.67 -17.17 24.72
C PRO A 123 0.42 -17.66 25.67
N ARG A 124 1.41 -16.80 25.94
CA ARG A 124 2.55 -17.14 26.76
C ARG A 124 2.87 -15.96 27.68
N GLU A 125 3.34 -16.27 28.90
CA GLU A 125 3.57 -15.28 29.93
C GLU A 125 4.89 -14.56 29.66
N PRO A 126 4.91 -13.20 29.76
CA PRO A 126 6.15 -12.44 29.57
C PRO A 126 7.05 -12.53 30.80
N GLN A 127 8.26 -13.06 30.62
CA GLN A 127 9.26 -13.07 31.66
C GLN A 127 9.94 -11.69 31.68
N VAL A 128 9.73 -10.95 32.78
CA VAL A 128 10.18 -9.58 32.90
C VAL A 128 11.47 -9.56 33.73
N TYR A 129 12.46 -8.81 33.23
CA TYR A 129 13.78 -8.73 33.86
C TYR A 129 14.30 -7.31 33.75
N THR A 130 14.62 -6.69 34.89
CA THR A 130 15.23 -5.38 34.93
C THR A 130 16.75 -5.53 35.00
N LEU A 131 17.45 -4.79 34.13
CA LEU A 131 18.90 -4.78 34.09
C LEU A 131 19.40 -3.39 34.46
N PRO A 132 20.45 -3.26 35.31
CA PRO A 132 20.97 -1.96 35.71
C PRO A 132 21.84 -1.33 34.61
N PRO A 133 22.32 -0.08 34.78
CA PRO A 133 23.20 0.55 33.80
C PRO A 133 24.51 -0.23 33.66
N SER A 134 25.16 -0.07 32.50
CA SER A 134 26.42 -0.74 32.23
C SER A 134 27.50 -0.17 33.14
N ARG A 135 28.54 -0.98 33.38
CA ARG A 135 29.66 -0.58 34.22
C ARG A 135 30.39 0.59 33.58
N GLU A 136 30.37 0.63 32.23
CA GLU A 136 31.01 1.68 31.46
C GLU A 136 30.18 2.96 31.49
N GLU A 137 28.84 2.81 31.51
CA GLU A 137 27.93 3.94 31.41
C GLU A 137 27.89 4.72 32.73
N MET A 138 28.49 4.16 33.79
CA MET A 138 28.49 4.79 35.10
C MET A 138 29.36 6.05 35.09
N THR A 139 30.28 6.15 34.11
CA THR A 139 31.13 7.32 33.97
C THR A 139 30.33 8.52 33.46
N LYS A 140 29.28 8.25 32.66
CA LYS A 140 28.46 9.29 32.07
C LYS A 140 27.57 9.90 33.15
N ASN A 141 27.11 11.14 32.89
CA ASN A 141 26.30 11.90 33.85
C ASN A 141 24.87 11.38 33.89
N GLN A 142 24.44 10.71 32.81
CA GLN A 142 23.16 10.02 32.78
C GLN A 142 23.38 8.53 32.55
N VAL A 143 22.38 7.73 32.94
CA VAL A 143 22.45 6.28 32.86
C VAL A 143 21.18 5.76 32.17
N SER A 144 21.22 4.48 31.77
CA SER A 144 20.12 3.85 31.05
C SER A 144 19.69 2.58 31.77
N LEU A 145 18.50 2.64 32.39
CA LEU A 145 17.90 1.49 33.03
C LEU A 145 17.14 0.69 31.98
N THR A 146 17.45 -0.61 31.90
CA THR A 146 16.91 -1.49 30.87
C THR A 146 15.86 -2.41 31.48
N CYS A 147 14.87 -2.79 30.67
CA CYS A 147 13.88 -3.77 31.07
C CYS A 147 13.67 -4.76 29.92
N LEU A 148 14.23 -5.97 30.08
CA LEU A 148 14.04 -7.05 29.12
C LEU A 148 12.69 -7.71 29.38
N VAL A 149 11.95 -7.97 28.29
CA VAL A 149 10.67 -8.67 28.34
C VAL A 149 10.66 -9.67 27.20
N LYS A 150 10.70 -10.96 27.53
CA LYS A 150 10.84 -11.99 26.52
C LYS A 150 9.85 -13.12 26.75
N GLY A 151 9.72 -14.00 25.74
CA GLY A 151 9.00 -15.25 25.86
C GLY A 151 7.49 -15.07 25.94
N PHE A 152 6.97 -14.02 25.29
CA PHE A 152 5.56 -13.68 25.38
C PHE A 152 4.90 -13.80 24.01
N TYR A 153 3.58 -14.03 24.01
CA TYR A 153 2.80 -14.11 22.80
C TYR A 153 1.34 -13.81 23.15
N PRO A 154 0.58 -13.03 22.34
CA PRO A 154 1.09 -12.41 21.10
C PRO A 154 1.85 -11.10 21.34
N SER A 155 2.13 -10.39 20.24
CA SER A 155 2.91 -9.15 20.28
C SER A 155 2.18 -8.03 21.01
N ASP A 156 0.86 -8.18 21.21
CA ASP A 156 0.07 -7.20 21.94
C ASP A 156 0.57 -7.11 23.39
N ILE A 157 1.29 -6.02 23.69
CA ILE A 157 1.89 -5.83 25.00
C ILE A 157 2.11 -4.33 25.22
N ALA A 158 2.22 -3.93 26.50
CA ALA A 158 2.51 -2.54 26.85
C ALA A 158 3.45 -2.52 28.05
N VAL A 159 4.37 -1.54 28.05
CA VAL A 159 5.38 -1.42 29.08
C VAL A 159 5.45 0.04 29.52
N GLU A 160 5.69 0.26 30.82
CA GLU A 160 5.79 1.60 31.38
C GLU A 160 6.78 1.58 32.54
N TRP A 161 7.49 2.70 32.72
CA TRP A 161 8.36 2.90 33.87
C TRP A 161 7.68 3.83 34.87
N ARG A 162 8.16 3.78 36.12
CA ARG A 162 7.68 4.66 37.18
C ARG A 162 8.71 4.68 38.30
N SER A 163 9.10 5.89 38.71
CA SER A 163 10.09 6.08 39.76
C SER A 163 9.42 6.53 41.05
N ASN A 164 9.47 5.67 42.07
CA ASN A 164 8.88 5.93 43.37
C ASN A 164 7.39 6.25 43.20
N GLY A 165 6.69 5.43 42.41
CA GLY A 165 5.26 5.58 42.21
C GLY A 165 4.92 6.54 41.07
N GLN A 166 5.70 7.63 40.95
CA GLN A 166 5.43 8.67 39.97
C GLN A 166 5.75 8.13 38.57
N PRO A 167 4.80 8.13 37.61
CA PRO A 167 5.06 7.70 36.24
C PRO A 167 6.23 8.47 35.61
N GLU A 168 7.07 7.75 34.87
CA GLU A 168 8.27 8.31 34.28
C GLU A 168 7.96 8.91 32.91
N ASN A 169 8.77 9.90 32.51
CA ASN A 169 8.59 10.62 31.26
C ASN A 169 9.57 10.09 30.22
N ASN A 170 10.87 10.17 30.54
CA ASN A 170 11.93 9.95 29.57
C ASN A 170 12.30 8.48 29.53
N TYR A 171 11.55 7.71 28.73
CA TYR A 171 11.92 6.34 28.39
C TYR A 171 11.40 6.01 26.99
N LYS A 172 11.98 4.96 26.39
CA LYS A 172 11.56 4.48 25.08
C LYS A 172 11.51 2.96 25.09
N THR A 173 10.56 2.39 24.35
CA THR A 173 10.35 0.95 24.29
C THR A 173 10.52 0.51 22.84
N THR A 174 11.25 -0.60 22.64
CA THR A 174 11.46 -1.15 21.31
C THR A 174 10.22 -1.92 20.88
N PRO A 175 9.91 -2.00 19.56
CA PRO A 175 8.85 -2.87 19.06
C PRO A 175 9.05 -4.32 19.49
N PRO A 176 7.97 -5.13 19.61
CA PRO A 176 8.11 -6.57 19.83
C PRO A 176 8.84 -7.24 18.67
N VAL A 177 9.94 -7.94 19.00
CA VAL A 177 10.77 -8.60 18.01
C VAL A 177 10.55 -10.10 18.13
N LEU A 178 10.45 -10.78 16.98
CA LEU A 178 10.18 -12.22 16.95
C LEU A 178 11.42 -12.97 17.40
N ASP A 179 11.25 -13.83 18.40
CA ASP A 179 12.34 -14.59 19.00
C ASP A 179 12.48 -15.89 18.20
N SER A 180 13.54 -16.66 18.51
CA SER A 180 13.88 -17.86 17.77
C SER A 180 12.82 -18.93 17.96
N ASP A 181 12.35 -19.10 19.21
CA ASP A 181 11.44 -20.18 19.58
C ASP A 181 10.06 -19.97 18.96
N GLY A 182 9.66 -18.71 18.78
CA GLY A 182 8.35 -18.38 18.24
C GLY A 182 7.68 -17.25 19.00
N SER A 183 8.05 -17.08 20.27
CA SER A 183 7.60 -15.98 21.10
C SER A 183 8.21 -14.66 20.62
N PHE A 184 7.80 -13.56 21.26
CA PHE A 184 8.37 -12.25 20.98
C PHE A 184 9.22 -11.80 22.16
N PHE A 185 9.90 -10.66 21.99
CA PHE A 185 10.61 -10.01 23.08
C PHE A 185 10.78 -8.53 22.75
N LEU A 186 11.13 -7.74 23.77
CA LEU A 186 11.45 -6.33 23.58
C LEU A 186 12.20 -5.81 24.81
N TYR A 187 12.90 -4.68 24.62
CA TYR A 187 13.55 -3.96 25.70
C TYR A 187 12.88 -2.60 25.88
N SER A 188 13.14 -1.97 27.03
CA SER A 188 12.66 -0.63 27.29
C SER A 188 13.73 0.15 28.05
N LYS A 189 14.18 1.27 27.44
CA LYS A 189 15.29 2.04 27.96
C LYS A 189 14.76 3.26 28.70
N LEU A 190 14.97 3.30 30.02
CA LEU A 190 14.65 4.46 30.84
C LEU A 190 15.92 5.28 31.06
N THR A 191 15.95 6.48 30.44
CA THR A 191 17.05 7.40 30.60
C THR A 191 16.78 8.29 31.81
N VAL A 192 17.66 8.19 32.82
CA VAL A 192 17.56 9.00 34.03
C VAL A 192 18.93 9.57 34.36
N ASP A 193 18.95 10.54 35.28
CA ASP A 193 20.18 11.12 35.79
C ASP A 193 20.85 10.10 36.70
N LYS A 194 22.18 10.20 36.82
CA LYS A 194 22.96 9.27 37.63
C LYS A 194 22.75 9.59 39.11
N SER A 195 22.37 10.84 39.41
CA SER A 195 22.14 11.27 40.79
C SER A 195 21.05 10.41 41.44
N ARG A 196 19.91 10.27 40.74
CA ARG A 196 18.76 9.57 41.27
C ARG A 196 19.03 8.07 41.40
N TRP A 197 19.92 7.54 40.54
CA TRP A 197 20.30 6.15 40.59
C TRP A 197 21.20 5.88 41.80
N GLN A 198 22.24 6.71 41.97
CA GLN A 198 23.22 6.53 43.03
C GLN A 198 22.59 6.80 44.39
N GLN A 199 21.71 7.80 44.46
CA GLN A 199 21.01 8.15 45.69
C GLN A 199 20.22 6.94 46.21
N GLY A 200 19.65 6.17 45.28
CA GLY A 200 18.97 4.92 45.63
C GLY A 200 17.45 5.08 45.58
N ASN A 201 16.94 5.44 44.40
CA ASN A 201 15.50 5.49 44.17
C ASN A 201 15.05 4.13 43.65
N VAL A 202 13.73 3.96 43.51
CA VAL A 202 13.16 2.76 42.94
C VAL A 202 12.58 3.10 41.57
N PHE A 203 12.88 2.24 40.58
CA PHE A 203 12.31 2.36 39.25
C PHE A 203 11.68 1.01 38.89
N SER A 204 10.44 1.04 38.38
CA SER A 204 9.65 -0.17 38.23
C SER A 204 9.14 -0.30 36.80
N CYS A 205 9.56 -1.39 36.13
CA CYS A 205 9.12 -1.72 34.79
C CYS A 205 7.76 -2.42 34.88
N SER A 206 6.73 -1.76 34.33
CA SER A 206 5.35 -2.20 34.48
C SER A 206 4.83 -2.80 33.18
N VAL A 207 5.06 -4.12 33.01
CA VAL A 207 4.65 -4.83 31.81
C VAL A 207 3.17 -5.18 31.93
N MET A 208 2.49 -5.23 30.77
CA MET A 208 1.07 -5.51 30.70
C MET A 208 0.79 -6.43 29.51
N HIS A 209 0.33 -7.64 29.79
CA HIS A 209 0.09 -8.65 28.78
C HIS A 209 -1.13 -9.48 29.18
N GLU A 210 -1.83 -10.04 28.19
CA GLU A 210 -3.08 -10.72 28.43
C GLU A 210 -2.88 -11.98 29.27
N ALA A 211 -1.67 -12.56 29.21
CA ALA A 211 -1.34 -13.76 29.97
C ALA A 211 -0.59 -13.41 31.25
N LEU A 212 -1.20 -12.52 32.05
CA LEU A 212 -0.68 -12.16 33.37
C LEU A 212 -1.85 -12.03 34.34
N HIS A 213 -1.54 -11.96 35.63
CA HIS A 213 -2.55 -11.76 36.66
C HIS A 213 -3.02 -10.31 36.60
N ASN A 214 -4.30 -10.13 36.25
CA ASN A 214 -4.89 -8.80 36.04
C ASN A 214 -4.20 -8.10 34.88
N HIS A 215 -3.66 -8.89 33.94
CA HIS A 215 -2.96 -8.38 32.77
C HIS A 215 -1.84 -7.41 33.18
N TYR A 216 -1.15 -7.70 34.29
CA TYR A 216 -0.24 -6.74 34.88
C TYR A 216 0.81 -7.44 35.73
N THR A 217 2.02 -6.87 35.74
CA THR A 217 3.13 -7.34 36.54
C THR A 217 4.20 -6.25 36.60
N GLN A 218 4.98 -6.24 37.68
CA GLN A 218 6.03 -5.25 37.87
C GLN A 218 7.34 -5.92 38.27
N LYS A 219 8.44 -5.25 37.92
CA LYS A 219 9.76 -5.62 38.40
C LYS A 219 10.52 -4.35 38.76
N SER A 220 10.92 -4.24 40.03
CA SER A 220 11.60 -3.07 40.54
C SER A 220 13.09 -3.16 40.25
N LEU A 221 13.76 -2.01 40.27
CA LEU A 221 15.18 -1.92 39.96
C LEU A 221 15.80 -0.79 40.79
N SER A 222 16.90 -1.12 41.48
CA SER A 222 17.58 -0.16 42.34
C SER A 222 19.06 -0.52 42.48
N LEU A 223 19.84 0.41 43.05
CA LEU A 223 21.28 0.27 43.18
C LEU A 223 21.60 -0.76 44.26
N SER A 224 22.76 -1.42 44.10
CA SER A 224 23.24 -2.40 45.06
C SER A 224 24.75 -2.23 45.25
N GLU B 4 3.92 61.08 -11.93
CA GLU B 4 3.63 60.71 -10.52
C GLU B 4 2.27 60.01 -10.48
N LYS B 5 1.57 60.11 -9.34
CA LYS B 5 0.28 59.45 -9.14
C LYS B 5 -0.73 59.98 -10.16
N ILE B 6 -1.00 59.16 -11.19
CA ILE B 6 -1.98 59.49 -12.21
C ILE B 6 -3.37 59.43 -11.57
N PRO B 7 -4.28 60.39 -11.86
CA PRO B 7 -5.67 60.31 -11.37
C PRO B 7 -6.46 59.26 -12.12
N MET B 8 -7.26 58.47 -11.39
CA MET B 8 -8.02 57.37 -11.95
C MET B 8 -9.45 57.39 -11.39
N LYS B 9 -10.41 56.96 -12.22
CA LYS B 9 -11.81 56.94 -11.83
C LYS B 9 -12.01 55.88 -10.74
N PRO B 10 -12.95 56.10 -9.79
CA PRO B 10 -13.11 55.19 -8.65
C PRO B 10 -13.64 53.81 -9.04
N LEU B 11 -13.61 52.88 -8.09
CA LEU B 11 -14.09 51.52 -8.31
C LEU B 11 -15.61 51.55 -8.45
N HIS B 12 -16.11 50.92 -9.52
CA HIS B 12 -17.53 50.94 -9.84
C HIS B 12 -17.90 49.66 -10.59
N GLY B 13 -19.18 49.28 -10.51
CA GLY B 13 -19.70 48.12 -11.21
C GLY B 13 -19.05 46.82 -10.76
N PRO B 14 -19.26 45.70 -11.48
CA PRO B 14 -18.54 44.45 -11.19
C PRO B 14 -17.07 44.53 -11.59
N LEU B 15 -16.19 44.06 -10.71
CA LEU B 15 -14.75 44.11 -10.92
C LEU B 15 -14.27 42.74 -11.40
N TYR B 16 -13.05 42.72 -11.98
CA TYR B 16 -12.37 41.48 -12.31
C TYR B 16 -10.90 41.60 -11.89
N GLY B 17 -10.51 40.81 -10.88
CA GLY B 17 -9.14 40.75 -10.43
C GLY B 17 -8.32 39.73 -11.20
N GLY B 18 -7.01 39.71 -10.95
CA GLY B 18 -6.11 38.78 -11.63
C GLY B 18 -4.69 38.82 -11.07
N TYR B 19 -4.29 37.72 -10.42
CA TYR B 19 -2.94 37.60 -9.87
C TYR B 19 -1.98 37.18 -10.99
N PHE B 20 -1.17 38.13 -11.46
CA PHE B 20 -0.14 37.85 -12.44
C PHE B 20 1.12 37.36 -11.72
N ARG B 21 1.59 36.18 -12.11
CA ARG B 21 2.79 35.60 -11.53
C ARG B 21 4.01 36.25 -12.18
N THR B 22 4.90 36.80 -11.34
CA THR B 22 5.99 37.66 -11.78
C THR B 22 6.96 36.89 -12.69
N TRP B 23 7.18 35.61 -12.39
CA TRP B 23 8.23 34.84 -13.03
C TRP B 23 7.81 34.41 -14.44
N HIS B 24 6.56 34.69 -14.83
CA HIS B 24 6.11 34.46 -16.19
C HIS B 24 6.30 35.70 -17.05
N ASP B 25 6.69 36.83 -16.43
CA ASP B 25 7.01 38.03 -17.19
C ASP B 25 8.30 37.77 -17.99
N LYS B 26 8.40 38.45 -19.14
CA LYS B 26 9.53 38.27 -20.04
C LYS B 26 10.80 38.89 -19.44
N THR B 27 10.61 39.97 -18.67
CA THR B 27 11.73 40.73 -18.11
C THR B 27 12.16 40.17 -16.76
N SER B 28 11.43 39.17 -16.24
CA SER B 28 11.69 38.63 -14.91
C SER B 28 13.04 37.90 -14.87
N ASP B 29 13.31 37.09 -15.90
CA ASP B 29 14.56 36.37 -15.98
C ASP B 29 14.93 36.20 -17.45
N PRO B 30 15.97 36.91 -17.96
CA PRO B 30 16.37 36.80 -19.37
C PRO B 30 16.93 35.42 -19.75
N THR B 31 17.45 34.67 -18.78
CA THR B 31 17.97 33.33 -19.02
C THR B 31 16.82 32.39 -19.38
N GLU B 32 15.69 32.52 -18.69
CA GLU B 32 14.48 31.77 -18.99
C GLU B 32 13.81 32.38 -20.22
N LYS B 33 13.94 31.71 -21.38
CA LYS B 33 13.53 32.28 -22.64
C LYS B 33 12.09 31.89 -22.99
N ASP B 34 11.53 30.93 -22.25
CA ASP B 34 10.20 30.40 -22.55
C ASP B 34 9.10 31.34 -22.07
N LYS B 35 9.46 32.29 -21.18
CA LYS B 35 8.49 33.20 -20.60
C LYS B 35 8.27 34.37 -21.57
N VAL B 36 7.13 34.34 -22.28
CA VAL B 36 6.88 35.29 -23.37
C VAL B 36 5.72 36.22 -23.00
N ASN B 37 5.32 36.24 -21.72
CA ASN B 37 4.19 37.03 -21.27
C ASN B 37 4.68 38.38 -20.74
N SER B 38 3.73 39.27 -20.46
CA SER B 38 4.04 40.56 -19.87
C SER B 38 2.82 41.08 -19.08
N MET B 39 3.11 41.84 -18.02
CA MET B 39 2.10 42.29 -17.08
C MET B 39 1.42 43.55 -17.62
N GLY B 40 2.07 44.22 -18.57
CA GLY B 40 1.50 45.41 -19.20
C GLY B 40 0.44 45.06 -20.25
N GLU B 41 0.42 43.80 -20.70
CA GLU B 41 -0.48 43.35 -21.75
C GLU B 41 -1.90 43.14 -21.21
N LEU B 42 -2.06 43.22 -19.88
CA LEU B 42 -3.36 43.08 -19.25
C LEU B 42 -4.32 44.15 -19.79
N PRO B 43 -5.54 43.78 -20.24
CA PRO B 43 -6.45 44.73 -20.88
C PRO B 43 -7.15 45.67 -19.91
N LYS B 44 -8.05 46.51 -20.45
CA LYS B 44 -8.81 47.48 -19.67
C LYS B 44 -9.91 46.78 -18.87
N GLU B 45 -10.30 45.57 -19.30
CA GLU B 45 -11.30 44.78 -18.60
C GLU B 45 -10.82 44.43 -17.19
N VAL B 46 -9.51 44.15 -17.06
CA VAL B 46 -8.91 43.83 -15.77
C VAL B 46 -8.90 45.10 -14.92
N ASP B 47 -9.67 45.07 -13.82
CA ASP B 47 -9.76 46.20 -12.90
C ASP B 47 -8.55 46.20 -11.98
N LEU B 48 -8.25 45.04 -11.39
CA LEU B 48 -7.16 44.90 -10.44
C LEU B 48 -6.11 43.93 -10.99
N ALA B 49 -4.84 44.31 -10.87
CA ALA B 49 -3.72 43.48 -11.30
C ALA B 49 -2.78 43.25 -10.12
N PHE B 50 -2.90 42.07 -9.49
CA PHE B 50 -2.14 41.75 -8.29
C PHE B 50 -0.77 41.22 -8.69
N ILE B 51 0.26 41.62 -7.93
CA ILE B 51 1.64 41.21 -8.18
C ILE B 51 1.98 40.07 -7.24
N PHE B 52 1.83 38.83 -7.73
CA PHE B 52 2.12 37.64 -6.96
C PHE B 52 3.57 37.25 -7.19
N HIS B 53 4.45 37.60 -6.25
CA HIS B 53 5.89 37.51 -6.43
C HIS B 53 6.44 36.26 -5.76
N ASP B 54 7.17 35.46 -6.53
CA ASP B 54 8.02 34.40 -6.01
C ASP B 54 8.98 33.96 -7.11
N TRP B 55 10.11 33.35 -6.71
CA TRP B 55 11.12 32.83 -7.61
C TRP B 55 11.88 33.95 -8.31
N THR B 56 11.16 34.92 -8.88
CA THR B 56 11.76 36.12 -9.45
C THR B 56 12.79 36.69 -8.47
N LYS B 57 13.93 37.14 -9.01
CA LYS B 57 15.07 37.52 -8.19
C LYS B 57 14.78 38.86 -7.51
N ASP B 58 15.51 39.12 -6.42
CA ASP B 58 15.36 40.30 -5.59
C ASP B 58 15.55 41.55 -6.45
N TYR B 59 16.67 41.59 -7.19
CA TYR B 59 17.00 42.70 -8.07
C TYR B 59 16.84 42.25 -9.52
N SER B 60 15.62 41.82 -9.86
CA SER B 60 15.28 41.42 -11.22
C SER B 60 15.04 42.67 -12.08
N LEU B 61 15.08 42.47 -13.41
CA LEU B 61 14.84 43.55 -14.36
C LEU B 61 13.35 43.84 -14.47
N PHE B 62 12.52 42.97 -13.88
CA PHE B 62 11.07 43.13 -13.86
C PHE B 62 10.68 44.40 -13.10
N TRP B 63 11.41 44.69 -12.01
CA TRP B 63 11.05 45.78 -11.11
C TRP B 63 11.23 47.13 -11.79
N LYS B 64 12.23 47.23 -12.69
CA LYS B 64 12.43 48.42 -13.50
C LYS B 64 11.30 48.55 -14.51
N GLU B 65 10.94 47.43 -15.16
CA GLU B 65 9.93 47.40 -16.20
C GLU B 65 8.53 47.63 -15.59
N LEU B 66 8.35 47.22 -14.33
CA LEU B 66 7.06 47.34 -13.67
C LEU B 66 6.75 48.80 -13.39
N ALA B 67 7.64 49.46 -12.64
CA ALA B 67 7.41 50.81 -12.14
C ALA B 67 7.39 51.82 -13.28
N THR B 68 8.24 51.60 -14.30
CA THR B 68 8.45 52.57 -15.37
C THR B 68 7.42 52.39 -16.47
N LYS B 69 7.36 51.19 -17.05
CA LYS B 69 6.60 50.96 -18.29
C LYS B 69 5.18 50.52 -17.98
N HIS B 70 5.03 49.54 -17.07
CA HIS B 70 3.77 48.82 -16.90
C HIS B 70 2.76 49.66 -16.13
N VAL B 71 3.14 50.12 -14.93
CA VAL B 71 2.20 50.74 -14.00
C VAL B 71 1.48 51.91 -14.69
N PRO B 72 2.18 52.85 -15.36
CA PRO B 72 1.52 53.96 -16.04
C PRO B 72 0.62 53.54 -17.22
N LYS B 73 1.03 52.50 -17.94
CA LYS B 73 0.27 51.97 -19.06
C LYS B 73 -1.07 51.43 -18.56
N LEU B 74 -1.02 50.71 -17.43
CA LEU B 74 -2.21 50.11 -16.84
C LEU B 74 -3.11 51.19 -16.24
N ASN B 75 -2.50 52.20 -15.62
CA ASN B 75 -3.24 53.30 -15.01
C ASN B 75 -3.87 54.17 -16.09
N LYS B 76 -3.22 54.24 -17.27
CA LYS B 76 -3.71 55.02 -18.39
C LYS B 76 -5.01 54.42 -18.91
N GLN B 77 -5.00 53.10 -19.18
CA GLN B 77 -6.16 52.40 -19.70
C GLN B 77 -7.24 52.29 -18.62
N GLY B 78 -6.82 52.19 -17.35
CA GLY B 78 -7.73 52.13 -16.23
C GLY B 78 -7.65 50.78 -15.50
N THR B 79 -6.46 50.47 -14.99
CA THR B 79 -6.19 49.22 -14.30
C THR B 79 -5.21 49.48 -13.16
N ARG B 80 -5.68 49.28 -11.92
CA ARG B 80 -4.86 49.49 -10.73
C ARG B 80 -3.90 48.33 -10.56
N VAL B 81 -2.71 48.63 -10.01
CA VAL B 81 -1.70 47.62 -9.72
C VAL B 81 -1.59 47.50 -8.20
N ILE B 82 -1.58 46.26 -7.70
CA ILE B 82 -1.58 45.98 -6.28
C ILE B 82 -0.47 44.97 -5.97
N ARG B 83 0.21 45.18 -4.84
CA ARG B 83 1.24 44.27 -4.38
C ARG B 83 0.64 43.31 -3.36
N THR B 84 0.92 42.01 -3.54
CA THR B 84 0.41 40.97 -2.66
C THR B 84 1.52 40.49 -1.74
N ILE B 85 1.48 40.95 -0.48
CA ILE B 85 2.38 40.45 0.54
C ILE B 85 1.66 39.35 1.32
N PRO B 86 2.39 38.36 1.87
CA PRO B 86 1.77 37.33 2.72
C PRO B 86 1.45 37.85 4.12
N TRP B 87 0.80 37.00 4.92
CA TRP B 87 0.35 37.34 6.26
C TRP B 87 1.53 37.65 7.17
N ARG B 88 2.63 36.89 6.98
CA ARG B 88 3.73 36.88 7.93
C ARG B 88 4.65 38.09 7.77
N PHE B 89 4.45 38.87 6.70
CA PHE B 89 5.22 40.11 6.51
C PHE B 89 4.76 41.17 7.50
N LEU B 90 3.50 41.08 7.94
CA LEU B 90 2.95 41.99 8.94
C LEU B 90 3.51 41.63 10.32
N ALA B 91 3.72 40.33 10.56
CA ALA B 91 4.31 39.87 11.82
C ALA B 91 4.76 38.42 11.66
N GLY B 92 6.08 38.20 11.80
CA GLY B 92 6.64 36.86 11.68
C GLY B 92 8.17 36.87 11.69
N GLY B 93 8.75 35.66 11.67
CA GLY B 93 10.19 35.48 11.69
C GLY B 93 10.69 34.73 10.46
N ASP B 94 10.09 33.56 10.20
CA ASP B 94 10.48 32.72 9.08
C ASP B 94 10.05 33.36 7.77
N ASN B 95 11.02 33.94 7.05
CA ASN B 95 10.78 34.53 5.73
C ASN B 95 9.70 35.61 5.84
N SER B 96 9.94 36.61 6.70
CA SER B 96 8.97 37.64 6.98
C SER B 96 9.39 38.98 6.36
N GLY B 97 10.47 38.96 5.57
CA GLY B 97 10.87 40.12 4.79
C GLY B 97 11.30 41.31 5.65
N ILE B 98 10.35 42.21 5.93
CA ILE B 98 10.62 43.43 6.66
C ILE B 98 10.58 43.14 8.17
N ALA B 99 9.70 42.21 8.58
CA ALA B 99 9.46 41.93 9.98
C ALA B 99 10.55 41.02 10.57
N GLU B 100 11.49 40.57 9.72
CA GLU B 100 12.64 39.82 10.19
C GLU B 100 13.48 40.68 11.15
N ASP B 101 13.71 41.93 10.76
CA ASP B 101 14.51 42.87 11.53
C ASP B 101 13.66 43.38 12.70
N THR B 102 13.60 42.58 13.77
CA THR B 102 12.76 42.85 14.93
C THR B 102 13.42 43.90 15.84
N SER B 103 14.76 44.00 15.78
CA SER B 103 15.48 44.99 16.56
C SER B 103 15.21 46.38 16.01
N LYS B 104 15.09 46.49 14.68
CA LYS B 104 14.75 47.74 14.01
C LYS B 104 13.28 48.08 14.28
N TYR B 105 12.40 47.10 14.04
CA TYR B 105 10.97 47.26 14.21
C TYR B 105 10.49 46.37 15.36
N PRO B 106 10.41 46.88 16.61
CA PRO B 106 10.06 46.06 17.77
C PRO B 106 8.56 45.76 17.87
N ASN B 107 8.20 44.85 18.78
CA ASN B 107 6.83 44.50 19.05
C ASN B 107 6.28 45.42 20.15
N THR B 108 6.01 46.67 19.77
CA THR B 108 5.54 47.68 20.70
C THR B 108 4.44 48.50 20.01
N PRO B 109 3.66 49.32 20.76
CA PRO B 109 2.71 50.25 20.14
C PRO B 109 3.35 51.14 19.07
N GLU B 110 4.54 51.66 19.38
CA GLU B 110 5.28 52.54 18.47
C GLU B 110 5.97 51.71 17.39
N GLY B 111 6.42 50.51 17.75
CA GLY B 111 7.18 49.65 16.85
C GLY B 111 6.37 49.17 15.65
N ASN B 112 5.09 48.82 15.89
CA ASN B 112 4.22 48.31 14.84
C ASN B 112 3.79 49.45 13.91
N LYS B 113 3.68 50.67 14.46
CA LYS B 113 3.34 51.85 13.67
C LYS B 113 4.47 52.18 12.70
N ALA B 114 5.71 51.91 13.12
CA ALA B 114 6.88 52.12 12.29
C ALA B 114 6.96 51.04 11.21
N LEU B 115 6.53 49.81 11.56
CA LEU B 115 6.52 48.69 10.64
C LEU B 115 5.43 48.88 9.59
N ALA B 116 4.31 49.47 9.99
CA ALA B 116 3.21 49.73 9.08
C ALA B 116 3.65 50.68 7.96
N LYS B 117 4.38 51.72 8.33
CA LYS B 117 4.90 52.69 7.39
C LYS B 117 5.94 52.04 6.48
N ALA B 118 6.80 51.21 7.08
CA ALA B 118 7.89 50.56 6.36
C ALA B 118 7.35 49.61 5.30
N ILE B 119 6.25 48.91 5.63
CA ILE B 119 5.61 47.99 4.71
C ILE B 119 5.02 48.78 3.53
N VAL B 120 4.21 49.79 3.85
CA VAL B 120 3.51 50.57 2.84
C VAL B 120 4.52 51.22 1.89
N ASP B 121 5.56 51.83 2.46
CA ASP B 121 6.55 52.58 1.68
C ASP B 121 7.30 51.65 0.73
N GLU B 122 7.66 50.46 1.22
CA GLU B 122 8.52 49.54 0.49
C GLU B 122 7.75 48.85 -0.64
N TYR B 123 6.44 48.63 -0.44
CA TYR B 123 5.67 47.81 -1.35
C TYR B 123 4.74 48.67 -2.21
N VAL B 124 3.98 49.57 -1.58
CA VAL B 124 2.97 50.36 -2.28
C VAL B 124 3.66 51.54 -2.98
N TYR B 125 4.31 52.41 -2.19
CA TYR B 125 4.78 53.69 -2.69
C TYR B 125 6.08 53.54 -3.48
N LYS B 126 6.79 52.41 -3.31
CA LYS B 126 8.08 52.22 -3.93
C LYS B 126 7.97 52.37 -5.45
N TYR B 127 7.12 51.55 -6.07
CA TYR B 127 6.97 51.53 -7.52
C TYR B 127 5.75 52.36 -7.95
N ASN B 128 5.15 53.08 -6.99
CA ASN B 128 4.00 53.94 -7.23
C ASN B 128 2.82 53.07 -7.65
N LEU B 129 2.49 52.07 -6.81
CA LEU B 129 1.40 51.15 -7.06
C LEU B 129 0.10 51.78 -6.56
N ASP B 130 -1.00 51.02 -6.63
CA ASP B 130 -2.33 51.55 -6.36
C ASP B 130 -3.02 50.75 -5.26
N GLY B 131 -2.27 49.96 -4.48
CA GLY B 131 -2.86 49.24 -3.36
C GLY B 131 -1.97 48.15 -2.78
N LEU B 132 -2.42 47.60 -1.65
CA LEU B 132 -1.73 46.51 -0.95
C LEU B 132 -2.71 45.36 -0.73
N ASP B 133 -2.20 44.14 -0.71
CA ASP B 133 -3.01 42.94 -0.56
C ASP B 133 -2.33 42.00 0.45
N VAL B 134 -3.13 41.53 1.42
CA VAL B 134 -2.63 40.69 2.51
C VAL B 134 -3.30 39.32 2.41
N ALA B 135 -2.46 38.27 2.35
CA ALA B 135 -2.94 36.90 2.12
C ALA B 135 -2.93 36.11 3.43
N VAL B 136 -4.08 36.14 4.14
CA VAL B 136 -4.24 35.42 5.40
C VAL B 136 -4.56 33.96 5.09
N LEU B 137 -3.50 33.15 4.96
CA LEU B 137 -3.61 31.73 4.67
C LEU B 137 -2.89 30.93 5.74
N HIS B 138 -3.13 29.61 5.75
CA HIS B 138 -2.39 28.69 6.62
C HIS B 138 -1.01 28.41 6.02
N ASP B 139 -0.88 28.64 4.71
CA ASP B 139 0.38 28.50 4.01
C ASP B 139 1.30 29.67 4.36
N SER B 140 0.70 30.83 4.65
CA SER B 140 1.46 32.06 4.90
C SER B 140 1.33 32.49 6.37
N ILE B 141 0.81 31.61 7.23
CA ILE B 141 0.58 31.94 8.63
C ILE B 141 1.93 32.19 9.31
N PRO B 142 2.03 33.18 10.25
CA PRO B 142 3.27 33.42 10.99
C PRO B 142 3.78 32.19 11.75
N LYS B 143 5.01 31.78 11.43
CA LYS B 143 5.63 30.63 12.07
C LYS B 143 6.98 31.03 12.66
N VAL B 144 7.41 30.26 13.67
CA VAL B 144 8.76 30.39 14.24
C VAL B 144 9.36 28.99 14.31
N ASP B 145 10.45 28.78 13.55
CA ASP B 145 11.12 27.49 13.43
C ASP B 145 10.14 26.45 12.88
N LYS B 146 9.42 26.83 11.81
CA LYS B 146 8.49 25.96 11.12
C LYS B 146 7.40 25.46 12.08
N LYS B 147 6.95 26.34 12.98
CA LYS B 147 5.90 26.02 13.93
C LYS B 147 5.04 27.26 14.16
N GLU B 148 3.71 27.07 14.20
CA GLU B 148 2.76 28.16 14.27
C GLU B 148 3.04 29.02 15.51
N ASP B 149 2.94 30.35 15.34
CA ASP B 149 3.26 31.29 16.38
C ASP B 149 1.98 31.99 16.83
N THR B 150 1.71 31.96 18.14
CA THR B 150 0.48 32.50 18.71
C THR B 150 0.60 34.02 18.86
N ALA B 151 1.76 34.48 19.36
CA ALA B 151 2.00 35.89 19.58
C ALA B 151 2.17 36.63 18.25
N GLY B 152 2.64 35.92 17.23
CA GLY B 152 2.85 36.48 15.90
C GLY B 152 1.54 36.79 15.17
N VAL B 153 0.51 35.97 15.44
CA VAL B 153 -0.81 36.16 14.85
C VAL B 153 -1.51 37.33 15.55
N GLU B 154 -1.25 37.49 16.86
CA GLU B 154 -1.84 38.57 17.64
C GLU B 154 -1.18 39.90 17.29
N ARG B 155 0.08 39.85 16.83
CA ARG B 155 0.81 41.04 16.43
C ARG B 155 0.31 41.53 15.07
N SER B 156 0.14 40.59 14.13
CA SER B 156 -0.31 40.90 12.78
C SER B 156 -1.64 41.65 12.82
N ILE B 157 -2.53 41.24 13.72
CA ILE B 157 -3.82 41.88 13.92
C ILE B 157 -3.63 43.37 14.20
N GLN B 158 -2.74 43.69 15.15
CA GLN B 158 -2.50 45.06 15.58
C GLN B 158 -1.80 45.84 14.47
N VAL B 159 -0.91 45.18 13.74
CA VAL B 159 -0.18 45.79 12.63
C VAL B 159 -1.17 46.12 11.51
N PHE B 160 -2.12 45.21 11.27
CA PHE B 160 -3.10 45.35 10.21
C PHE B 160 -3.97 46.59 10.47
N GLU B 161 -4.21 46.91 11.74
CA GLU B 161 -4.95 48.10 12.12
C GLU B 161 -4.13 49.35 11.82
N GLU B 162 -2.82 49.29 12.07
CA GLU B 162 -1.93 50.42 11.89
C GLU B 162 -1.74 50.72 10.40
N ILE B 163 -1.67 49.67 9.57
CA ILE B 163 -1.56 49.83 8.13
C ILE B 163 -2.86 50.44 7.60
N GLY B 164 -3.99 50.07 8.23
CA GLY B 164 -5.30 50.59 7.86
C GLY B 164 -5.44 52.09 8.17
N LYS B 165 -4.64 52.57 9.13
CA LYS B 165 -4.63 53.98 9.51
C LYS B 165 -3.80 54.79 8.52
N LEU B 166 -2.95 54.11 7.73
CA LEU B 166 -2.13 54.76 6.72
C LEU B 166 -2.87 54.80 5.38
N ILE B 167 -3.28 53.62 4.90
CA ILE B 167 -3.94 53.49 3.61
C ILE B 167 -5.31 52.84 3.81
N GLY B 168 -6.12 52.84 2.75
CA GLY B 168 -7.45 52.25 2.77
C GLY B 168 -8.53 53.28 3.07
N PRO B 169 -9.74 52.85 3.48
CA PRO B 169 -10.86 53.77 3.73
C PRO B 169 -10.64 54.72 4.90
N LYS B 170 -10.07 54.19 6.00
CA LYS B 170 -9.83 54.96 7.21
C LYS B 170 -8.35 55.32 7.31
N GLY B 171 -7.79 55.86 6.22
CA GLY B 171 -6.38 56.22 6.15
C GLY B 171 -6.18 57.65 5.64
N VAL B 172 -4.96 58.16 5.81
CA VAL B 172 -4.61 59.49 5.34
C VAL B 172 -4.53 59.47 3.81
N ASP B 173 -3.96 58.38 3.26
CA ASP B 173 -3.81 58.23 1.82
C ASP B 173 -4.82 57.21 1.33
N LYS B 174 -6.00 57.71 0.92
CA LYS B 174 -7.12 56.86 0.57
C LYS B 174 -7.12 56.50 -0.92
N SER B 175 -6.17 57.07 -1.67
CA SER B 175 -6.03 56.76 -3.09
C SER B 175 -5.59 55.31 -3.29
N ARG B 176 -4.77 54.81 -2.34
CA ARG B 176 -4.25 53.46 -2.40
C ARG B 176 -5.21 52.52 -1.66
N LEU B 177 -5.47 51.36 -2.26
CA LEU B 177 -6.42 50.38 -1.73
C LEU B 177 -5.75 49.54 -0.65
N PHE B 178 -6.58 48.97 0.24
CA PHE B 178 -6.14 47.98 1.21
C PHE B 178 -7.05 46.76 1.10
N ILE B 179 -6.48 45.64 0.65
CA ILE B 179 -7.24 44.45 0.32
C ILE B 179 -6.74 43.29 1.18
N MET B 180 -7.61 42.30 1.39
CA MET B 180 -7.25 41.07 2.08
C MET B 180 -7.84 39.88 1.32
N ASP B 181 -7.01 38.86 1.08
CA ASP B 181 -7.46 37.63 0.45
C ASP B 181 -7.30 36.48 1.43
N SER B 182 -8.30 35.57 1.44
CA SER B 182 -8.40 34.57 2.49
C SER B 182 -9.06 33.29 1.95
N THR B 183 -8.49 32.14 2.32
CA THR B 183 -9.12 30.85 2.11
C THR B 183 -9.95 30.48 3.34
N TYR B 184 -9.56 31.00 4.51
CA TYR B 184 -10.28 30.82 5.75
C TYR B 184 -11.71 31.34 5.61
N MET B 185 -12.59 30.93 6.53
CA MET B 185 -13.93 31.48 6.62
C MET B 185 -13.97 32.52 7.72
N ALA B 186 -15.07 33.28 7.78
CA ALA B 186 -15.18 34.44 8.66
C ALA B 186 -14.94 34.05 10.11
N ASP B 187 -15.51 32.93 10.54
CA ASP B 187 -15.42 32.48 11.93
C ASP B 187 -14.00 32.03 12.25
N LYS B 188 -13.27 31.57 11.24
CA LYS B 188 -11.94 30.98 11.43
C LYS B 188 -10.86 32.05 11.33
N ASN B 189 -10.96 32.95 10.34
CA ASN B 189 -9.95 33.97 10.11
C ASN B 189 -10.09 35.05 11.19
N PRO B 190 -9.00 35.39 11.92
CA PRO B 190 -9.09 36.32 13.06
C PRO B 190 -8.94 37.82 12.76
N LEU B 191 -8.50 38.16 11.54
CA LEU B 191 -8.24 39.54 11.17
C LEU B 191 -9.53 40.24 10.71
N ILE B 192 -10.54 39.46 10.33
CA ILE B 192 -11.76 40.01 9.75
C ILE B 192 -12.46 40.91 10.77
N GLU B 193 -12.49 40.50 12.05
CA GLU B 193 -13.21 41.26 13.07
C GLU B 193 -12.53 42.61 13.26
N ARG B 194 -11.20 42.58 13.39
CA ARG B 194 -10.42 43.75 13.73
C ARG B 194 -10.32 44.68 12.52
N GLY B 195 -9.86 44.14 11.39
CA GLY B 195 -9.65 44.92 10.18
C GLY B 195 -10.76 44.70 9.14
N ALA B 196 -12.00 44.96 9.55
CA ALA B 196 -13.14 44.92 8.63
C ALA B 196 -13.32 46.29 7.99
N PRO B 197 -13.39 47.40 8.75
CA PRO B 197 -13.51 48.74 8.17
C PRO B 197 -12.27 49.24 7.42
N TYR B 198 -11.11 48.62 7.67
CA TYR B 198 -9.84 49.10 7.15
C TYR B 198 -9.55 48.56 5.75
N ILE B 199 -10.39 47.65 5.25
CA ILE B 199 -10.17 47.08 3.92
C ILE B 199 -11.22 47.60 2.95
N ASN B 200 -10.85 47.67 1.67
CA ASN B 200 -11.74 48.06 0.59
C ASN B 200 -12.46 46.83 0.06
N LEU B 201 -11.68 45.78 -0.26
CA LEU B 201 -12.20 44.55 -0.85
C LEU B 201 -11.73 43.34 -0.06
N LEU B 202 -12.55 42.29 -0.06
CA LEU B 202 -12.15 40.97 0.43
C LEU B 202 -12.19 39.99 -0.73
N LEU B 203 -11.13 39.19 -0.87
CA LEU B 203 -10.98 38.26 -1.98
C LEU B 203 -10.90 36.83 -1.45
N VAL B 204 -12.05 36.16 -1.36
CA VAL B 204 -12.10 34.77 -0.95
C VAL B 204 -11.64 33.91 -2.12
N GLN B 205 -10.79 32.91 -1.80
CA GLN B 205 -10.21 32.03 -2.80
C GLN B 205 -10.89 30.67 -2.67
N VAL B 206 -11.66 30.30 -3.70
CA VAL B 206 -12.55 29.15 -3.63
C VAL B 206 -12.43 28.36 -4.93
N TYR B 207 -11.22 27.86 -5.20
CA TYR B 207 -10.94 27.11 -6.41
C TYR B 207 -11.53 25.71 -6.28
N GLY B 208 -11.88 25.10 -7.41
CA GLY B 208 -12.37 23.73 -7.45
C GLY B 208 -13.80 23.61 -6.92
N SER B 209 -14.32 22.38 -6.92
CA SER B 209 -15.66 22.10 -6.45
C SER B 209 -15.71 22.16 -4.92
N GLN B 210 -14.55 22.01 -4.27
CA GLN B 210 -14.45 22.17 -2.82
C GLN B 210 -14.88 23.59 -2.43
N GLY B 211 -14.59 24.56 -3.31
CA GLY B 211 -15.00 25.94 -3.11
C GLY B 211 -16.44 26.19 -3.57
N GLU B 212 -16.78 25.67 -4.75
CA GLU B 212 -18.07 25.90 -5.38
C GLU B 212 -19.16 25.19 -4.59
N LYS B 213 -19.08 23.86 -4.54
CA LYS B 213 -20.10 23.04 -3.89
C LYS B 213 -19.93 23.10 -2.37
N GLY B 214 -18.69 23.29 -1.92
CA GLY B 214 -18.37 23.20 -0.50
C GLY B 214 -17.83 21.81 -0.15
N GLY B 215 -17.08 21.73 0.95
CA GLY B 215 -16.61 20.46 1.48
C GLY B 215 -17.77 19.62 2.00
N TRP B 216 -17.47 18.42 2.50
CA TRP B 216 -18.47 17.50 3.00
C TRP B 216 -18.25 17.24 4.49
N GLU B 217 -19.34 17.22 5.26
CA GLU B 217 -19.28 16.88 6.67
C GLU B 217 -19.78 15.44 6.82
N PRO B 218 -18.87 14.46 7.06
CA PRO B 218 -19.27 13.04 7.11
C PRO B 218 -20.22 12.67 8.26
N VAL B 219 -20.06 13.33 9.42
CA VAL B 219 -20.87 13.02 10.59
C VAL B 219 -22.30 13.51 10.34
N SER B 220 -22.40 14.66 9.67
CA SER B 220 -23.69 15.24 9.31
C SER B 220 -24.21 14.60 8.03
N ASN B 221 -23.27 14.20 7.15
CA ASN B 221 -23.58 13.67 5.83
C ASN B 221 -24.23 14.77 5.00
N ARG B 222 -23.71 15.99 5.16
CA ARG B 222 -24.23 17.18 4.49
C ARG B 222 -23.06 18.11 4.15
N PRO B 223 -23.20 19.00 3.15
CA PRO B 223 -22.09 19.87 2.73
C PRO B 223 -21.78 20.97 3.75
N GLU B 224 -20.49 21.30 3.86
CA GLU B 224 -20.00 22.28 4.81
C GLU B 224 -19.16 23.33 4.07
N LYS B 225 -19.03 24.50 4.68
CA LYS B 225 -18.21 25.58 4.15
C LYS B 225 -18.54 25.82 2.67
N THR B 226 -19.83 25.91 2.36
CA THR B 226 -20.30 26.12 1.00
C THR B 226 -20.02 27.57 0.59
N MET B 227 -20.23 27.86 -0.69
CA MET B 227 -19.97 29.19 -1.24
C MET B 227 -20.86 30.22 -0.55
N GLU B 228 -22.10 29.81 -0.25
CA GLU B 228 -23.08 30.66 0.42
C GLU B 228 -22.68 30.84 1.89
N GLU B 229 -22.43 29.72 2.56
CA GLU B 229 -22.08 29.72 3.98
C GLU B 229 -20.78 30.49 4.21
N ARG B 230 -19.88 30.46 3.23
CA ARG B 230 -18.62 31.19 3.31
C ARG B 230 -18.90 32.69 3.44
N TRP B 231 -19.69 33.21 2.50
CA TRP B 231 -20.06 34.62 2.51
C TRP B 231 -20.87 34.94 3.76
N GLN B 232 -21.79 34.05 4.12
CA GLN B 232 -22.76 34.28 5.19
C GLN B 232 -22.06 34.85 6.42
N GLY B 233 -20.91 34.27 6.78
CA GLY B 233 -20.12 34.74 7.91
C GLY B 233 -19.49 36.11 7.66
N TYR B 234 -19.01 36.32 6.43
CA TYR B 234 -18.36 37.56 6.03
C TYR B 234 -19.38 38.68 5.86
N SER B 235 -20.65 38.33 5.67
CA SER B 235 -21.71 39.31 5.46
C SER B 235 -21.81 40.26 6.65
N LYS B 236 -21.53 39.74 7.85
CA LYS B 236 -21.59 40.52 9.08
C LYS B 236 -20.52 41.61 9.08
N TYR B 237 -19.35 41.30 8.52
CA TYR B 237 -18.16 42.12 8.73
C TYR B 237 -18.00 43.16 7.63
N ILE B 238 -18.30 42.80 6.38
CA ILE B 238 -18.14 43.71 5.25
C ILE B 238 -19.44 43.80 4.47
N ARG B 239 -19.53 44.83 3.61
CA ARG B 239 -20.66 45.02 2.72
C ARG B 239 -20.53 44.06 1.54
N PRO B 240 -21.64 43.71 0.86
CA PRO B 240 -21.60 42.71 -0.21
C PRO B 240 -20.82 43.13 -1.45
N GLU B 241 -20.76 44.44 -1.71
CA GLU B 241 -20.08 44.96 -2.89
C GLU B 241 -18.56 44.88 -2.71
N GLN B 242 -18.09 44.65 -1.48
CA GLN B 242 -16.67 44.52 -1.20
C GLN B 242 -16.20 43.08 -1.46
N TYR B 243 -17.15 42.14 -1.47
CA TYR B 243 -16.86 40.72 -1.58
C TYR B 243 -16.45 40.38 -3.01
N MET B 244 -15.49 39.45 -3.14
CA MET B 244 -15.01 39.00 -4.43
C MET B 244 -14.53 37.55 -4.33
N ILE B 245 -14.97 36.70 -5.28
CA ILE B 245 -14.65 35.29 -5.26
C ILE B 245 -13.56 35.01 -6.30
N GLY B 246 -12.82 33.91 -6.08
CA GLY B 246 -11.64 33.61 -6.87
C GLY B 246 -11.68 32.22 -7.50
N PHE B 247 -11.30 32.17 -8.79
CA PHE B 247 -11.04 30.92 -9.48
C PHE B 247 -9.56 30.89 -9.87
N SER B 248 -9.11 29.78 -10.46
CA SER B 248 -7.71 29.60 -10.80
C SER B 248 -7.56 29.01 -12.20
N PHE B 249 -6.57 29.50 -12.94
CA PHE B 249 -6.17 28.93 -14.21
C PHE B 249 -5.20 27.79 -13.97
N TYR B 250 -4.91 27.00 -15.02
CA TYR B 250 -3.99 25.88 -14.91
C TYR B 250 -2.56 26.40 -14.83
N GLU B 251 -1.87 26.08 -13.72
CA GLU B 251 -0.45 26.35 -13.58
C GLU B 251 0.33 25.23 -14.26
N GLU B 252 1.44 25.59 -14.91
CA GLU B 252 2.23 24.65 -15.67
C GLU B 252 2.84 23.61 -14.72
N ASN B 253 2.80 22.34 -15.15
CA ASN B 253 3.31 21.22 -14.38
C ASN B 253 2.78 21.29 -12.95
N ALA B 254 1.46 21.42 -12.82
CA ALA B 254 0.80 21.39 -11.53
C ALA B 254 0.74 19.95 -11.04
N GLN B 255 0.72 19.80 -9.70
CA GLN B 255 0.74 18.48 -9.08
C GLN B 255 -0.56 18.27 -8.31
N GLU B 256 -0.74 17.04 -7.79
CA GLU B 256 -1.93 16.69 -7.03
C GLU B 256 -2.01 17.56 -5.79
N GLY B 257 -3.23 18.05 -5.49
CA GLY B 257 -3.46 19.02 -4.43
C GLY B 257 -3.44 20.46 -4.93
N ASN B 258 -3.43 20.63 -6.27
CA ASN B 258 -3.48 21.94 -6.88
C ASN B 258 -4.01 21.81 -8.30
N LEU B 259 -5.05 20.98 -8.48
CA LEU B 259 -5.71 20.78 -9.76
C LEU B 259 -7.21 20.98 -9.57
N TRP B 260 -7.70 22.16 -9.97
CA TRP B 260 -9.05 22.59 -9.64
C TRP B 260 -10.00 22.34 -10.81
N TYR B 261 -9.46 22.30 -12.03
CA TYR B 261 -10.23 22.11 -13.25
C TYR B 261 -11.34 23.15 -13.33
N ASP B 262 -10.96 24.43 -13.16
CA ASP B 262 -11.92 25.54 -13.19
C ASP B 262 -12.28 25.86 -14.64
N ILE B 263 -11.25 26.04 -15.48
CA ILE B 263 -11.45 26.28 -16.90
C ILE B 263 -11.38 24.95 -17.63
N ASN B 264 -11.85 24.93 -18.90
CA ASN B 264 -12.06 23.71 -19.64
C ASN B 264 -10.72 22.98 -19.83
N SER B 265 -10.79 21.64 -19.76
CA SER B 265 -9.60 20.80 -19.87
C SER B 265 -9.29 20.53 -21.33
N ARG B 266 -8.09 19.97 -21.58
CA ARG B 266 -7.66 19.58 -22.91
C ARG B 266 -8.36 18.28 -23.29
N LYS B 267 -8.73 18.15 -24.57
CA LYS B 267 -9.29 16.92 -25.11
C LYS B 267 -8.16 15.94 -25.37
N ASP B 268 -8.37 14.66 -25.03
CA ASP B 268 -7.34 13.64 -25.17
C ASP B 268 -7.02 13.41 -26.64
N GLU B 269 -8.02 13.68 -27.51
CA GLU B 269 -7.83 13.64 -28.95
C GLU B 269 -6.85 14.72 -29.37
N ASP B 270 -7.11 15.96 -28.95
CA ASP B 270 -6.30 17.11 -29.30
C ASP B 270 -5.00 17.06 -28.49
N LYS B 271 -4.02 16.30 -29.00
CA LYS B 271 -2.74 16.14 -28.35
C LYS B 271 -1.87 17.37 -28.58
N ALA B 272 -1.94 17.93 -29.80
CA ALA B 272 -1.13 19.08 -30.18
C ALA B 272 -1.64 20.34 -29.49
N ASN B 273 -2.97 20.53 -29.51
CA ASN B 273 -3.60 21.74 -29.00
C ASN B 273 -3.59 21.71 -27.47
N GLY B 274 -3.13 22.82 -26.87
CA GLY B 274 -3.16 23.02 -25.44
C GLY B 274 -3.74 24.38 -25.07
N ILE B 275 -4.70 24.85 -25.88
CA ILE B 275 -5.34 26.14 -25.67
C ILE B 275 -6.85 25.94 -25.73
N ASN B 276 -7.56 26.43 -24.71
CA ASN B 276 -9.01 26.34 -24.64
C ASN B 276 -9.56 27.65 -24.06
N THR B 277 -9.78 28.62 -24.94
CA THR B 277 -10.24 29.95 -24.57
C THR B 277 -11.76 29.96 -24.34
N ASP B 278 -12.43 28.87 -24.72
CA ASP B 278 -13.85 28.71 -24.50
C ASP B 278 -14.12 28.74 -22.98
N ILE B 279 -15.13 29.52 -22.58
CA ILE B 279 -15.43 29.75 -21.18
C ILE B 279 -16.75 29.08 -20.79
N THR B 280 -17.37 28.38 -21.75
CA THR B 280 -18.69 27.80 -21.54
C THR B 280 -18.57 26.47 -20.79
N GLY B 281 -19.41 26.30 -19.76
CA GLY B 281 -19.38 25.12 -18.92
C GLY B 281 -18.16 25.09 -18.00
N THR B 282 -17.72 26.29 -17.59
CA THR B 282 -16.57 26.43 -16.71
C THR B 282 -17.04 26.91 -15.34
N ARG B 283 -16.18 26.71 -14.33
CA ARG B 283 -16.46 27.15 -12.98
C ARG B 283 -16.33 28.68 -12.90
N ALA B 284 -15.41 29.23 -13.69
CA ALA B 284 -15.17 30.67 -13.74
C ALA B 284 -16.42 31.40 -14.22
N GLU B 285 -17.05 30.85 -15.27
CA GLU B 285 -18.22 31.47 -15.88
C GLU B 285 -19.38 31.46 -14.89
N ARG B 286 -19.51 30.37 -14.12
CA ARG B 286 -20.54 30.24 -13.11
C ARG B 286 -20.25 31.21 -11.96
N TYR B 287 -18.96 31.34 -11.61
CA TYR B 287 -18.53 32.29 -10.59
C TYR B 287 -18.81 33.72 -11.04
N ALA B 288 -18.65 33.98 -12.34
CA ALA B 288 -18.92 35.28 -12.91
C ALA B 288 -20.39 35.64 -12.74
N ARG B 289 -21.28 34.64 -12.87
CA ARG B 289 -22.72 34.84 -12.83
C ARG B 289 -23.26 34.77 -11.40
N TRP B 290 -22.46 34.27 -10.46
CA TRP B 290 -22.93 34.00 -9.11
C TRP B 290 -23.21 35.30 -8.36
N GLN B 291 -24.35 35.34 -7.66
CA GLN B 291 -24.71 36.43 -6.76
C GLN B 291 -25.26 35.85 -5.47
N PRO B 292 -24.89 36.39 -4.29
CA PRO B 292 -25.40 35.90 -3.01
C PRO B 292 -26.93 35.89 -2.93
N LYS B 293 -27.47 35.01 -2.07
CA LYS B 293 -28.91 34.86 -1.93
C LYS B 293 -29.45 35.97 -1.03
N THR B 294 -28.60 36.52 -0.16
CA THR B 294 -28.98 37.60 0.75
C THR B 294 -27.89 38.66 0.78
N GLY B 295 -28.20 39.80 1.43
CA GLY B 295 -27.25 40.88 1.63
C GLY B 295 -27.18 41.83 0.44
N GLY B 296 -26.64 41.33 -0.68
CA GLY B 296 -26.53 42.11 -1.90
C GLY B 296 -25.66 41.42 -2.96
N VAL B 297 -25.40 42.15 -4.06
CA VAL B 297 -24.60 41.64 -5.15
C VAL B 297 -23.12 41.75 -4.78
N LYS B 298 -22.30 40.86 -5.35
CA LYS B 298 -20.88 40.79 -5.04
C LYS B 298 -20.13 41.90 -5.79
N GLY B 299 -18.88 42.13 -5.39
CA GLY B 299 -18.02 43.11 -6.02
C GLY B 299 -17.48 42.65 -7.36
N GLY B 300 -17.35 41.32 -7.51
CA GLY B 300 -16.87 40.73 -8.76
C GLY B 300 -16.19 39.38 -8.52
N ILE B 301 -15.33 38.98 -9.46
CA ILE B 301 -14.53 37.77 -9.32
C ILE B 301 -13.05 38.14 -9.50
N PHE B 302 -12.18 37.14 -9.40
CA PHE B 302 -10.78 37.30 -9.75
C PHE B 302 -10.19 35.95 -10.13
N SER B 303 -9.12 35.99 -10.92
CA SER B 303 -8.42 34.79 -11.35
C SER B 303 -7.11 34.66 -10.58
N TYR B 304 -6.53 33.45 -10.61
CA TYR B 304 -5.17 33.21 -10.14
C TYR B 304 -4.35 32.67 -11.30
N ALA B 305 -3.09 33.14 -11.38
CA ALA B 305 -2.23 32.86 -12.52
C ALA B 305 -2.92 33.31 -13.81
N ILE B 306 -3.23 34.61 -13.88
CA ILE B 306 -3.91 35.20 -15.02
C ILE B 306 -3.02 35.11 -16.26
N ASP B 307 -1.70 34.97 -16.04
CA ASP B 307 -0.75 34.74 -17.12
C ASP B 307 -1.09 33.45 -17.88
N ARG B 308 -1.87 32.56 -17.26
CA ARG B 308 -2.31 31.33 -17.90
C ARG B 308 -3.76 31.47 -18.38
N ASP B 309 -4.07 32.63 -19.00
CA ASP B 309 -5.41 32.91 -19.49
C ASP B 309 -5.61 32.19 -20.83
N GLY B 310 -6.66 31.37 -20.91
CA GLY B 310 -7.01 30.67 -22.13
C GLY B 310 -6.32 29.31 -22.25
N VAL B 311 -5.36 29.03 -21.36
CA VAL B 311 -4.63 27.77 -21.38
C VAL B 311 -5.53 26.68 -20.84
N ALA B 312 -5.60 25.56 -21.57
CA ALA B 312 -6.45 24.44 -21.20
C ALA B 312 -5.86 23.72 -20.00
N HIS B 313 -6.74 23.05 -19.24
CA HIS B 313 -6.34 22.32 -18.05
C HIS B 313 -5.86 20.93 -18.46
N GLN B 314 -4.82 20.44 -17.79
CA GLN B 314 -4.32 19.08 -18.00
C GLN B 314 -5.43 18.10 -17.61
N PRO B 315 -5.77 17.13 -18.49
CA PRO B 315 -6.80 16.12 -18.19
C PRO B 315 -6.65 15.47 -16.81
N LYS B 316 -7.79 15.00 -16.28
CA LYS B 316 -7.85 14.38 -14.97
C LYS B 316 -7.14 13.02 -14.99
N LYS B 317 -7.11 12.38 -16.16
CA LYS B 317 -6.50 11.07 -16.34
C LYS B 317 -5.01 11.10 -16.02
N TYR B 318 -4.33 12.18 -16.44
CA TYR B 318 -2.89 12.30 -16.29
C TYR B 318 -2.54 13.10 -15.04
N ALA B 319 -3.46 13.15 -14.07
CA ALA B 319 -3.26 13.91 -12.85
C ALA B 319 -2.39 13.12 -11.88
N LYS B 320 -2.40 11.79 -12.00
CA LYS B 320 -1.66 10.91 -11.10
C LYS B 320 -0.17 10.99 -11.41
N GLN B 321 0.18 10.82 -12.69
CA GLN B 321 1.57 10.74 -13.11
C GLN B 321 2.23 12.11 -12.95
N LYS B 322 3.23 12.18 -12.06
CA LYS B 322 3.87 13.43 -11.68
C LYS B 322 4.69 13.97 -12.86
N GLU B 323 5.61 13.15 -13.36
CA GLU B 323 6.48 13.55 -14.46
C GLU B 323 5.75 13.33 -15.78
N PHE B 324 4.90 14.31 -16.14
CA PHE B 324 4.13 14.29 -17.37
C PHE B 324 4.27 15.63 -18.08
N LYS B 325 4.76 15.59 -19.32
CA LYS B 325 4.91 16.79 -20.13
C LYS B 325 3.77 16.87 -21.13
N ASP B 326 2.64 17.45 -20.69
CA ASP B 326 1.46 17.63 -21.51
C ASP B 326 1.64 18.89 -22.35
N ALA B 327 0.77 19.05 -23.37
CA ALA B 327 0.76 20.23 -24.21
C ALA B 327 0.36 21.47 -23.41
N THR B 328 -0.43 21.26 -22.35
CA THR B 328 -0.88 22.36 -21.50
C THR B 328 0.25 22.84 -20.60
N ASP B 329 1.23 21.97 -20.32
CA ASP B 329 2.35 22.30 -19.43
C ASP B 329 3.32 23.26 -20.13
N ASN B 330 3.22 23.38 -21.46
CA ASN B 330 3.96 24.39 -22.20
C ASN B 330 3.41 25.77 -21.85
N ILE B 331 4.24 26.81 -22.03
CA ILE B 331 3.86 28.17 -21.72
C ILE B 331 3.41 28.86 -23.01
N PHE B 332 2.35 29.67 -22.91
CA PHE B 332 1.74 30.29 -24.09
C PHE B 332 1.58 31.79 -23.87
N HIS B 333 1.66 32.55 -24.97
CA HIS B 333 1.49 34.00 -24.96
C HIS B 333 0.00 34.31 -25.01
N SER B 334 -0.60 34.50 -23.83
CA SER B 334 -2.04 34.68 -23.70
C SER B 334 -2.45 36.08 -24.17
N ASP B 335 -3.59 36.15 -24.87
CA ASP B 335 -4.15 37.42 -25.31
C ASP B 335 -5.27 37.83 -24.36
N TYR B 336 -5.46 37.08 -23.27
CA TYR B 336 -6.37 37.42 -22.18
C TYR B 336 -7.80 37.49 -22.72
N SER B 337 -8.22 36.42 -23.41
CA SER B 337 -9.55 36.33 -23.99
C SER B 337 -10.58 35.98 -22.92
N VAL B 338 -10.20 35.07 -22.00
CA VAL B 338 -11.10 34.59 -20.97
C VAL B 338 -11.40 35.72 -19.99
N SER B 339 -10.35 36.45 -19.58
CA SER B 339 -10.48 37.56 -18.66
C SER B 339 -11.47 38.59 -19.22
N LYS B 340 -11.30 38.93 -20.50
CA LYS B 340 -12.16 39.90 -21.17
C LYS B 340 -13.57 39.34 -21.35
N ALA B 341 -13.65 38.04 -21.65
CA ALA B 341 -14.93 37.37 -21.85
C ALA B 341 -15.70 37.30 -20.53
N LEU B 342 -15.01 36.93 -19.45
CA LEU B 342 -15.63 36.79 -18.14
C LEU B 342 -16.03 38.15 -17.59
N LYS B 343 -15.28 39.20 -17.94
CA LYS B 343 -15.60 40.55 -17.52
C LYS B 343 -16.91 40.99 -18.17
N THR B 344 -17.01 40.80 -19.50
CA THR B 344 -18.18 41.21 -20.27
C THR B 344 -19.41 40.42 -19.81
N VAL B 345 -19.20 39.17 -19.37
CA VAL B 345 -20.28 38.34 -18.85
C VAL B 345 -20.86 38.99 -17.59
N MET B 346 -19.99 39.57 -16.76
CA MET B 346 -20.41 40.22 -15.53
C MET B 346 -21.07 41.57 -15.82
N LEU B 347 -20.64 42.22 -16.91
CA LEU B 347 -21.28 43.45 -17.35
C LEU B 347 -22.69 43.16 -17.86
N LYS B 348 -22.87 41.99 -18.50
CA LYS B 348 -24.16 41.57 -19.01
C LYS B 348 -25.16 41.36 -17.88
N ASP B 349 -24.66 41.10 -16.66
CA ASP B 349 -25.51 40.91 -15.50
C ASP B 349 -26.34 42.16 -15.25
N LYS B 350 -27.64 41.97 -15.04
CA LYS B 350 -28.62 43.05 -15.02
C LYS B 350 -28.78 43.60 -13.61
N SER B 351 -28.27 42.88 -12.60
CA SER B 351 -28.43 43.27 -11.21
C SER B 351 -27.56 44.48 -10.88
N TYR B 352 -26.48 44.68 -11.67
CA TYR B 352 -25.55 45.77 -11.45
C TYR B 352 -26.07 47.07 -12.03
N ASP B 353 -27.27 47.05 -12.62
CA ASP B 353 -27.98 48.26 -12.99
C ASP B 353 -28.24 49.08 -11.74
N LEU B 354 -28.07 50.40 -11.84
CA LEU B 354 -28.16 51.29 -10.69
C LEU B 354 -29.62 51.47 -10.27
N ILE B 355 -29.82 51.96 -9.05
CA ILE B 355 -31.14 52.35 -8.57
C ILE B 355 -31.47 53.72 -9.15
N ASP B 356 -32.72 53.88 -9.59
CA ASP B 356 -33.16 55.09 -10.28
C ASP B 356 -34.53 55.50 -9.75
N GLU B 357 -35.08 56.58 -10.33
CA GLU B 357 -36.37 57.12 -9.93
C GLU B 357 -37.49 56.10 -10.19
N LYS B 358 -37.27 55.19 -11.15
CA LYS B 358 -38.23 54.14 -11.45
C LYS B 358 -38.55 53.32 -10.19
N ASP B 359 -37.51 52.99 -9.41
CA ASP B 359 -37.66 52.20 -8.21
C ASP B 359 -38.26 53.07 -7.10
N PHE B 360 -37.57 54.17 -6.78
CA PHE B 360 -37.95 55.07 -5.70
C PHE B 360 -38.18 56.47 -6.26
N PRO B 361 -39.44 56.88 -6.53
CA PRO B 361 -39.74 58.24 -6.98
C PRO B 361 -39.26 59.33 -6.03
N ASP B 362 -39.58 59.17 -4.74
CA ASP B 362 -39.21 60.14 -3.72
C ASP B 362 -37.70 60.16 -3.57
N LYS B 363 -37.15 61.37 -3.37
CA LYS B 363 -35.70 61.57 -3.34
C LYS B 363 -35.16 61.25 -1.96
N ALA B 364 -35.90 61.63 -0.91
CA ALA B 364 -35.47 61.41 0.46
C ALA B 364 -35.45 59.92 0.79
N LEU B 365 -36.36 59.15 0.16
CA LEU B 365 -36.39 57.70 0.30
C LEU B 365 -35.25 57.07 -0.51
N ARG B 366 -35.05 57.59 -1.73
CA ARG B 366 -34.05 57.07 -2.65
C ARG B 366 -32.64 57.30 -2.11
N GLU B 367 -32.46 58.40 -1.36
CA GLU B 367 -31.17 58.74 -0.77
C GLU B 367 -30.95 57.92 0.51
N ALA B 368 -32.03 57.65 1.26
CA ALA B 368 -31.95 56.88 2.50
C ALA B 368 -31.61 55.43 2.18
N VAL B 369 -32.19 54.90 1.09
CA VAL B 369 -31.96 53.53 0.66
C VAL B 369 -30.50 53.38 0.21
N MET B 370 -30.02 54.36 -0.58
CA MET B 370 -28.67 54.33 -1.12
C MET B 370 -27.63 54.34 0.00
N ALA B 371 -27.95 55.03 1.10
CA ALA B 371 -27.03 55.16 2.23
C ALA B 371 -27.01 53.87 3.05
N GLN B 372 -28.20 53.32 3.33
CA GLN B 372 -28.35 52.22 4.28
C GLN B 372 -28.19 50.88 3.57
N VAL B 373 -28.97 50.68 2.50
CA VAL B 373 -29.05 49.40 1.82
C VAL B 373 -27.90 49.27 0.83
N GLY B 374 -28.02 49.98 -0.30
CA GLY B 374 -27.07 49.84 -1.39
C GLY B 374 -27.54 50.57 -2.65
N THR B 375 -26.70 50.54 -3.70
CA THR B 375 -26.92 51.34 -4.89
C THR B 375 -27.11 50.45 -6.11
N ARG B 376 -27.80 49.31 -5.94
CA ARG B 376 -28.04 48.37 -7.02
C ARG B 376 -29.49 47.89 -6.96
N LYS B 377 -30.02 47.47 -8.12
CA LYS B 377 -31.36 46.92 -8.19
C LYS B 377 -31.39 45.54 -7.53
N GLY B 378 -30.26 44.81 -7.62
CA GLY B 378 -30.15 43.48 -7.07
C GLY B 378 -30.12 43.46 -5.53
N ASP B 379 -29.67 44.57 -4.94
CA ASP B 379 -29.57 44.68 -3.49
C ASP B 379 -30.96 44.62 -2.85
N LEU B 380 -31.97 45.12 -3.57
CA LEU B 380 -33.34 45.13 -3.07
C LEU B 380 -33.88 43.71 -3.00
N GLU B 381 -33.43 42.85 -3.92
CA GLU B 381 -33.91 41.47 -4.01
C GLU B 381 -33.31 40.61 -2.90
N ARG B 382 -32.24 41.10 -2.27
CA ARG B 382 -31.40 40.30 -1.40
C ARG B 382 -31.37 40.87 0.02
N PHE B 383 -31.07 42.17 0.14
CA PHE B 383 -30.79 42.82 1.41
C PHE B 383 -31.73 42.31 2.51
N ASN B 384 -31.15 41.88 3.63
CA ASN B 384 -31.88 41.41 4.80
C ASN B 384 -31.32 42.09 6.04
N GLY B 385 -31.50 43.42 6.12
CA GLY B 385 -31.10 44.20 7.27
C GLY B 385 -32.16 45.26 7.60
N THR B 386 -31.85 46.12 8.57
CA THR B 386 -32.77 47.15 9.01
C THR B 386 -32.73 48.32 8.04
N LEU B 387 -33.91 48.91 7.78
CA LEU B 387 -34.04 50.09 6.95
C LEU B 387 -34.81 51.16 7.73
N ARG B 388 -34.11 52.21 8.14
CA ARG B 388 -34.67 53.27 8.96
C ARG B 388 -35.12 54.41 8.04
N LEU B 389 -36.40 54.79 8.15
CA LEU B 389 -36.96 55.92 7.43
C LEU B 389 -37.33 57.01 8.43
N ASP B 390 -36.30 57.60 9.05
CA ASP B 390 -36.48 58.56 10.13
C ASP B 390 -36.67 59.97 9.56
N ASN B 391 -36.13 60.21 8.35
CA ASN B 391 -36.21 61.51 7.70
C ASN B 391 -37.67 61.89 7.52
N PRO B 392 -38.14 63.02 8.10
CA PRO B 392 -39.56 63.37 8.09
C PRO B 392 -40.08 63.80 6.71
N ALA B 393 -39.23 64.46 5.92
CA ALA B 393 -39.60 64.96 4.61
C ALA B 393 -39.59 63.82 3.60
N ILE B 394 -40.59 62.93 3.69
CA ILE B 394 -40.77 61.83 2.77
C ILE B 394 -42.23 61.80 2.33
N GLN B 395 -42.46 61.93 1.02
CA GLN B 395 -43.80 62.03 0.47
C GLN B 395 -44.34 60.64 0.16
N SER B 396 -43.65 59.92 -0.73
CA SER B 396 -44.15 58.68 -1.31
C SER B 396 -43.18 57.53 -0.98
N LEU B 397 -43.75 56.42 -0.50
CA LEU B 397 -43.01 55.20 -0.25
C LEU B 397 -43.27 54.22 -1.39
N GLU B 398 -43.16 54.69 -2.64
CA GLU B 398 -43.43 53.86 -3.79
C GLU B 398 -42.20 53.03 -4.10
N GLY B 399 -42.40 51.71 -4.26
CA GLY B 399 -41.33 50.79 -4.61
C GLY B 399 -40.63 50.19 -3.39
N LEU B 400 -41.33 50.13 -2.26
CA LEU B 400 -40.86 49.37 -1.11
C LEU B 400 -41.12 47.88 -1.34
N ASN B 401 -41.99 47.56 -2.31
CA ASN B 401 -42.28 46.19 -2.68
C ASN B 401 -41.07 45.57 -3.41
N LYS B 402 -40.13 46.41 -3.83
CA LYS B 402 -38.87 45.96 -4.42
C LYS B 402 -38.07 45.14 -3.40
N PHE B 403 -38.16 45.54 -2.12
CA PHE B 403 -37.54 44.80 -1.03
C PHE B 403 -38.21 43.44 -0.87
N LYS B 404 -37.48 42.37 -1.20
CA LYS B 404 -38.03 41.03 -1.19
C LYS B 404 -37.71 40.32 0.12
N LYS B 405 -36.61 40.70 0.77
CA LYS B 405 -36.11 39.97 1.92
C LYS B 405 -35.66 40.91 3.03
N LEU B 406 -36.32 42.07 3.17
CA LEU B 406 -35.94 43.05 4.17
C LEU B 406 -36.21 42.48 5.57
N ALA B 407 -35.29 42.76 6.50
CA ALA B 407 -35.35 42.22 7.85
C ALA B 407 -36.29 43.06 8.72
N GLN B 408 -36.00 44.36 8.80
CA GLN B 408 -36.80 45.28 9.60
C GLN B 408 -37.00 46.59 8.83
N LEU B 409 -38.16 47.23 9.09
CA LEU B 409 -38.50 48.50 8.50
C LEU B 409 -39.05 49.43 9.59
N ASP B 410 -38.36 50.55 9.82
CA ASP B 410 -38.77 51.52 10.82
C ASP B 410 -39.34 52.75 10.12
N LEU B 411 -40.63 53.04 10.40
CA LEU B 411 -41.28 54.24 9.93
C LEU B 411 -41.39 55.23 11.09
N ILE B 412 -40.45 56.19 11.15
CA ILE B 412 -40.31 57.06 12.30
C ILE B 412 -40.53 58.51 11.85
N GLY B 413 -41.57 59.14 12.42
CA GLY B 413 -41.82 60.56 12.22
C GLY B 413 -42.20 60.91 10.78
N LEU B 414 -42.88 59.96 10.11
CA LEU B 414 -43.30 60.15 8.72
C LEU B 414 -44.75 60.61 8.70
N SER B 415 -44.95 61.91 8.91
CA SER B 415 -46.28 62.50 9.02
C SER B 415 -46.97 62.53 7.66
N ARG B 416 -46.21 62.80 6.60
CA ARG B 416 -46.76 63.04 5.27
C ARG B 416 -47.39 61.78 4.69
N ILE B 417 -47.00 60.61 5.21
CA ILE B 417 -47.56 59.34 4.76
C ILE B 417 -49.01 59.26 5.20
N THR B 418 -49.85 58.63 4.36
CA THR B 418 -51.29 58.57 4.58
C THR B 418 -51.75 57.12 4.56
N LYS B 419 -51.62 56.45 3.41
CA LYS B 419 -52.11 55.10 3.24
C LYS B 419 -50.95 54.10 3.39
N LEU B 420 -51.27 52.90 3.89
CA LEU B 420 -50.32 51.80 4.00
C LEU B 420 -51.00 50.51 3.56
N ASP B 421 -50.47 49.88 2.50
CA ASP B 421 -51.02 48.66 1.96
C ASP B 421 -49.90 47.88 1.29
N ARG B 422 -50.24 46.75 0.63
CA ARG B 422 -49.26 45.86 0.03
C ARG B 422 -48.46 46.57 -1.05
N SER B 423 -49.05 47.60 -1.68
CA SER B 423 -48.40 48.32 -2.77
C SER B 423 -47.13 49.02 -2.30
N VAL B 424 -47.23 49.76 -1.18
CA VAL B 424 -46.12 50.59 -0.70
C VAL B 424 -45.51 49.95 0.55
N LEU B 425 -45.35 48.62 0.53
CA LEU B 425 -44.69 47.89 1.60
C LEU B 425 -43.92 46.71 1.00
N PRO B 426 -42.92 46.15 1.73
CA PRO B 426 -42.13 45.03 1.22
C PRO B 426 -42.95 43.82 0.78
N ALA B 427 -42.32 42.98 -0.06
CA ALA B 427 -42.95 41.76 -0.55
C ALA B 427 -43.05 40.72 0.56
N ASN B 428 -42.11 40.76 1.51
CA ASN B 428 -42.07 39.82 2.61
C ASN B 428 -42.82 40.38 3.82
N MET B 429 -43.92 41.10 3.57
CA MET B 429 -44.89 41.40 4.62
C MET B 429 -45.56 40.08 5.03
N LYS B 430 -45.91 39.30 4.01
CA LYS B 430 -46.40 37.94 4.20
C LYS B 430 -45.22 36.97 4.13
N PRO B 431 -45.35 35.74 4.69
CA PRO B 431 -44.30 34.72 4.57
C PRO B 431 -44.10 34.26 3.13
N GLY B 432 -42.96 33.61 2.87
CA GLY B 432 -42.65 33.11 1.54
C GLY B 432 -41.30 32.40 1.47
N LYS B 433 -41.10 31.65 0.39
CA LYS B 433 -39.87 30.90 0.16
C LYS B 433 -38.93 31.72 -0.72
N ASP B 434 -37.71 31.21 -0.91
CA ASP B 434 -36.68 31.88 -1.69
C ASP B 434 -37.06 31.83 -3.17
N THR B 435 -37.04 33.00 -3.82
CA THR B 435 -37.42 33.12 -5.22
C THR B 435 -36.19 33.09 -6.13
N LEU B 436 -35.02 33.44 -5.58
CA LEU B 436 -33.79 33.50 -6.34
C LEU B 436 -33.34 32.08 -6.71
N GLU B 437 -32.49 31.99 -7.75
CA GLU B 437 -32.00 30.71 -8.22
C GLU B 437 -30.48 30.77 -8.31
N THR B 438 -29.81 29.76 -7.72
CA THR B 438 -28.35 29.66 -7.75
C THR B 438 -27.90 29.25 -9.14
N VAL B 439 -26.63 29.54 -9.45
CA VAL B 439 -26.03 29.25 -10.74
C VAL B 439 -24.74 28.45 -10.55
N LEU B 440 -24.71 27.63 -9.48
CA LEU B 440 -23.57 26.80 -9.16
C LEU B 440 -24.01 25.34 -9.16
N GLU B 441 -23.03 24.42 -9.30
CA GLU B 441 -23.30 23.00 -9.22
C GLU B 441 -23.48 22.61 -7.76
N THR B 442 -24.03 21.42 -7.52
CA THR B 442 -24.35 20.98 -6.17
C THR B 442 -24.41 19.44 -6.12
N TYR B 443 -24.78 18.92 -4.95
CA TYR B 443 -24.97 17.50 -4.75
C TYR B 443 -26.46 17.18 -4.92
N LYS B 444 -26.76 16.09 -5.63
CA LYS B 444 -28.12 15.64 -5.86
C LYS B 444 -28.93 16.74 -6.55
N GLU B 450 -34.68 22.35 -1.83
CA GLU B 450 -35.45 23.04 -0.76
C GLU B 450 -35.04 24.51 -0.73
N PRO B 451 -35.94 25.45 -1.08
CA PRO B 451 -35.64 26.88 -1.02
C PRO B 451 -35.77 27.42 0.41
N ALA B 452 -34.94 28.42 0.75
CA ALA B 452 -34.88 28.94 2.10
C ALA B 452 -36.12 29.77 2.40
N THR B 453 -36.56 29.75 3.66
CA THR B 453 -37.71 30.53 4.10
C THR B 453 -37.27 31.97 4.38
N ILE B 454 -38.08 32.92 3.88
CA ILE B 454 -37.82 34.34 4.08
C ILE B 454 -38.60 34.81 5.30
N PRO B 455 -37.94 35.32 6.36
CA PRO B 455 -38.65 35.87 7.53
C PRO B 455 -39.51 37.07 7.17
N PRO B 456 -40.79 37.11 7.59
CA PRO B 456 -41.61 38.31 7.47
C PRO B 456 -40.93 39.53 8.10
N VAL B 457 -41.04 40.69 7.43
CA VAL B 457 -40.35 41.89 7.84
C VAL B 457 -40.96 42.43 9.12
N SER B 458 -40.10 42.85 10.05
CA SER B 458 -40.51 43.51 11.29
C SER B 458 -40.87 44.96 10.97
N LEU B 459 -42.06 45.38 11.42
CA LEU B 459 -42.60 46.69 11.07
C LEU B 459 -42.88 47.49 12.33
N LYS B 460 -42.10 48.56 12.52
CA LYS B 460 -42.35 49.53 13.60
C LYS B 460 -42.88 50.81 12.99
N VAL B 461 -44.17 51.09 13.26
CA VAL B 461 -44.83 52.29 12.77
C VAL B 461 -45.15 53.18 13.97
N SER B 462 -44.40 54.28 14.10
CA SER B 462 -44.56 55.20 15.23
C SER B 462 -44.16 56.61 14.81
N GLY B 463 -45.00 57.58 15.18
CA GLY B 463 -44.72 58.99 14.94
C GLY B 463 -45.38 59.51 13.67
N LEU B 464 -46.12 58.64 12.97
CA LEU B 464 -46.82 59.04 11.75
C LEU B 464 -48.13 59.71 12.14
N THR B 465 -48.07 61.04 12.30
CA THR B 465 -49.20 61.82 12.80
C THR B 465 -50.29 61.91 11.74
N GLY B 466 -49.89 62.07 10.47
CA GLY B 466 -50.83 62.28 9.38
C GLY B 466 -51.20 60.99 8.65
N LEU B 467 -50.94 59.84 9.28
CA LEU B 467 -51.35 58.54 8.73
C LEU B 467 -52.87 58.41 8.91
N LYS B 468 -53.56 58.04 7.83
CA LYS B 468 -55.01 57.98 7.81
C LYS B 468 -55.47 56.53 7.70
N GLU B 469 -55.06 55.84 6.64
CA GLU B 469 -55.45 54.45 6.41
C GLU B 469 -54.31 53.52 6.82
N LEU B 470 -54.64 52.23 6.97
CA LEU B 470 -53.70 51.21 7.39
C LEU B 470 -54.24 49.83 7.02
N ASP B 471 -53.75 49.28 5.91
CA ASP B 471 -54.21 47.99 5.41
C ASP B 471 -53.08 46.97 5.56
N LEU B 472 -53.34 45.91 6.33
CA LEU B 472 -52.43 44.78 6.47
C LEU B 472 -53.25 43.49 6.42
N SER B 473 -53.99 43.32 5.30
CA SER B 473 -54.89 42.19 5.14
C SER B 473 -54.19 41.08 4.35
N GLY B 474 -54.27 39.85 4.88
CA GLY B 474 -53.71 38.68 4.22
C GLY B 474 -52.18 38.64 4.28
N PHE B 475 -51.61 39.20 5.36
CA PHE B 475 -50.18 39.25 5.55
C PHE B 475 -49.72 38.20 6.57
N ASP B 476 -50.69 37.55 7.25
CA ASP B 476 -50.39 36.51 8.21
C ASP B 476 -49.38 37.04 9.23
N ARG B 477 -49.68 38.21 9.80
CA ARG B 477 -48.81 38.82 10.80
C ARG B 477 -49.04 38.11 12.13
N GLU B 478 -47.95 37.91 12.88
CA GLU B 478 -48.00 37.12 14.11
C GLU B 478 -48.41 38.01 15.27
N THR B 479 -47.90 39.24 15.31
CA THR B 479 -48.26 40.21 16.33
C THR B 479 -48.50 41.57 15.69
N LEU B 480 -48.95 42.53 16.52
CA LEU B 480 -49.09 43.92 16.11
C LEU B 480 -47.99 44.76 16.76
N ALA B 481 -46.91 44.10 17.22
CA ALA B 481 -45.81 44.77 17.86
C ALA B 481 -45.15 45.74 16.88
N GLY B 482 -44.78 46.92 17.38
CA GLY B 482 -44.19 47.97 16.55
C GLY B 482 -45.16 49.11 16.30
N LEU B 483 -46.45 48.77 16.08
CA LEU B 483 -47.49 49.75 15.82
C LEU B 483 -47.77 50.55 17.08
N ASP B 484 -47.15 51.73 17.18
CA ASP B 484 -47.41 52.67 18.25
C ASP B 484 -48.69 53.43 17.92
N ALA B 485 -49.80 53.02 18.54
CA ALA B 485 -51.12 53.52 18.20
C ALA B 485 -51.35 54.91 18.79
N ALA B 486 -50.60 55.26 19.84
CA ALA B 486 -50.75 56.53 20.54
C ALA B 486 -50.30 57.70 19.66
N THR B 487 -49.34 57.45 18.77
CA THR B 487 -48.77 58.49 17.92
C THR B 487 -49.60 58.66 16.64
N LEU B 488 -50.33 57.61 16.24
CA LEU B 488 -51.18 57.65 15.07
C LEU B 488 -52.45 58.45 15.39
N THR B 489 -52.35 59.78 15.29
CA THR B 489 -53.38 60.68 15.75
C THR B 489 -54.49 60.82 14.69
N SER B 490 -54.10 60.93 13.42
CA SER B 490 -55.04 61.23 12.35
C SER B 490 -55.56 59.94 11.70
N LEU B 491 -55.67 58.86 12.49
CA LEU B 491 -56.08 57.56 11.97
C LEU B 491 -57.58 57.58 11.70
N GLU B 492 -58.00 56.89 10.62
CA GLU B 492 -59.37 56.94 10.16
C GLU B 492 -59.84 55.55 9.72
N LYS B 493 -59.05 54.90 8.85
CA LYS B 493 -59.37 53.56 8.37
C LYS B 493 -58.34 52.57 8.93
N VAL B 494 -58.73 51.30 9.00
CA VAL B 494 -57.84 50.23 9.46
C VAL B 494 -58.35 48.90 8.91
N ASP B 495 -57.40 47.99 8.59
CA ASP B 495 -57.72 46.68 8.07
C ASP B 495 -56.63 45.70 8.50
N ILE B 496 -56.99 44.77 9.39
CA ILE B 496 -56.07 43.75 9.87
C ILE B 496 -56.77 42.38 9.79
N SER B 497 -57.36 42.10 8.63
CA SER B 497 -58.10 40.86 8.40
C SER B 497 -57.18 39.82 7.76
N GLY B 498 -57.40 38.55 8.12
CA GLY B 498 -56.64 37.45 7.56
C GLY B 498 -55.19 37.44 8.03
N ASN B 499 -55.00 37.44 9.35
CA ASN B 499 -53.69 37.42 9.96
C ASN B 499 -53.68 36.35 11.07
N LYS B 500 -52.59 36.28 11.84
CA LYS B 500 -52.50 35.36 12.96
C LYS B 500 -52.35 36.16 14.25
N LEU B 501 -53.32 37.05 14.50
CA LEU B 501 -53.27 37.98 15.61
C LEU B 501 -54.21 37.52 16.72
N ASP B 502 -53.68 37.46 17.96
CA ASP B 502 -54.47 37.21 19.14
C ASP B 502 -54.98 38.56 19.68
N LEU B 503 -56.26 38.85 19.41
CA LEU B 503 -56.87 40.11 19.78
C LEU B 503 -57.84 39.91 20.95
N ALA B 504 -57.35 39.27 22.02
CA ALA B 504 -58.16 38.99 23.19
C ALA B 504 -58.00 40.12 24.20
N PRO B 505 -58.96 40.30 25.14
CA PRO B 505 -58.86 41.34 26.16
C PRO B 505 -57.62 41.18 27.04
N GLY B 506 -56.80 42.23 27.11
CA GLY B 506 -55.61 42.24 27.94
C GLY B 506 -54.32 42.07 27.12
N THR B 507 -54.45 41.62 25.87
CA THR B 507 -53.30 41.37 25.01
C THR B 507 -52.74 42.70 24.52
N GLU B 508 -51.46 42.68 24.12
CA GLU B 508 -50.77 43.87 23.63
C GLU B 508 -51.35 44.26 22.27
N ASN B 509 -51.84 43.28 21.51
CA ASN B 509 -52.44 43.53 20.20
C ASN B 509 -53.77 44.26 20.37
N ARG B 510 -54.55 43.86 21.38
CA ARG B 510 -55.84 44.47 21.64
C ARG B 510 -55.64 45.89 22.18
N GLN B 511 -54.63 46.07 23.04
CA GLN B 511 -54.31 47.38 23.57
C GLN B 511 -53.96 48.35 22.43
N ILE B 512 -53.25 47.84 21.42
CA ILE B 512 -52.90 48.60 20.23
C ILE B 512 -54.17 48.82 19.40
N PHE B 513 -55.02 47.79 19.32
CA PHE B 513 -56.23 47.84 18.51
C PHE B 513 -57.27 48.77 19.14
N ASP B 514 -57.38 48.74 20.47
CA ASP B 514 -58.31 49.58 21.21
C ASP B 514 -57.88 51.04 21.11
N THR B 515 -56.58 51.28 21.24
CA THR B 515 -56.01 52.61 21.11
C THR B 515 -56.19 53.13 19.68
N MET B 516 -56.15 52.21 18.71
CA MET B 516 -56.42 52.54 17.32
C MET B 516 -57.91 52.79 17.11
N LEU B 517 -58.75 51.93 17.70
CA LEU B 517 -60.19 51.94 17.47
C LEU B 517 -60.82 53.22 18.01
N SER B 518 -60.29 53.76 19.11
CA SER B 518 -60.82 54.97 19.73
C SER B 518 -60.60 56.17 18.82
N THR B 519 -59.54 56.12 18.00
CA THR B 519 -59.23 57.18 17.06
C THR B 519 -60.15 57.11 15.84
N ILE B 520 -60.63 55.90 15.52
CA ILE B 520 -61.47 55.66 14.36
C ILE B 520 -62.86 56.22 14.62
N SER B 521 -63.39 55.99 15.84
CA SER B 521 -64.73 56.38 16.20
C SER B 521 -64.89 57.91 16.20
N ASN B 522 -63.81 58.62 16.52
CA ASN B 522 -63.82 60.08 16.57
C ASN B 522 -64.00 60.66 15.17
N HIS B 523 -63.22 60.17 14.21
CA HIS B 523 -63.11 60.80 12.90
C HIS B 523 -64.27 60.39 12.00
N VAL B 524 -64.37 59.10 11.66
CA VAL B 524 -65.34 58.63 10.69
C VAL B 524 -66.13 57.44 11.25
N GLY B 525 -66.24 57.37 12.58
CA GLY B 525 -67.04 56.33 13.24
C GLY B 525 -66.41 54.95 13.12
N SER B 526 -67.09 53.94 13.68
CA SER B 526 -66.66 52.56 13.63
C SER B 526 -67.75 51.70 12.98
N ASN B 527 -67.37 50.93 11.96
CA ASN B 527 -68.34 50.20 11.15
C ASN B 527 -67.61 49.11 10.36
N GLU B 528 -68.37 48.39 9.52
CA GLU B 528 -67.84 47.28 8.74
C GLU B 528 -66.96 47.80 7.60
N GLN B 529 -67.26 49.00 7.10
CA GLN B 529 -66.57 49.56 5.93
C GLN B 529 -65.20 50.10 6.35
N THR B 530 -65.14 50.82 7.47
CA THR B 530 -63.92 51.48 7.91
C THR B 530 -62.97 50.46 8.54
N VAL B 531 -63.48 49.72 9.54
CA VAL B 531 -62.66 48.82 10.34
C VAL B 531 -62.88 47.37 9.89
N LYS B 532 -61.79 46.64 9.66
CA LYS B 532 -61.83 45.22 9.38
C LYS B 532 -60.76 44.52 10.23
N PHE B 533 -61.11 43.33 10.75
CA PHE B 533 -60.20 42.57 11.61
C PHE B 533 -60.71 41.14 11.78
N ASP B 534 -61.22 40.53 10.70
CA ASP B 534 -61.92 39.26 10.77
C ASP B 534 -61.03 38.13 10.28
N LYS B 535 -61.41 36.90 10.63
CA LYS B 535 -60.81 35.67 10.12
C LYS B 535 -59.33 35.61 10.50
N GLN B 536 -59.06 35.69 11.81
CA GLN B 536 -57.71 35.54 12.35
C GLN B 536 -57.41 34.05 12.48
N LYS B 537 -56.11 33.71 12.49
CA LYS B 537 -55.66 32.33 12.66
C LYS B 537 -54.42 32.31 13.56
N PRO B 538 -54.54 32.67 14.86
CA PRO B 538 -53.38 32.78 15.74
C PRO B 538 -52.55 31.49 15.81
N THR B 539 -51.22 31.65 15.94
CA THR B 539 -50.31 30.53 16.02
C THR B 539 -50.35 29.97 17.45
N GLY B 540 -50.54 28.65 17.56
CA GLY B 540 -50.53 27.95 18.83
C GLY B 540 -49.12 27.45 19.16
N HIS B 541 -48.60 27.85 20.32
CA HIS B 541 -47.26 27.48 20.76
C HIS B 541 -47.37 26.49 21.93
N TYR B 542 -46.20 26.08 22.44
CA TYR B 542 -46.13 25.31 23.68
C TYR B 542 -45.90 26.27 24.84
N PRO B 543 -46.58 26.09 26.00
CA PRO B 543 -46.31 26.90 27.18
C PRO B 543 -44.90 26.67 27.76
N ASP B 544 -44.40 27.68 28.49
CA ASP B 544 -43.11 27.59 29.14
C ASP B 544 -43.21 26.67 30.36
N THR B 545 -44.16 26.99 31.25
CA THR B 545 -44.41 26.21 32.45
C THR B 545 -45.85 25.72 32.47
N TYR B 546 -46.13 24.73 33.32
CA TYR B 546 -47.45 24.13 33.43
C TYR B 546 -47.91 24.18 34.89
N GLY B 547 -49.23 24.31 35.09
CA GLY B 547 -49.81 24.45 36.41
C GLY B 547 -50.15 23.12 37.05
N LYS B 548 -50.70 22.20 36.25
CA LYS B 548 -51.19 20.91 36.75
C LYS B 548 -50.01 20.03 37.14
N THR B 549 -49.57 20.13 38.40
CA THR B 549 -48.33 19.51 38.86
C THR B 549 -48.60 18.37 39.82
N SER B 550 -49.86 17.94 39.95
CA SER B 550 -50.20 16.85 40.85
C SER B 550 -51.55 16.23 40.46
N LEU B 551 -51.78 14.99 40.93
CA LEU B 551 -53.00 14.26 40.64
C LEU B 551 -53.14 13.10 41.62
N ARG B 552 -54.08 13.23 42.56
CA ARG B 552 -54.42 12.16 43.48
C ARG B 552 -55.57 11.33 42.88
N LEU B 553 -55.32 10.03 42.70
CA LEU B 553 -56.29 9.11 42.13
C LEU B 553 -56.69 8.06 43.16
N PRO B 554 -57.80 7.33 42.95
CA PRO B 554 -58.14 6.18 43.79
C PRO B 554 -57.27 4.97 43.47
N VAL B 555 -57.43 3.91 44.27
CA VAL B 555 -56.78 2.63 44.00
C VAL B 555 -57.75 1.76 43.21
N ALA B 556 -58.26 2.32 42.10
CA ALA B 556 -59.23 1.64 41.27
C ALA B 556 -58.52 0.81 40.21
N ASN B 557 -59.16 -0.28 39.77
CA ASN B 557 -58.63 -1.10 38.68
C ASN B 557 -58.95 -0.42 37.36
N GLU B 558 -58.24 0.69 37.10
CA GLU B 558 -58.44 1.50 35.91
C GLU B 558 -57.09 1.92 35.36
N LYS B 559 -57.08 2.45 34.12
CA LYS B 559 -55.89 2.95 33.48
C LYS B 559 -56.10 4.41 33.10
N VAL B 560 -55.06 5.23 33.26
CA VAL B 560 -55.15 6.67 33.04
C VAL B 560 -54.03 7.10 32.09
N ASP B 561 -54.38 7.99 31.15
CA ASP B 561 -53.42 8.57 30.22
C ASP B 561 -52.78 9.79 30.88
N LEU B 562 -51.55 9.62 31.37
CA LEU B 562 -50.86 10.63 32.14
C LEU B 562 -50.64 11.90 31.31
N GLN B 563 -50.42 11.71 30.01
CA GLN B 563 -50.17 12.83 29.10
C GLN B 563 -51.33 13.81 29.15
N SER B 564 -52.53 13.32 28.80
CA SER B 564 -53.71 14.17 28.70
C SER B 564 -54.06 14.78 30.06
N GLN B 565 -53.85 14.00 31.13
CA GLN B 565 -54.24 14.39 32.47
C GLN B 565 -53.33 15.48 33.01
N LEU B 566 -52.02 15.39 32.72
CA LEU B 566 -51.03 16.25 33.34
C LEU B 566 -50.47 17.25 32.33
N LEU B 567 -50.16 16.77 31.11
CA LEU B 567 -49.44 17.56 30.12
C LEU B 567 -50.40 18.06 29.05
N PHE B 568 -50.70 19.37 29.08
CA PHE B 568 -51.63 20.00 28.15
C PHE B 568 -51.47 21.51 28.18
N GLY B 569 -51.93 22.19 27.13
CA GLY B 569 -51.88 23.65 27.05
C GLY B 569 -51.40 24.13 25.68
N THR B 570 -52.06 25.17 25.14
CA THR B 570 -51.70 25.74 23.86
C THR B 570 -51.71 27.26 23.98
N VAL B 571 -50.56 27.83 24.33
CA VAL B 571 -50.42 29.27 24.52
C VAL B 571 -50.37 29.95 23.15
N THR B 572 -50.71 31.25 23.11
CA THR B 572 -50.58 32.07 21.92
C THR B 572 -49.30 32.89 22.02
N ASN B 573 -48.99 33.61 20.93
CA ASN B 573 -47.79 34.45 20.87
C ASN B 573 -47.92 35.66 21.78
N GLN B 574 -49.16 36.03 22.15
CA GLN B 574 -49.40 37.09 23.11
C GLN B 574 -49.32 36.52 24.52
N GLY B 575 -50.12 35.48 24.80
CA GLY B 575 -50.03 34.76 26.05
C GLY B 575 -51.41 34.44 26.63
N THR B 576 -52.21 33.67 25.87
CA THR B 576 -53.50 33.17 26.32
C THR B 576 -53.47 31.64 26.31
N LEU B 577 -53.62 31.04 27.50
CA LEU B 577 -53.46 29.60 27.65
C LEU B 577 -54.80 28.91 27.38
N ILE B 578 -54.88 28.22 26.23
CA ILE B 578 -56.01 27.38 25.90
C ILE B 578 -55.65 25.94 26.28
N ASN B 579 -56.31 25.42 27.32
CA ASN B 579 -56.03 24.09 27.84
C ASN B 579 -56.95 23.06 27.21
N SER B 580 -58.27 23.37 27.18
CA SER B 580 -59.27 22.46 26.65
C SER B 580 -59.88 23.02 25.38
N GLU B 581 -60.74 22.21 24.74
CA GLU B 581 -61.51 22.64 23.58
C GLU B 581 -62.57 23.64 24.02
N ALA B 582 -63.03 23.52 25.27
CA ALA B 582 -63.97 24.45 25.86
C ALA B 582 -63.35 25.84 25.98
N ASP B 583 -62.06 25.89 26.33
CA ASP B 583 -61.34 27.15 26.45
C ASP B 583 -61.24 27.83 25.10
N TYR B 584 -61.14 27.05 24.02
CA TYR B 584 -61.06 27.58 22.68
C TYR B 584 -62.43 28.10 22.23
N LYS B 585 -63.49 27.35 22.53
CA LYS B 585 -64.84 27.76 22.18
C LYS B 585 -65.19 29.08 22.86
N ALA B 586 -64.64 29.28 24.07
CA ALA B 586 -64.77 30.55 24.79
C ALA B 586 -63.94 31.63 24.09
N TYR B 587 -62.74 31.25 23.64
CA TYR B 587 -61.84 32.15 22.92
C TYR B 587 -62.48 32.60 21.61
N GLN B 588 -63.14 31.67 20.91
CA GLN B 588 -63.82 31.97 19.66
C GLN B 588 -64.86 33.07 19.86
N ASN B 589 -65.52 33.06 21.02
CA ASN B 589 -66.55 34.04 21.33
C ASN B 589 -65.93 35.21 22.11
N HIS B 590 -64.92 35.85 21.51
CA HIS B 590 -64.46 37.16 21.93
C HIS B 590 -65.04 38.19 20.95
N LYS B 591 -66.29 38.60 21.21
CA LYS B 591 -67.03 39.42 20.28
C LYS B 591 -66.56 40.87 20.40
N ILE B 592 -66.09 41.42 19.28
CA ILE B 592 -65.68 42.82 19.19
C ILE B 592 -66.53 43.48 18.10
N ALA B 593 -67.36 44.45 18.51
CA ALA B 593 -68.32 45.09 17.63
C ALA B 593 -69.36 44.09 17.13
N GLY B 594 -69.72 43.12 17.99
CA GLY B 594 -70.77 42.18 17.71
C GLY B 594 -70.38 41.10 16.70
N ARG B 595 -69.07 40.83 16.56
CA ARG B 595 -68.58 39.78 15.69
C ARG B 595 -67.16 39.40 16.10
N SER B 596 -66.87 38.10 16.04
CA SER B 596 -65.58 37.57 16.48
C SER B 596 -64.54 37.78 15.38
N PHE B 597 -63.26 37.73 15.79
CA PHE B 597 -62.14 37.95 14.90
C PHE B 597 -61.61 36.60 14.37
N VAL B 598 -61.70 35.56 15.20
CA VAL B 598 -61.17 34.24 14.85
C VAL B 598 -61.98 33.69 13.67
N ASP B 599 -61.28 32.99 12.78
CA ASP B 599 -61.91 32.35 11.62
C ASP B 599 -62.67 31.12 12.10
N SER B 600 -63.78 30.81 11.41
CA SER B 600 -64.62 29.67 11.75
C SER B 600 -63.97 28.37 11.26
N ASN B 601 -63.21 28.47 10.16
CA ASN B 601 -62.45 27.35 9.62
C ASN B 601 -61.40 26.92 10.64
N TYR B 602 -60.71 27.89 11.24
CA TYR B 602 -59.64 27.62 12.19
C TYR B 602 -60.24 27.10 13.49
N HIS B 603 -60.49 25.79 13.53
CA HIS B 603 -61.07 25.13 14.69
C HIS B 603 -60.00 24.99 15.78
N TYR B 604 -60.39 24.40 16.91
CA TYR B 604 -59.46 24.08 17.98
C TYR B 604 -58.39 23.10 17.48
N ASN B 605 -58.80 22.19 16.59
CA ASN B 605 -57.93 21.12 16.13
C ASN B 605 -56.80 21.70 15.25
N ASN B 606 -57.08 22.80 14.55
CA ASN B 606 -56.10 23.47 13.73
C ASN B 606 -55.16 24.32 14.59
N PHE B 607 -55.66 24.78 15.74
CA PHE B 607 -54.90 25.63 16.65
C PHE B 607 -54.05 24.78 17.60
N LYS B 608 -54.62 23.66 18.07
CA LYS B 608 -54.00 22.80 19.07
C LYS B 608 -52.61 22.37 18.61
N VAL B 609 -51.70 22.27 19.58
CA VAL B 609 -50.37 21.70 19.36
C VAL B 609 -50.38 20.25 19.89
N SER B 610 -49.78 19.34 19.11
CA SER B 610 -49.78 17.93 19.43
C SER B 610 -48.75 17.63 20.53
N TYR B 611 -49.14 16.79 21.50
CA TYR B 611 -48.24 16.32 22.53
C TYR B 611 -47.92 14.84 22.29
N GLU B 612 -48.07 14.38 21.04
CA GLU B 612 -47.54 13.10 20.62
C GLU B 612 -46.04 13.26 20.38
N ASN B 613 -45.29 12.17 20.57
CA ASN B 613 -43.84 12.15 20.41
C ASN B 613 -43.14 12.59 21.70
N TYR B 614 -43.89 13.19 22.63
CA TYR B 614 -43.36 13.54 23.94
C TYR B 614 -43.12 12.26 24.74
N THR B 615 -41.90 12.13 25.28
CA THR B 615 -41.56 11.00 26.14
C THR B 615 -42.01 11.30 27.57
N VAL B 616 -42.08 10.25 28.39
CA VAL B 616 -42.52 10.34 29.77
C VAL B 616 -41.69 9.35 30.60
N LYS B 617 -41.45 9.71 31.86
CA LYS B 617 -40.68 8.87 32.78
C LYS B 617 -41.40 8.82 34.13
N VAL B 618 -41.96 7.65 34.45
CA VAL B 618 -42.76 7.46 35.64
C VAL B 618 -41.90 6.77 36.71
N THR B 619 -41.36 7.57 37.64
CA THR B 619 -40.52 7.07 38.71
C THR B 619 -41.37 6.81 39.95
N ASP B 620 -41.51 5.52 40.32
CA ASP B 620 -42.34 5.13 41.44
C ASP B 620 -41.59 5.41 42.74
N SER B 621 -42.21 5.05 43.88
CA SER B 621 -41.70 5.40 45.19
C SER B 621 -40.36 4.71 45.48
N THR B 622 -40.16 3.54 44.85
CA THR B 622 -38.90 2.81 44.99
C THR B 622 -37.98 3.12 43.81
N LEU B 623 -38.08 4.35 43.28
CA LEU B 623 -37.25 4.82 42.18
C LEU B 623 -37.18 3.75 41.07
N GLY B 624 -38.35 3.25 40.67
CA GLY B 624 -38.47 2.30 39.57
C GLY B 624 -39.06 2.96 38.34
N THR B 625 -38.19 3.30 37.38
CA THR B 625 -38.57 4.09 36.23
C THR B 625 -39.34 3.23 35.22
N THR B 626 -40.30 3.86 34.54
CA THR B 626 -41.07 3.23 33.48
C THR B 626 -41.55 4.31 32.51
N THR B 627 -41.41 4.05 31.21
CA THR B 627 -41.72 5.03 30.18
C THR B 627 -43.01 4.63 29.47
N ASP B 628 -44.14 4.83 30.14
CA ASP B 628 -45.44 4.49 29.58
C ASP B 628 -46.48 5.49 30.10
N LYS B 629 -47.25 6.07 29.17
CA LYS B 629 -48.27 7.06 29.50
C LYS B 629 -49.43 6.38 30.20
N THR B 630 -49.82 5.20 29.70
CA THR B 630 -50.89 4.41 30.29
C THR B 630 -50.45 3.85 31.63
N LEU B 631 -50.82 4.55 32.71
CA LEU B 631 -50.49 4.12 34.06
C LEU B 631 -51.66 3.34 34.65
N ALA B 632 -51.37 2.13 35.13
CA ALA B 632 -52.33 1.33 35.88
C ALA B 632 -52.36 1.82 37.32
N THR B 633 -53.56 1.90 37.90
CA THR B 633 -53.75 2.43 39.24
C THR B 633 -54.25 1.33 40.18
N ASP B 634 -54.12 0.06 39.75
CA ASP B 634 -54.63 -1.07 40.52
C ASP B 634 -53.80 -1.26 41.79
N LYS B 635 -52.48 -1.08 41.68
CA LYS B 635 -51.59 -1.16 42.82
C LYS B 635 -51.44 0.23 43.45
N GLU B 636 -51.32 0.27 44.78
CA GLU B 636 -51.12 1.53 45.50
C GLU B 636 -49.65 1.93 45.36
N GLU B 637 -49.43 3.23 45.10
CA GLU B 637 -48.09 3.72 44.77
C GLU B 637 -48.10 5.25 44.77
N THR B 638 -46.89 5.83 44.83
CA THR B 638 -46.69 7.24 44.54
C THR B 638 -45.67 7.36 43.42
N TYR B 639 -45.92 8.27 42.47
CA TYR B 639 -45.11 8.41 41.27
C TYR B 639 -44.61 9.84 41.11
N LYS B 640 -43.47 9.98 40.42
CA LYS B 640 -43.03 11.26 39.90
C LYS B 640 -42.96 11.16 38.38
N VAL B 641 -43.88 11.86 37.70
CA VAL B 641 -44.02 11.76 36.26
C VAL B 641 -43.36 12.96 35.60
N ASP B 642 -42.23 12.72 34.93
CA ASP B 642 -41.52 13.75 34.19
C ASP B 642 -41.83 13.60 32.70
N PHE B 643 -42.07 14.73 32.02
CA PHE B 643 -42.33 14.76 30.60
C PHE B 643 -41.18 15.48 29.88
N PHE B 644 -40.84 15.00 28.68
CA PHE B 644 -39.78 15.58 27.88
C PHE B 644 -40.26 15.83 26.46
N SER B 645 -39.71 16.88 25.83
CA SER B 645 -40.00 17.23 24.45
C SER B 645 -39.32 16.23 23.51
N PRO B 646 -39.83 16.03 22.27
CA PRO B 646 -39.13 15.24 21.26
C PRO B 646 -37.71 15.75 20.95
N ALA B 647 -37.51 17.06 21.10
CA ALA B 647 -36.21 17.67 20.88
C ALA B 647 -35.26 17.33 22.03
N ASP B 648 -35.59 17.82 23.23
CA ASP B 648 -34.69 17.76 24.38
C ASP B 648 -35.17 16.64 25.31
N LYS B 649 -34.46 15.51 25.28
CA LYS B 649 -34.84 14.32 26.02
C LYS B 649 -34.29 14.36 27.45
N THR B 650 -33.23 15.16 27.66
CA THR B 650 -32.54 15.18 28.95
C THR B 650 -33.26 16.12 29.91
N LYS B 651 -33.66 17.30 29.42
CA LYS B 651 -34.28 18.32 30.26
C LYS B 651 -35.80 18.21 30.15
N ALA B 652 -36.47 18.08 31.30
CA ALA B 652 -37.91 17.87 31.35
C ALA B 652 -38.62 19.22 31.16
N VAL B 653 -39.71 19.19 30.39
CA VAL B 653 -40.54 20.36 30.16
C VAL B 653 -41.49 20.56 31.34
N HIS B 654 -41.87 19.45 31.99
CA HIS B 654 -42.86 19.46 33.06
C HIS B 654 -42.65 18.25 33.96
N THR B 655 -42.91 18.44 35.26
CA THR B 655 -42.79 17.39 36.25
C THR B 655 -44.05 17.38 37.12
N ALA B 656 -44.57 16.17 37.37
CA ALA B 656 -45.84 16.00 38.08
C ALA B 656 -45.65 15.08 39.28
N LYS B 657 -46.76 14.77 39.97
CA LYS B 657 -46.74 13.94 41.16
C LYS B 657 -48.06 13.18 41.26
N VAL B 658 -48.10 11.98 40.66
CA VAL B 658 -49.28 11.14 40.67
C VAL B 658 -49.25 10.28 41.93
N ILE B 659 -50.40 10.20 42.62
CA ILE B 659 -50.51 9.49 43.89
C ILE B 659 -51.76 8.61 43.85
N VAL B 660 -51.60 7.34 43.47
CA VAL B 660 -52.69 6.38 43.49
C VAL B 660 -52.81 5.82 44.90
N GLY B 661 -53.87 6.24 45.62
CA GLY B 661 -54.12 5.81 46.98
C GLY B 661 -53.44 6.71 48.01
N ASP B 662 -53.00 6.11 49.12
CA ASP B 662 -52.27 6.82 50.16
C ASP B 662 -50.88 7.18 49.65
N GLU B 663 -50.43 8.40 49.94
CA GLU B 663 -49.13 8.87 49.51
C GLU B 663 -48.04 8.11 50.25
N LYS B 664 -46.99 7.76 49.50
CA LYS B 664 -45.76 7.22 50.07
C LYS B 664 -44.64 8.23 49.78
N THR B 665 -43.80 8.50 50.79
CA THR B 665 -42.68 9.41 50.62
C THR B 665 -41.70 8.81 49.61
N MET B 666 -41.21 9.65 48.69
CA MET B 666 -40.35 9.20 47.62
C MET B 666 -38.98 8.84 48.19
N MET B 667 -38.51 7.62 47.91
CA MET B 667 -37.25 7.13 48.43
C MET B 667 -36.09 7.85 47.75
N VAL B 668 -34.89 7.68 48.32
CA VAL B 668 -33.68 8.28 47.78
C VAL B 668 -32.59 7.21 47.72
N ASN B 669 -31.76 7.27 46.66
CA ASN B 669 -30.65 6.34 46.52
C ASN B 669 -29.53 6.77 47.45
N LEU B 670 -29.27 5.94 48.47
CA LEU B 670 -28.25 6.22 49.47
C LEU B 670 -26.88 5.77 48.95
N ALA B 671 -26.88 4.88 47.97
CA ALA B 671 -25.64 4.36 47.38
C ALA B 671 -24.98 5.43 46.52
N GLU B 672 -25.79 6.29 45.87
CA GLU B 672 -25.27 7.35 45.03
C GLU B 672 -24.23 8.15 45.82
N GLY B 673 -23.01 8.21 45.29
CA GLY B 673 -21.89 8.87 45.95
C GLY B 673 -21.28 7.99 47.04
N ALA B 674 -21.17 6.68 46.76
CA ALA B 674 -20.63 5.73 47.72
C ALA B 674 -19.11 5.68 47.59
N THR B 675 -18.42 5.78 48.74
CA THR B 675 -16.98 5.67 48.79
C THR B 675 -16.57 4.21 48.69
N VAL B 676 -16.10 3.80 47.51
CA VAL B 676 -15.62 2.44 47.30
C VAL B 676 -14.28 2.30 48.02
N ILE B 677 -14.15 1.25 48.84
CA ILE B 677 -13.01 1.08 49.71
C ILE B 677 -12.59 -0.40 49.76
N GLY B 678 -12.76 -1.10 48.64
CA GLY B 678 -12.38 -2.51 48.57
C GLY B 678 -13.15 -3.26 47.48
N GLY B 679 -13.04 -4.58 47.51
CA GLY B 679 -13.64 -5.45 46.51
C GLY B 679 -12.65 -5.74 45.37
N SER B 680 -12.93 -6.82 44.62
CA SER B 680 -12.09 -7.24 43.52
C SER B 680 -12.28 -6.32 42.31
N ALA B 681 -13.42 -5.63 42.25
CA ALA B 681 -13.76 -4.78 41.12
C ALA B 681 -12.79 -3.60 41.02
N ASP B 682 -12.63 -3.10 39.79
CA ASP B 682 -11.77 -1.96 39.50
C ASP B 682 -12.38 -0.71 40.13
N PRO B 683 -11.64 -0.03 41.06
CA PRO B 683 -12.14 1.19 41.69
C PRO B 683 -12.72 2.26 40.76
N VAL B 684 -12.19 2.34 39.53
CA VAL B 684 -12.64 3.34 38.57
C VAL B 684 -14.05 3.01 38.10
N ASN B 685 -14.27 1.74 37.73
CA ASN B 685 -15.55 1.29 37.23
C ASN B 685 -16.50 0.93 38.39
N ALA B 686 -15.94 0.81 39.60
CA ALA B 686 -16.73 0.56 40.79
C ALA B 686 -17.52 1.79 41.17
N ARG B 687 -16.92 2.98 40.99
CA ARG B 687 -17.57 4.24 41.30
C ARG B 687 -18.69 4.54 40.31
N LYS B 688 -18.65 3.90 39.13
CA LYS B 688 -19.58 4.18 38.05
C LYS B 688 -20.81 3.29 38.14
N VAL B 689 -20.94 2.50 39.23
CA VAL B 689 -22.19 1.84 39.57
C VAL B 689 -22.91 2.66 40.64
N PHE B 690 -22.30 3.79 41.05
CA PHE B 690 -22.92 4.71 41.99
C PHE B 690 -22.84 6.14 41.44
N ASP B 691 -22.67 6.26 40.13
CA ASP B 691 -22.46 7.56 39.49
C ASP B 691 -23.78 8.35 39.45
N GLY B 692 -24.89 7.62 39.38
CA GLY B 692 -26.21 8.24 39.29
C GLY B 692 -26.89 7.94 37.95
N GLN B 693 -26.08 7.97 36.88
CA GLN B 693 -26.54 7.65 35.54
C GLN B 693 -26.21 6.19 35.23
N LEU B 694 -26.80 5.67 34.14
CA LEU B 694 -26.44 4.37 33.62
C LEU B 694 -25.07 4.47 32.97
N GLY B 695 -24.97 5.36 31.97
CA GLY B 695 -23.77 5.56 31.18
C GLY B 695 -24.09 5.77 29.71
N SER B 696 -23.10 6.20 28.93
CA SER B 696 -23.27 6.41 27.50
C SER B 696 -23.37 5.07 26.79
N GLU B 697 -23.93 5.08 25.57
CA GLU B 697 -24.10 3.88 24.78
C GLU B 697 -22.75 3.17 24.61
N THR B 698 -21.69 3.96 24.43
CA THR B 698 -20.35 3.44 24.23
C THR B 698 -19.47 3.79 25.44
N ASP B 699 -19.95 3.48 26.64
CA ASP B 699 -19.17 3.63 27.85
C ASP B 699 -18.52 2.29 28.15
N ASN B 700 -17.94 2.15 29.36
CA ASN B 700 -17.36 0.89 29.78
C ASN B 700 -17.43 0.79 31.30
N ILE B 701 -18.27 -0.15 31.79
CA ILE B 701 -18.56 -0.28 33.21
C ILE B 701 -18.24 -1.71 33.66
N SER B 702 -17.27 -2.34 32.99
CA SER B 702 -16.84 -3.68 33.34
C SER B 702 -16.08 -3.64 34.67
N LEU B 703 -16.58 -4.38 35.66
CA LEU B 703 -16.08 -4.30 37.03
C LEU B 703 -14.68 -4.88 37.10
N GLY B 704 -14.49 -6.06 36.51
CA GLY B 704 -13.18 -6.72 36.50
C GLY B 704 -13.03 -7.66 35.32
N TRP B 705 -12.03 -8.54 35.40
CA TRP B 705 -11.75 -9.51 34.36
C TRP B 705 -12.48 -10.82 34.62
N ASP B 706 -12.45 -11.28 35.88
CA ASP B 706 -13.04 -12.55 36.26
C ASP B 706 -14.56 -12.44 36.18
N SER B 707 -15.22 -13.60 36.07
CA SER B 707 -16.67 -13.68 35.96
C SER B 707 -17.33 -13.23 37.27
N LYS B 708 -16.68 -13.52 38.40
CA LYS B 708 -17.14 -13.10 39.71
C LYS B 708 -16.38 -11.85 40.13
N GLN B 709 -17.12 -10.81 40.55
CA GLN B 709 -16.51 -9.57 41.02
C GLN B 709 -17.28 -9.04 42.22
N SER B 710 -16.56 -8.38 43.14
CA SER B 710 -17.13 -7.88 44.38
C SER B 710 -16.82 -6.40 44.54
N ILE B 711 -17.72 -5.69 45.25
CA ILE B 711 -17.55 -4.27 45.53
C ILE B 711 -17.83 -4.04 47.01
N ILE B 712 -16.83 -3.52 47.74
CA ILE B 712 -17.00 -3.09 49.11
C ILE B 712 -17.04 -1.57 49.12
N PHE B 713 -18.02 -1.01 49.85
CA PHE B 713 -18.28 0.42 49.78
C PHE B 713 -18.98 0.90 51.05
N LYS B 714 -19.03 2.23 51.19
CA LYS B 714 -19.67 2.91 52.31
C LYS B 714 -20.74 3.85 51.75
N LEU B 715 -21.83 4.02 52.50
CA LEU B 715 -22.92 4.88 52.08
C LEU B 715 -22.54 6.35 52.30
N LYS B 716 -23.21 7.23 51.56
CA LYS B 716 -22.97 8.66 51.64
C LYS B 716 -23.56 9.20 52.94
N GLU B 717 -24.79 8.76 53.26
CA GLU B 717 -25.52 9.26 54.40
C GLU B 717 -26.05 8.08 55.23
N ASP B 718 -26.42 8.36 56.49
CA ASP B 718 -27.15 7.41 57.31
C ASP B 718 -28.60 7.38 56.86
N GLY B 719 -29.25 6.22 57.05
CA GLY B 719 -30.63 6.05 56.66
C GLY B 719 -31.13 4.62 56.93
N LEU B 720 -32.41 4.39 56.61
CA LEU B 720 -33.05 3.10 56.78
C LEU B 720 -33.35 2.51 55.42
N ILE B 721 -32.63 1.44 55.06
CA ILE B 721 -32.71 0.85 53.73
C ILE B 721 -33.92 -0.08 53.69
N LYS B 722 -34.88 0.25 52.82
CA LYS B 722 -36.11 -0.52 52.68
C LYS B 722 -36.12 -1.31 51.38
N HIS B 723 -35.26 -0.95 50.41
CA HIS B 723 -35.32 -1.51 49.07
C HIS B 723 -33.97 -1.33 48.38
N TRP B 724 -33.65 -2.24 47.45
CA TRP B 724 -32.45 -2.15 46.63
C TRP B 724 -32.76 -2.57 45.20
N ARG B 725 -31.90 -2.12 44.27
CA ARG B 725 -32.04 -2.45 42.85
C ARG B 725 -30.67 -2.41 42.19
N PHE B 726 -30.48 -3.30 41.20
CA PHE B 726 -29.30 -3.26 40.35
C PHE B 726 -29.75 -3.48 38.90
N PHE B 727 -29.00 -2.89 37.97
CA PHE B 727 -29.36 -2.91 36.56
C PHE B 727 -28.40 -3.82 35.79
N ASN B 728 -28.91 -4.40 34.70
CA ASN B 728 -28.10 -5.11 33.72
C ASN B 728 -27.68 -4.12 32.64
N ASP B 729 -26.80 -4.57 31.74
CA ASP B 729 -26.29 -3.71 30.67
C ASP B 729 -27.37 -3.49 29.62
N SER B 730 -28.37 -4.38 29.56
CA SER B 730 -29.50 -4.21 28.66
C SER B 730 -30.29 -2.95 29.00
N ALA B 731 -30.17 -2.49 30.25
CA ALA B 731 -30.77 -1.24 30.67
C ALA B 731 -30.16 -0.06 29.92
N ARG B 732 -28.82 -0.06 29.83
CA ARG B 732 -28.07 1.03 29.25
C ARG B 732 -28.11 0.93 27.72
N ASN B 733 -27.66 -0.21 27.19
CA ASN B 733 -27.67 -0.46 25.76
C ASN B 733 -28.56 -1.66 25.47
N PRO B 734 -29.80 -1.44 24.98
CA PRO B 734 -30.72 -2.55 24.68
C PRO B 734 -30.09 -3.70 23.89
N GLU B 735 -29.29 -3.34 22.88
CA GLU B 735 -28.76 -4.32 21.94
C GLU B 735 -27.34 -4.74 22.36
N THR B 736 -27.15 -4.98 23.66
CA THR B 736 -25.83 -5.25 24.21
C THR B 736 -25.44 -6.72 23.96
N THR B 737 -24.14 -6.97 23.93
CA THR B 737 -23.60 -8.32 23.81
C THR B 737 -23.14 -8.85 25.17
N ASN B 738 -23.14 -7.97 26.18
CA ASN B 738 -22.72 -8.35 27.53
C ASN B 738 -23.73 -9.32 28.12
N LYS B 739 -23.23 -10.29 28.89
CA LYS B 739 -24.06 -11.29 29.53
C LYS B 739 -24.63 -10.70 30.82
N PRO B 740 -25.93 -10.92 31.13
CA PRO B 740 -26.55 -10.37 32.33
C PRO B 740 -26.03 -11.05 33.60
N ILE B 741 -26.20 -10.38 34.74
CA ILE B 741 -25.80 -10.92 36.02
C ILE B 741 -26.68 -12.12 36.33
N GLN B 742 -26.05 -13.28 36.51
CA GLN B 742 -26.77 -14.54 36.71
C GLN B 742 -27.16 -14.67 38.18
N GLU B 743 -26.18 -14.47 39.06
CA GLU B 743 -26.41 -14.55 40.51
C GLU B 743 -25.63 -13.44 41.21
N ALA B 744 -26.28 -12.80 42.19
CA ALA B 744 -25.70 -11.71 42.95
C ALA B 744 -26.11 -11.82 44.41
N SER B 745 -25.40 -11.10 45.28
CA SER B 745 -25.66 -11.14 46.71
C SER B 745 -25.30 -9.79 47.33
N LEU B 746 -26.32 -9.11 47.88
CA LEU B 746 -26.12 -7.91 48.66
C LEU B 746 -25.84 -8.32 50.10
N GLN B 747 -24.86 -7.66 50.74
CA GLN B 747 -24.37 -8.06 52.05
C GLN B 747 -24.07 -6.83 52.89
N ILE B 748 -23.95 -7.04 54.21
CA ILE B 748 -23.59 -5.98 55.14
C ILE B 748 -22.51 -6.51 56.08
N PHE B 749 -21.72 -5.57 56.64
CA PHE B 749 -20.59 -5.92 57.47
C PHE B 749 -21.08 -6.38 58.85
N ASN B 750 -20.39 -7.40 59.38
CA ASN B 750 -20.70 -7.95 60.69
C ASN B 750 -20.02 -7.09 61.76
N ILE B 751 -20.63 -5.93 62.05
CA ILE B 751 -20.05 -4.92 62.93
C ILE B 751 -20.04 -5.43 64.37
N LYS B 752 -21.02 -6.27 64.72
CA LYS B 752 -21.18 -6.79 66.06
C LYS B 752 -19.98 -7.65 66.45
N ASP B 753 -19.60 -8.59 65.56
CA ASP B 753 -18.53 -9.51 65.84
C ASP B 753 -17.18 -8.79 65.76
N TYR B 754 -16.82 -8.33 64.55
CA TYR B 754 -15.46 -7.94 64.24
C TYR B 754 -15.29 -6.43 64.42
N ASN B 755 -14.02 -5.99 64.36
CA ASN B 755 -13.65 -4.60 64.52
C ASN B 755 -13.84 -3.88 63.18
N LEU B 756 -14.16 -2.58 63.25
CA LEU B 756 -14.45 -1.78 62.07
C LEU B 756 -13.15 -1.28 61.44
N ASP B 757 -12.14 -1.00 62.28
CA ASP B 757 -10.91 -0.37 61.84
C ASP B 757 -10.01 -1.38 61.12
N ASN B 758 -10.35 -2.68 61.22
CA ASN B 758 -9.66 -3.71 60.46
C ASN B 758 -10.00 -3.59 58.98
N LEU B 759 -11.27 -3.27 58.69
CA LEU B 759 -11.76 -3.15 57.32
C LEU B 759 -11.19 -1.89 56.68
N LEU B 760 -11.07 -0.80 57.45
CA LEU B 760 -10.57 0.46 56.95
C LEU B 760 -9.09 0.32 56.58
N GLU B 761 -8.29 -0.23 57.49
CA GLU B 761 -6.86 -0.39 57.29
C GLU B 761 -6.59 -1.51 56.30
N ASN B 762 -7.22 -2.67 56.51
CA ASN B 762 -6.98 -3.86 55.71
C ASN B 762 -8.30 -4.29 55.04
N PRO B 763 -8.73 -3.61 53.95
CA PRO B 763 -9.95 -4.00 53.24
C PRO B 763 -9.79 -5.24 52.37
N ASN B 764 -8.55 -5.54 51.99
CA ASN B 764 -8.25 -6.67 51.12
C ASN B 764 -8.59 -7.98 51.84
N LYS B 765 -8.07 -8.13 53.06
CA LYS B 765 -8.26 -9.34 53.85
C LYS B 765 -9.75 -9.61 54.02
N PHE B 766 -10.51 -8.56 54.36
CA PHE B 766 -11.94 -8.66 54.56
C PHE B 766 -12.65 -8.64 53.20
N ASP B 767 -12.67 -9.80 52.53
CA ASP B 767 -13.41 -9.98 51.30
C ASP B 767 -13.77 -11.45 51.16
N ASP B 768 -14.52 -11.96 52.16
CA ASP B 768 -15.00 -13.33 52.17
C ASP B 768 -16.43 -13.31 52.72
N GLU B 769 -17.23 -14.32 52.34
CA GLU B 769 -18.64 -14.37 52.69
C GLU B 769 -18.82 -14.52 54.20
N LYS B 770 -17.80 -15.05 54.88
CA LYS B 770 -17.85 -15.32 56.30
C LYS B 770 -17.94 -14.02 57.10
N TYR B 771 -17.24 -12.98 56.64
CA TYR B 771 -17.08 -11.74 57.39
C TYR B 771 -18.30 -10.84 57.23
N TRP B 772 -19.11 -11.08 56.19
CA TRP B 772 -20.27 -10.25 55.89
C TRP B 772 -21.55 -11.08 56.03
N ILE B 773 -22.69 -10.38 56.06
CA ILE B 773 -23.98 -11.00 56.32
C ILE B 773 -24.91 -10.71 55.13
N THR B 774 -25.30 -11.77 54.42
CA THR B 774 -26.08 -11.65 53.19
C THR B 774 -27.52 -11.31 53.52
N VAL B 775 -27.93 -10.08 53.15
CA VAL B 775 -29.27 -9.58 53.46
C VAL B 775 -30.25 -10.05 52.39
N ASP B 776 -29.77 -10.21 51.15
CA ASP B 776 -30.60 -10.66 50.05
C ASP B 776 -29.71 -11.22 48.94
N THR B 777 -30.26 -12.18 48.19
CA THR B 777 -29.56 -12.80 47.07
C THR B 777 -30.43 -12.71 45.81
N TYR B 778 -29.82 -13.07 44.67
CA TYR B 778 -30.51 -13.10 43.39
C TYR B 778 -30.10 -14.36 42.63
N SER B 779 -31.06 -14.92 41.89
CA SER B 779 -30.80 -16.04 41.00
C SER B 779 -31.72 -15.93 39.79
N ALA B 780 -31.12 -15.71 38.61
CA ALA B 780 -31.87 -15.44 37.40
C ALA B 780 -32.53 -16.72 36.88
N GLN B 781 -33.65 -17.12 37.52
CA GLN B 781 -34.43 -18.26 37.11
C GLN B 781 -35.55 -17.79 36.20
N GLY B 782 -35.18 -17.28 35.02
CA GLY B 782 -36.13 -16.75 34.06
C GLY B 782 -35.43 -16.03 32.90
N GLU B 783 -36.21 -15.27 32.13
CA GLU B 783 -35.71 -14.56 30.97
C GLU B 783 -34.87 -13.36 31.43
N ARG B 784 -34.16 -12.75 30.47
CA ARG B 784 -33.33 -11.58 30.73
C ARG B 784 -34.24 -10.40 31.10
N ALA B 785 -33.69 -9.48 31.91
CA ALA B 785 -34.46 -8.35 32.41
C ALA B 785 -33.57 -7.10 32.46
N THR B 786 -34.22 -5.94 32.58
CA THR B 786 -33.55 -4.65 32.65
C THR B 786 -32.85 -4.53 34.00
N ALA B 787 -33.54 -4.93 35.08
CA ALA B 787 -33.04 -4.79 36.43
C ALA B 787 -33.75 -5.75 37.37
N PHE B 788 -33.15 -5.99 38.54
CA PHE B 788 -33.79 -6.72 39.62
C PHE B 788 -33.94 -5.79 40.82
N SER B 789 -35.11 -5.89 41.48
CA SER B 789 -35.39 -5.09 42.66
C SER B 789 -36.16 -5.93 43.69
N ASN B 790 -35.93 -5.63 44.98
CA ASN B 790 -36.54 -6.37 46.06
C ASN B 790 -36.47 -5.52 47.33
N THR B 791 -37.42 -5.74 48.25
CA THR B 791 -37.48 -4.99 49.49
C THR B 791 -36.48 -5.58 50.49
N LEU B 792 -36.17 -4.77 51.52
CA LEU B 792 -35.25 -5.16 52.58
C LEU B 792 -35.89 -4.81 53.93
N ASN B 793 -35.40 -5.44 55.00
CA ASN B 793 -36.06 -5.40 56.30
C ASN B 793 -35.43 -4.31 57.16
N ASN B 794 -35.48 -3.06 56.67
CA ASN B 794 -35.07 -1.89 57.43
C ASN B 794 -33.67 -2.09 57.99
N ILE B 795 -32.66 -1.99 57.12
CA ILE B 795 -31.27 -2.21 57.48
C ILE B 795 -30.58 -0.85 57.59
N THR B 796 -29.48 -0.80 58.36
CA THR B 796 -28.72 0.43 58.56
C THR B 796 -27.26 0.26 58.13
N SER B 797 -26.64 -0.88 58.53
CA SER B 797 -25.23 -1.14 58.32
C SER B 797 -24.68 -0.32 57.16
N LYS B 798 -23.83 0.67 57.49
CA LYS B 798 -23.39 1.69 56.55
C LYS B 798 -22.35 1.12 55.58
N TYR B 799 -21.63 0.08 55.99
CA TYR B 799 -20.64 -0.56 55.15
C TYR B 799 -21.25 -1.79 54.48
N TRP B 800 -21.26 -1.80 53.14
CA TRP B 800 -21.89 -2.84 52.37
C TRP B 800 -20.87 -3.62 51.55
N ARG B 801 -21.24 -4.84 51.18
CA ARG B 801 -20.54 -5.61 50.17
C ARG B 801 -21.56 -6.18 49.20
N VAL B 802 -21.19 -6.25 47.92
CA VAL B 802 -22.05 -6.81 46.88
C VAL B 802 -21.18 -7.60 45.91
N VAL B 803 -21.74 -8.69 45.38
CA VAL B 803 -21.03 -9.54 44.43
C VAL B 803 -21.91 -9.75 43.21
N PHE B 804 -21.26 -9.90 42.05
CA PHE B 804 -21.94 -10.13 40.78
C PHE B 804 -21.22 -11.24 40.04
N ASP B 805 -21.97 -12.28 39.63
CA ASP B 805 -21.41 -13.39 38.89
C ASP B 805 -22.26 -13.66 37.66
N THR B 806 -21.62 -13.59 36.48
CA THR B 806 -22.27 -13.93 35.21
C THR B 806 -22.18 -15.43 34.96
N LYS B 807 -21.02 -16.01 35.32
CA LYS B 807 -20.77 -17.44 35.13
C LYS B 807 -20.72 -17.74 33.63
N GLY B 808 -19.79 -17.08 32.92
CA GLY B 808 -19.73 -17.15 31.47
C GLY B 808 -18.37 -17.58 30.93
N ASP B 809 -17.50 -18.10 31.82
CA ASP B 809 -16.20 -18.62 31.42
C ASP B 809 -15.27 -17.47 31.07
N ARG B 810 -14.02 -17.83 30.72
CA ARG B 810 -12.92 -16.89 30.56
C ARG B 810 -13.39 -15.63 29.84
N TYR B 811 -13.17 -14.48 30.50
CA TYR B 811 -13.55 -13.17 30.01
C TYR B 811 -15.08 -13.09 29.87
N SER B 812 -15.74 -12.85 31.02
CA SER B 812 -17.17 -12.65 31.08
C SER B 812 -17.46 -11.64 32.18
N SER B 813 -16.97 -10.41 31.98
CA SER B 813 -16.99 -9.38 33.01
C SER B 813 -18.42 -8.97 33.33
N PRO B 814 -18.80 -8.80 34.62
CA PRO B 814 -20.12 -8.26 34.98
C PRO B 814 -20.24 -6.77 34.64
N VAL B 815 -21.41 -6.38 34.14
CA VAL B 815 -21.68 -4.99 33.80
C VAL B 815 -22.94 -4.54 34.54
N VAL B 816 -22.76 -3.64 35.51
CA VAL B 816 -23.86 -3.08 36.26
C VAL B 816 -23.80 -1.56 36.11
N PRO B 817 -24.63 -0.96 35.21
CA PRO B 817 -24.66 0.49 35.02
C PRO B 817 -24.87 1.31 36.30
N GLU B 818 -25.73 0.80 37.19
CA GLU B 818 -26.03 1.46 38.44
C GLU B 818 -26.46 0.42 39.48
N LEU B 819 -26.08 0.66 40.74
CA LEU B 819 -26.53 -0.14 41.87
C LEU B 819 -27.20 0.80 42.87
N GLN B 820 -28.48 0.53 43.15
CA GLN B 820 -29.29 1.37 44.01
C GLN B 820 -29.54 0.66 45.33
N ILE B 821 -29.14 1.33 46.43
CA ILE B 821 -29.60 0.97 47.76
C ILE B 821 -30.50 2.10 48.23
N LEU B 822 -31.82 1.83 48.26
CA LEU B 822 -32.84 2.84 48.43
C LEU B 822 -33.36 2.82 49.86
N GLY B 823 -33.79 3.99 50.34
CA GLY B 823 -34.28 4.13 51.70
C GLY B 823 -34.73 5.56 51.99
N TYR B 824 -34.49 6.01 53.23
CA TYR B 824 -34.85 7.36 53.65
C TYR B 824 -33.73 7.93 54.52
N PRO B 825 -33.45 9.25 54.44
CA PRO B 825 -32.49 9.89 55.34
C PRO B 825 -32.99 9.88 56.78
N LEU B 826 -32.12 9.49 57.72
CA LEU B 826 -32.50 9.34 59.11
C LEU B 826 -31.27 9.47 60.00
N PRO B 827 -31.01 10.64 60.61
CA PRO B 827 -29.90 10.81 61.54
C PRO B 827 -29.96 9.80 62.70
N ASN B 828 -28.82 9.13 62.95
CA ASN B 828 -28.72 8.10 63.96
C ASN B 828 -29.75 7.00 63.68
N ALA B 829 -29.68 6.44 62.47
CA ALA B 829 -30.53 5.33 62.09
C ALA B 829 -30.05 4.04 62.77
N ASP B 830 -28.77 4.02 63.13
CA ASP B 830 -28.15 2.87 63.77
C ASP B 830 -28.62 2.78 65.22
N THR B 831 -28.65 3.93 65.91
CA THR B 831 -29.05 4.00 67.30
C THR B 831 -30.53 3.62 67.45
N ILE B 832 -31.37 4.13 66.54
CA ILE B 832 -32.81 3.94 66.59
C ILE B 832 -33.16 2.48 66.43
N MET B 833 -32.46 1.78 65.53
CA MET B 833 -32.76 0.39 65.23
C MET B 833 -32.16 -0.54 66.27
N LYS B 834 -31.17 -0.05 67.03
CA LYS B 834 -30.62 -0.79 68.15
C LYS B 834 -31.62 -0.81 69.31
N THR B 835 -32.49 0.21 69.36
CA THR B 835 -33.52 0.30 70.38
C THR B 835 -34.59 -0.76 70.15
N VAL B 836 -34.95 -0.99 68.88
CA VAL B 836 -36.02 -1.91 68.52
C VAL B 836 -35.54 -3.35 68.71
N THR B 837 -34.32 -3.64 68.27
CA THR B 837 -33.78 -5.00 68.29
C THR B 837 -33.54 -5.45 69.73
N THR B 838 -33.13 -4.53 70.61
CA THR B 838 -32.89 -4.84 72.01
C THR B 838 -34.22 -4.98 72.75
N ALA B 839 -35.23 -4.22 72.32
CA ALA B 839 -36.56 -4.26 72.96
C ALA B 839 -37.23 -5.61 72.73
N LYS B 840 -36.92 -6.27 71.59
CA LYS B 840 -37.42 -7.60 71.31
C LYS B 840 -36.76 -8.62 72.24
N GLU B 841 -35.47 -8.43 72.51
CA GLU B 841 -34.68 -9.37 73.31
C GLU B 841 -35.14 -9.33 74.77
N LEU B 842 -35.65 -8.18 75.21
CA LEU B 842 -36.15 -8.01 76.57
C LEU B 842 -37.50 -8.70 76.73
N SER B 843 -38.34 -8.63 75.69
CA SER B 843 -39.66 -9.26 75.71
C SER B 843 -39.52 -10.79 75.60
N GLN B 844 -38.36 -11.26 75.13
CA GLN B 844 -38.04 -12.68 75.14
C GLN B 844 -37.82 -13.16 76.57
N GLN B 845 -37.17 -12.32 77.39
CA GLN B 845 -36.91 -12.65 78.79
C GLN B 845 -38.24 -12.73 79.53
N LYS B 846 -38.72 -13.96 79.76
CA LYS B 846 -40.02 -14.20 80.36
C LYS B 846 -39.99 -13.85 81.84
N ASP B 847 -38.94 -14.28 82.54
CA ASP B 847 -38.83 -14.10 83.98
C ASP B 847 -37.87 -12.95 84.29
N LYS B 848 -38.15 -11.78 83.71
CA LYS B 848 -37.35 -10.58 83.91
C LYS B 848 -38.16 -9.57 84.72
N PHE B 849 -39.24 -9.08 84.11
CA PHE B 849 -40.08 -8.04 84.71
C PHE B 849 -41.53 -8.46 84.59
N SER B 850 -42.38 -7.88 85.45
CA SER B 850 -43.82 -8.12 85.45
C SER B 850 -44.42 -7.86 84.07
N GLN B 851 -45.66 -8.34 83.90
CA GLN B 851 -46.40 -8.17 82.66
C GLN B 851 -46.80 -6.71 82.47
N LYS B 852 -46.92 -5.97 83.59
CA LYS B 852 -47.34 -4.57 83.57
C LYS B 852 -46.31 -3.71 82.84
N MET B 853 -45.02 -4.04 83.00
CA MET B 853 -43.94 -3.27 82.39
C MET B 853 -43.55 -3.87 81.04
N LEU B 854 -43.71 -5.19 80.89
CA LEU B 854 -43.44 -5.86 79.63
C LEU B 854 -44.45 -5.41 78.57
N ASP B 855 -45.68 -5.10 79.00
CA ASP B 855 -46.72 -4.60 78.12
C ASP B 855 -46.44 -3.14 77.74
N GLU B 856 -45.83 -2.38 78.66
CA GLU B 856 -45.43 -1.02 78.39
C GLU B 856 -44.33 -0.99 77.33
N LEU B 857 -43.48 -2.03 77.31
CA LEU B 857 -42.40 -2.14 76.34
C LEU B 857 -42.97 -2.33 74.93
N LYS B 858 -43.91 -3.27 74.79
CA LYS B 858 -44.45 -3.64 73.50
C LYS B 858 -45.22 -2.48 72.87
N ILE B 859 -45.91 -1.70 73.70
CA ILE B 859 -46.71 -0.57 73.22
C ILE B 859 -45.79 0.56 72.74
N LYS B 860 -44.62 0.69 73.38
CA LYS B 860 -43.64 1.71 73.02
C LYS B 860 -42.86 1.27 71.78
N GLU B 861 -42.63 -0.05 71.65
CA GLU B 861 -41.84 -0.58 70.54
C GLU B 861 -42.67 -0.59 69.26
N MET B 862 -43.96 -0.96 69.37
CA MET B 862 -44.83 -1.06 68.21
C MET B 862 -45.17 0.33 67.70
N ALA B 863 -45.15 1.32 68.60
CA ALA B 863 -45.36 2.72 68.24
C ALA B 863 -44.26 3.19 67.30
N LEU B 864 -43.01 2.83 67.63
CA LEU B 864 -41.85 3.20 66.84
C LEU B 864 -41.87 2.44 65.51
N GLU B 865 -42.04 1.11 65.58
CA GLU B 865 -42.01 0.26 64.41
C GLU B 865 -43.12 0.64 63.43
N THR B 866 -44.21 1.22 63.95
CA THR B 866 -45.29 1.73 63.12
C THR B 866 -44.82 2.96 62.34
N SER B 867 -44.08 3.84 63.02
CA SER B 867 -43.59 5.07 62.41
C SER B 867 -42.41 4.80 61.49
N LEU B 868 -41.74 3.65 61.66
CA LEU B 868 -40.70 3.21 60.75
C LEU B 868 -41.31 2.76 59.43
N ASN B 869 -42.34 1.89 59.51
CA ASN B 869 -42.98 1.31 58.34
C ASN B 869 -44.21 2.13 57.96
N SER B 870 -44.21 3.43 58.29
CA SER B 870 -45.27 4.33 57.87
C SER B 870 -45.08 4.70 56.40
N LYS B 871 -46.21 4.92 55.69
CA LYS B 871 -46.18 5.28 54.28
C LYS B 871 -45.53 6.66 54.14
N ILE B 872 -46.06 7.63 54.90
CA ILE B 872 -45.40 8.93 55.04
C ILE B 872 -44.30 8.77 56.08
N PHE B 873 -43.08 9.21 55.72
CA PHE B 873 -41.92 9.04 56.58
C PHE B 873 -41.65 10.33 57.36
N ASP B 874 -42.30 10.46 58.52
CA ASP B 874 -42.05 11.54 59.45
C ASP B 874 -40.93 11.11 60.38
N VAL B 875 -39.82 11.86 60.35
CA VAL B 875 -38.63 11.54 61.14
C VAL B 875 -38.86 11.96 62.59
N THR B 876 -39.58 13.07 62.79
CA THR B 876 -39.86 13.61 64.11
C THR B 876 -40.65 12.58 64.94
N ALA B 877 -41.60 11.90 64.29
CA ALA B 877 -42.43 10.90 64.94
C ALA B 877 -41.58 9.68 65.31
N ILE B 878 -40.59 9.36 64.47
CA ILE B 878 -39.68 8.25 64.72
C ILE B 878 -38.71 8.63 65.84
N ASN B 879 -38.25 9.88 65.84
CA ASN B 879 -37.35 10.39 66.87
C ASN B 879 -38.06 10.45 68.22
N ALA B 880 -39.36 10.76 68.19
CA ALA B 880 -40.17 10.87 69.40
C ALA B 880 -40.34 9.49 70.05
N ASN B 881 -40.75 8.51 69.23
CA ASN B 881 -41.04 7.16 69.70
C ASN B 881 -39.74 6.45 70.11
N ALA B 882 -38.63 6.83 69.47
CA ALA B 882 -37.32 6.31 69.83
C ALA B 882 -36.88 6.86 71.17
N GLY B 883 -37.12 8.17 71.39
CA GLY B 883 -36.80 8.83 72.64
C GLY B 883 -37.61 8.29 73.82
N VAL B 884 -38.86 7.88 73.53
CA VAL B 884 -39.73 7.26 74.53
C VAL B 884 -39.17 5.89 74.91
N LEU B 885 -38.72 5.15 73.90
CA LEU B 885 -38.26 3.77 74.09
C LEU B 885 -36.80 3.76 74.55
N LYS B 886 -36.09 4.88 74.39
CA LYS B 886 -34.68 4.98 74.73
C LYS B 886 -34.50 4.77 76.24
N ASP B 887 -35.12 5.65 77.03
CA ASP B 887 -34.97 5.65 78.48
C ASP B 887 -35.86 4.57 79.11
N CYS B 888 -36.75 3.97 78.32
CA CYS B 888 -37.62 2.90 78.78
C CYS B 888 -36.81 1.65 79.11
N ILE B 889 -35.67 1.46 78.43
CA ILE B 889 -34.81 0.32 78.69
C ILE B 889 -34.06 0.56 80.00
N GLU B 890 -34.20 -0.40 80.93
CA GLU B 890 -33.62 -0.30 82.26
C GLU B 890 -32.41 -1.24 82.37
N LYS B 891 -32.65 -2.54 82.14
CA LYS B 891 -31.63 -3.58 82.23
C LYS B 891 -31.49 -4.02 83.69
N ARG B 892 -30.75 -5.13 83.88
CA ARG B 892 -30.57 -5.72 85.20
C ARG B 892 -29.55 -6.87 85.10
N LYS C 5 -19.70 -54.25 -15.29
CA LYS C 5 -18.85 -53.46 -16.22
C LYS C 5 -19.45 -53.53 -17.62
N ILE C 6 -20.14 -52.46 -18.03
CA ILE C 6 -20.75 -52.38 -19.35
C ILE C 6 -19.62 -52.28 -20.39
N PRO C 7 -19.73 -52.99 -21.54
CA PRO C 7 -18.74 -52.88 -22.60
C PRO C 7 -18.87 -51.56 -23.36
N MET C 8 -17.71 -50.95 -23.67
CA MET C 8 -17.65 -49.65 -24.30
C MET C 8 -16.61 -49.66 -25.42
N LYS C 9 -16.86 -48.86 -26.47
CA LYS C 9 -15.96 -48.76 -27.60
C LYS C 9 -14.67 -48.08 -27.14
N PRO C 10 -13.50 -48.41 -27.73
CA PRO C 10 -12.23 -47.81 -27.32
C PRO C 10 -12.12 -46.33 -27.65
N LEU C 11 -11.08 -45.69 -27.11
CA LEU C 11 -10.86 -44.26 -27.30
C LEU C 11 -10.46 -43.99 -28.76
N HIS C 12 -11.15 -43.02 -29.38
CA HIS C 12 -10.93 -42.70 -30.77
C HIS C 12 -11.21 -41.22 -31.01
N GLY C 13 -10.60 -40.67 -32.07
CA GLY C 13 -10.83 -39.30 -32.49
C GLY C 13 -10.39 -38.28 -31.45
N PRO C 14 -10.75 -36.98 -31.60
CA PRO C 14 -10.49 -35.99 -30.58
C PRO C 14 -11.40 -36.18 -29.37
N LEU C 15 -10.82 -36.09 -28.17
CA LEU C 15 -11.55 -36.28 -26.93
C LEU C 15 -11.90 -34.92 -26.33
N TYR C 16 -12.88 -34.92 -25.42
CA TYR C 16 -13.21 -33.76 -24.62
C TYR C 16 -13.40 -34.20 -23.16
N GLY C 17 -12.47 -33.78 -22.30
CA GLY C 17 -12.57 -34.05 -20.87
C GLY C 17 -13.38 -32.99 -20.14
N GLY C 18 -13.64 -33.24 -18.85
CA GLY C 18 -14.40 -32.31 -18.03
C GLY C 18 -14.41 -32.72 -16.57
N TYR C 19 -13.75 -31.92 -15.72
CA TYR C 19 -13.74 -32.14 -14.28
C TYR C 19 -15.04 -31.58 -13.69
N PHE C 20 -15.96 -32.48 -13.34
CA PHE C 20 -17.19 -32.10 -12.66
C PHE C 20 -16.92 -32.01 -11.17
N ARG C 21 -17.24 -30.85 -10.59
CA ARG C 21 -17.08 -30.61 -9.16
C ARG C 21 -18.25 -31.26 -8.43
N THR C 22 -17.94 -32.13 -7.47
CA THR C 22 -18.93 -32.99 -6.84
C THR C 22 -19.97 -32.17 -6.08
N TRP C 23 -19.54 -31.06 -5.47
CA TRP C 23 -20.38 -30.31 -4.55
C TRP C 23 -21.42 -29.47 -5.29
N HIS C 24 -21.35 -29.45 -6.63
CA HIS C 24 -22.38 -28.81 -7.44
C HIS C 24 -23.46 -29.80 -7.86
N ASP C 25 -23.26 -31.09 -7.56
CA ASP C 25 -24.29 -32.10 -7.80
C ASP C 25 -25.45 -31.84 -6.84
N LYS C 26 -26.66 -32.20 -7.30
CA LYS C 26 -27.88 -31.97 -6.53
C LYS C 26 -27.92 -32.92 -5.32
N THR C 27 -27.35 -34.12 -5.47
CA THR C 27 -27.41 -35.15 -4.45
C THR C 27 -26.24 -35.02 -3.47
N SER C 28 -25.31 -34.10 -3.72
CA SER C 28 -24.11 -33.97 -2.91
C SER C 28 -24.46 -33.49 -1.51
N ASP C 29 -25.35 -32.49 -1.42
CA ASP C 29 -25.77 -31.95 -0.14
C ASP C 29 -27.23 -31.51 -0.26
N PRO C 30 -28.19 -32.24 0.36
CA PRO C 30 -29.61 -31.87 0.27
C PRO C 30 -29.98 -30.56 0.96
N THR C 31 -29.15 -30.12 1.93
CA THR C 31 -29.36 -28.87 2.62
C THR C 31 -29.15 -27.70 1.65
N GLU C 32 -28.12 -27.80 0.80
CA GLU C 32 -27.86 -26.82 -0.24
C GLU C 32 -28.85 -27.04 -1.40
N VAL C 36 -28.43 -27.35 -8.56
CA VAL C 36 -29.45 -27.97 -9.45
C VAL C 36 -28.77 -28.71 -10.60
N ASN C 37 -27.45 -28.96 -10.49
CA ASN C 37 -26.70 -29.65 -11.53
C ASN C 37 -26.66 -31.13 -11.21
N SER C 38 -26.20 -31.93 -12.18
CA SER C 38 -26.03 -33.37 -12.01
C SER C 38 -24.94 -33.87 -12.95
N MET C 39 -24.24 -34.92 -12.51
CA MET C 39 -23.10 -35.46 -13.23
C MET C 39 -23.58 -36.42 -14.32
N GLY C 40 -24.82 -36.91 -14.20
CA GLY C 40 -25.41 -37.77 -15.20
C GLY C 40 -25.90 -37.01 -16.43
N GLU C 41 -26.07 -35.68 -16.30
CA GLU C 41 -26.59 -34.84 -17.35
C GLU C 41 -25.53 -34.56 -18.42
N LEU C 42 -24.28 -34.96 -18.15
CA LEU C 42 -23.19 -34.80 -19.11
C LEU C 42 -23.54 -35.53 -20.40
N PRO C 43 -23.42 -34.88 -21.58
CA PRO C 43 -23.84 -35.48 -22.85
C PRO C 43 -22.87 -36.52 -23.39
N LYS C 44 -23.18 -37.04 -24.59
CA LYS C 44 -22.36 -38.06 -25.25
C LYS C 44 -21.10 -37.43 -25.82
N GLU C 45 -21.11 -36.11 -26.03
CA GLU C 45 -19.94 -35.38 -26.51
C GLU C 45 -18.79 -35.50 -25.53
N VAL C 46 -19.10 -35.46 -24.23
CA VAL C 46 -18.11 -35.59 -23.18
C VAL C 46 -17.58 -37.02 -23.18
N ASP C 47 -16.29 -37.18 -23.51
CA ASP C 47 -15.64 -38.47 -23.56
C ASP C 47 -15.25 -38.91 -22.15
N LEU C 48 -14.60 -38.00 -21.41
CA LEU C 48 -14.12 -38.27 -20.08
C LEU C 48 -14.83 -37.37 -19.07
N ALA C 49 -15.26 -37.96 -17.95
CA ALA C 49 -15.89 -37.22 -16.87
C ALA C 49 -15.12 -37.47 -15.58
N PHE C 50 -14.28 -36.50 -15.20
CA PHE C 50 -13.41 -36.63 -14.03
C PHE C 50 -14.19 -36.22 -12.78
N ILE C 51 -13.95 -36.95 -11.69
CA ILE C 51 -14.61 -36.69 -10.41
C ILE C 51 -13.67 -35.89 -9.53
N PHE C 52 -13.83 -34.55 -9.56
CA PHE C 52 -13.03 -33.65 -8.74
C PHE C 52 -13.75 -33.44 -7.40
N HIS C 53 -13.30 -34.18 -6.38
CA HIS C 53 -14.01 -34.26 -5.11
C HIS C 53 -13.37 -33.34 -4.07
N ASP C 54 -14.21 -32.48 -3.47
CA ASP C 54 -13.84 -31.71 -2.29
C ASP C 54 -15.13 -31.15 -1.67
N TRP C 55 -15.06 -30.82 -0.38
CA TRP C 55 -16.17 -30.22 0.37
C TRP C 55 -17.31 -31.22 0.57
N THR C 56 -17.74 -31.89 -0.51
CA THR C 56 -18.72 -32.97 -0.43
C THR C 56 -18.34 -33.91 0.70
N LYS C 57 -19.35 -34.39 1.45
CA LYS C 57 -19.14 -35.16 2.66
C LYS C 57 -18.61 -36.56 2.32
N ASP C 58 -17.96 -37.18 3.29
CA ASP C 58 -17.34 -38.49 3.13
C ASP C 58 -18.41 -39.51 2.72
N TYR C 59 -19.49 -39.56 3.49
CA TYR C 59 -20.62 -40.44 3.20
C TYR C 59 -21.80 -39.61 2.71
N SER C 60 -21.59 -38.92 1.59
CA SER C 60 -22.62 -38.14 0.92
C SER C 60 -23.55 -39.06 0.14
N LEU C 61 -24.72 -38.53 -0.22
CA LEU C 61 -25.71 -39.27 -0.99
C LEU C 61 -25.30 -39.30 -2.47
N PHE C 62 -24.29 -38.50 -2.82
CA PHE C 62 -23.76 -38.45 -4.18
C PHE C 62 -23.17 -39.80 -4.58
N TRP C 63 -22.50 -40.47 -3.63
CA TRP C 63 -21.76 -41.69 -3.91
C TRP C 63 -22.70 -42.83 -4.29
N LYS C 64 -23.91 -42.83 -3.69
CA LYS C 64 -24.95 -43.79 -4.04
C LYS C 64 -25.46 -43.49 -5.45
N GLU C 65 -25.70 -42.19 -5.73
CA GLU C 65 -26.27 -41.74 -6.99
C GLU C 65 -25.25 -41.91 -8.11
N LEU C 66 -23.95 -41.83 -7.77
CA LEU C 66 -22.88 -41.92 -8.75
C LEU C 66 -22.79 -43.35 -9.30
N ALA C 67 -22.58 -44.31 -8.39
CA ALA C 67 -22.29 -45.69 -8.76
C ALA C 67 -23.51 -46.35 -9.39
N THR C 68 -24.71 -46.00 -8.88
CA THR C 68 -25.95 -46.67 -9.26
C THR C 68 -26.52 -46.06 -10.54
N LYS C 69 -26.81 -44.76 -10.51
CA LYS C 69 -27.59 -44.10 -11.55
C LYS C 69 -26.70 -43.54 -12.66
N HIS C 70 -25.64 -42.83 -12.26
CA HIS C 70 -24.87 -41.99 -13.17
C HIS C 70 -23.94 -42.84 -14.04
N VAL C 71 -23.09 -43.65 -13.41
CA VAL C 71 -22.01 -44.35 -14.10
C VAL C 71 -22.57 -45.16 -15.27
N PRO C 72 -23.63 -45.99 -15.07
CA PRO C 72 -24.21 -46.76 -16.17
C PRO C 72 -24.85 -45.92 -17.27
N LYS C 73 -25.47 -44.79 -16.89
CA LYS C 73 -26.09 -43.88 -17.83
C LYS C 73 -25.03 -43.29 -18.76
N LEU C 74 -23.89 -42.90 -18.17
CA LEU C 74 -22.79 -42.31 -18.91
C LEU C 74 -22.12 -43.36 -19.80
N ASN C 75 -21.97 -44.58 -19.27
CA ASN C 75 -21.36 -45.67 -20.01
C ASN C 75 -22.26 -46.12 -21.15
N LYS C 76 -23.59 -45.97 -20.96
CA LYS C 76 -24.56 -46.34 -21.97
C LYS C 76 -24.43 -45.44 -23.19
N GLN C 77 -24.43 -44.12 -22.95
CA GLN C 77 -24.33 -43.13 -24.02
C GLN C 77 -22.92 -43.13 -24.62
N GLY C 78 -21.92 -43.44 -23.78
CA GLY C 78 -20.54 -43.54 -24.23
C GLY C 78 -19.66 -42.47 -23.60
N THR C 79 -19.59 -42.49 -22.26
CA THR C 79 -18.83 -41.51 -21.48
C THR C 79 -18.21 -42.22 -20.28
N ARG C 80 -16.87 -42.28 -20.25
CA ARG C 80 -16.15 -42.93 -19.17
C ARG C 80 -16.12 -42.01 -17.95
N VAL C 81 -16.11 -42.62 -16.76
CA VAL C 81 -16.01 -41.89 -15.49
C VAL C 81 -14.64 -42.20 -14.87
N ILE C 82 -13.96 -41.16 -14.40
CA ILE C 82 -12.61 -41.27 -13.87
C ILE C 82 -12.55 -40.57 -12.51
N ARG C 83 -11.82 -41.18 -11.56
CA ARG C 83 -11.61 -40.59 -10.24
C ARG C 83 -10.27 -39.86 -10.25
N THR C 84 -10.28 -38.62 -9.75
CA THR C 84 -9.08 -37.80 -9.67
C THR C 84 -8.56 -37.76 -8.24
N ILE C 85 -7.50 -38.53 -7.97
CA ILE C 85 -6.80 -38.48 -6.70
C ILE C 85 -5.60 -37.54 -6.84
N PRO C 86 -5.15 -36.88 -5.75
CA PRO C 86 -3.94 -36.06 -5.79
C PRO C 86 -2.66 -36.88 -5.78
N TRP C 87 -1.52 -36.19 -5.90
CA TRP C 87 -0.20 -36.81 -5.97
C TRP C 87 0.11 -37.53 -4.67
N ARG C 88 -0.30 -36.94 -3.55
CA ARG C 88 0.16 -37.35 -2.23
C ARG C 88 -0.57 -38.60 -1.74
N PHE C 89 -1.62 -39.02 -2.44
CA PHE C 89 -2.32 -40.25 -2.10
C PHE C 89 -1.46 -41.47 -2.46
N LEU C 90 -0.56 -41.31 -3.45
CA LEU C 90 0.37 -42.35 -3.84
C LEU C 90 1.48 -42.47 -2.80
N ALA C 91 1.88 -41.34 -2.22
CA ALA C 91 2.90 -41.33 -1.19
C ALA C 91 2.87 -39.98 -0.46
N GLY C 92 2.56 -40.00 0.84
CA GLY C 92 2.50 -38.79 1.64
C GLY C 92 1.96 -39.05 3.05
N GLY C 93 1.96 -37.98 3.86
CA GLY C 93 1.49 -38.05 5.24
C GLY C 93 0.33 -37.09 5.49
N ASP C 94 0.54 -35.81 5.14
CA ASP C 94 -0.46 -34.77 5.35
C ASP C 94 -1.62 -34.96 4.38
N ASN C 95 -2.75 -35.47 4.89
CA ASN C 95 -3.96 -35.65 4.12
C ASN C 95 -3.68 -36.52 2.89
N SER C 96 -3.18 -37.73 3.15
CA SER C 96 -2.77 -38.65 2.08
C SER C 96 -3.75 -39.81 1.95
N GLY C 97 -4.87 -39.76 2.68
CA GLY C 97 -5.95 -40.71 2.52
C GLY C 97 -5.54 -42.14 2.90
N ILE C 98 -5.13 -42.92 1.89
CA ILE C 98 -4.79 -44.32 2.06
C ILE C 98 -3.35 -44.44 2.57
N ALA C 99 -2.48 -43.52 2.13
CA ALA C 99 -1.06 -43.60 2.43
C ALA C 99 -0.75 -43.07 3.83
N GLU C 100 -1.76 -42.57 4.55
CA GLU C 100 -1.62 -42.18 5.94
C GLU C 100 -1.22 -43.39 6.78
N ASP C 101 -1.92 -44.50 6.56
CA ASP C 101 -1.70 -45.73 7.30
C ASP C 101 -0.43 -46.41 6.78
N THR C 102 0.73 -45.93 7.25
CA THR C 102 2.03 -46.39 6.78
C THR C 102 2.40 -47.72 7.42
N SER C 103 1.84 -48.00 8.61
CA SER C 103 2.07 -49.27 9.28
C SER C 103 1.38 -50.41 8.53
N LYS C 104 0.19 -50.12 7.98
CA LYS C 104 -0.53 -51.08 7.15
C LYS C 104 0.17 -51.25 5.82
N TYR C 105 0.48 -50.12 5.16
CA TYR C 105 1.12 -50.12 3.86
C TYR C 105 2.52 -49.51 4.00
N PRO C 106 3.58 -50.34 4.19
CA PRO C 106 4.93 -49.82 4.44
C PRO C 106 5.63 -49.34 3.17
N ASN C 107 6.78 -48.68 3.37
CA ASN C 107 7.60 -48.19 2.26
C ASN C 107 8.61 -49.29 1.89
N THR C 108 8.10 -50.32 1.21
CA THR C 108 8.91 -51.46 0.80
C THR C 108 8.50 -51.87 -0.62
N PRO C 109 9.29 -52.70 -1.32
CA PRO C 109 8.89 -53.26 -2.62
C PRO C 109 7.51 -53.91 -2.59
N GLU C 110 7.25 -54.68 -1.53
CA GLU C 110 5.98 -55.38 -1.35
C GLU C 110 4.91 -54.42 -0.85
N GLY C 111 5.32 -53.45 -0.02
CA GLY C 111 4.40 -52.52 0.62
C GLY C 111 3.70 -51.59 -0.37
N ASN C 112 4.45 -51.12 -1.38
CA ASN C 112 3.93 -50.20 -2.38
C ASN C 112 2.99 -50.95 -3.34
N LYS C 113 3.28 -52.24 -3.58
CA LYS C 113 2.46 -53.08 -4.43
C LYS C 113 1.09 -53.31 -3.78
N ALA C 114 1.07 -53.38 -2.44
CA ALA C 114 -0.16 -53.52 -1.67
C ALA C 114 -0.94 -52.21 -1.67
N LEU C 115 -0.21 -51.09 -1.65
CA LEU C 115 -0.82 -49.76 -1.66
C LEU C 115 -1.42 -49.46 -3.04
N ALA C 116 -0.76 -49.97 -4.09
CA ALA C 116 -1.23 -49.78 -5.46
C ALA C 116 -2.60 -50.44 -5.64
N LYS C 117 -2.75 -51.66 -5.10
CA LYS C 117 -4.00 -52.39 -5.17
C LYS C 117 -5.07 -51.69 -4.34
N ALA C 118 -4.67 -51.20 -3.16
CA ALA C 118 -5.59 -50.55 -2.22
C ALA C 118 -6.17 -49.27 -2.83
N ILE C 119 -5.33 -48.52 -3.55
CA ILE C 119 -5.73 -47.30 -4.22
C ILE C 119 -6.74 -47.62 -5.31
N VAL C 120 -6.37 -48.56 -6.21
CA VAL C 120 -7.18 -48.89 -7.37
C VAL C 120 -8.54 -49.42 -6.90
N ASP C 121 -8.53 -50.32 -5.92
CA ASP C 121 -9.75 -50.97 -5.44
C ASP C 121 -10.71 -49.94 -4.85
N GLU C 122 -10.17 -49.00 -4.06
CA GLU C 122 -10.96 -48.07 -3.29
C GLU C 122 -11.55 -46.98 -4.18
N TYR C 123 -10.85 -46.62 -5.27
CA TYR C 123 -11.23 -45.47 -6.08
C TYR C 123 -11.84 -45.92 -7.40
N VAL C 124 -11.16 -46.83 -8.11
CA VAL C 124 -11.58 -47.23 -9.45
C VAL C 124 -12.70 -48.26 -9.35
N TYR C 125 -12.41 -49.41 -8.71
CA TYR C 125 -13.29 -50.56 -8.74
C TYR C 125 -14.46 -50.40 -7.77
N LYS C 126 -14.35 -49.48 -6.80
CA LYS C 126 -15.36 -49.31 -5.77
C LYS C 126 -16.71 -49.03 -6.40
N TYR C 127 -16.80 -47.95 -7.21
CA TYR C 127 -18.05 -47.53 -7.81
C TYR C 127 -18.15 -48.02 -9.26
N ASN C 128 -17.19 -48.87 -9.67
CA ASN C 128 -17.14 -49.43 -11.00
C ASN C 128 -16.91 -48.32 -12.02
N LEU C 129 -15.83 -47.55 -11.78
CA LEU C 129 -15.45 -46.43 -12.64
C LEU C 129 -14.64 -46.97 -13.82
N ASP C 130 -14.13 -46.07 -14.67
CA ASP C 130 -13.50 -46.44 -15.92
C ASP C 130 -12.08 -45.88 -16.01
N GLY C 131 -11.50 -45.46 -14.89
CA GLY C 131 -10.12 -44.98 -14.90
C GLY C 131 -9.73 -44.23 -13.62
N LEU C 132 -8.42 -43.94 -13.51
CA LEU C 132 -7.83 -43.22 -12.40
C LEU C 132 -7.04 -42.04 -12.94
N ASP C 133 -6.97 -40.95 -12.16
CA ASP C 133 -6.29 -39.73 -12.57
C ASP C 133 -5.44 -39.22 -11.41
N VAL C 134 -4.17 -38.91 -11.69
CA VAL C 134 -3.20 -38.50 -10.69
C VAL C 134 -2.76 -37.07 -11.00
N ALA C 135 -2.91 -36.17 -10.01
CA ALA C 135 -2.65 -34.75 -10.19
C ALA C 135 -1.31 -34.37 -9.59
N VAL C 136 -0.26 -34.40 -10.41
CA VAL C 136 1.09 -34.04 -9.98
C VAL C 136 1.23 -32.52 -10.02
N LEU C 137 0.87 -31.87 -8.90
CA LEU C 137 0.94 -30.42 -8.76
C LEU C 137 1.81 -30.07 -7.56
N HIS C 138 2.16 -28.79 -7.44
CA HIS C 138 2.86 -28.26 -6.28
C HIS C 138 1.87 -28.06 -5.14
N ASP C 139 0.59 -27.93 -5.49
CA ASP C 139 -0.50 -27.80 -4.53
C ASP C 139 -0.75 -29.15 -3.86
N SER C 140 -0.50 -30.25 -4.58
CA SER C 140 -0.78 -31.59 -4.11
C SER C 140 0.50 -32.39 -3.86
N ILE C 141 1.65 -31.70 -3.86
CA ILE C 141 2.94 -32.36 -3.69
C ILE C 141 3.01 -32.99 -2.29
N PRO C 142 3.63 -34.19 -2.15
CA PRO C 142 3.79 -34.80 -0.82
C PRO C 142 4.53 -33.92 0.18
N LYS C 143 3.88 -33.64 1.31
CA LYS C 143 4.45 -32.81 2.36
C LYS C 143 4.41 -33.55 3.69
N VAL C 144 5.31 -33.17 4.60
CA VAL C 144 5.31 -33.64 5.97
C VAL C 144 5.43 -32.43 6.90
N ASP C 145 4.39 -32.20 7.70
CA ASP C 145 4.29 -31.06 8.59
C ASP C 145 4.34 -29.77 7.77
N LYS C 146 3.55 -29.74 6.67
CA LYS C 146 3.42 -28.58 5.81
C LYS C 146 4.79 -28.18 5.24
N LYS C 147 5.61 -29.18 4.89
CA LYS C 147 6.93 -28.96 4.30
C LYS C 147 7.21 -30.07 3.30
N GLU C 148 7.76 -29.69 2.14
CA GLU C 148 7.98 -30.59 1.02
C GLU C 148 8.83 -31.77 1.47
N ASP C 149 8.46 -32.97 1.00
CA ASP C 149 9.11 -34.21 1.42
C ASP C 149 9.86 -34.81 0.22
N THR C 150 11.15 -35.08 0.41
CA THR C 150 12.03 -35.57 -0.64
C THR C 150 11.82 -37.07 -0.85
N ALA C 151 11.74 -37.82 0.26
CA ALA C 151 11.58 -39.26 0.21
C ALA C 151 10.16 -39.64 -0.24
N GLY C 152 9.19 -38.75 0.02
CA GLY C 152 7.81 -38.96 -0.36
C GLY C 152 7.59 -38.86 -1.86
N VAL C 153 8.37 -38.00 -2.52
CA VAL C 153 8.29 -37.82 -3.96
C VAL C 153 8.97 -39.00 -4.66
N GLU C 154 10.02 -39.54 -4.04
CA GLU C 154 10.74 -40.69 -4.58
C GLU C 154 9.91 -41.97 -4.42
N ARG C 155 9.04 -42.00 -3.40
CA ARG C 155 8.17 -43.13 -3.15
C ARG C 155 7.03 -43.16 -4.16
N SER C 156 6.42 -41.98 -4.40
CA SER C 156 5.29 -41.85 -5.32
C SER C 156 5.68 -42.36 -6.71
N ILE C 157 6.92 -42.07 -7.13
CA ILE C 157 7.44 -42.53 -8.40
C ILE C 157 7.33 -44.06 -8.50
N GLN C 158 7.80 -44.75 -7.45
CA GLN C 158 7.83 -46.20 -7.42
C GLN C 158 6.40 -46.76 -7.33
N VAL C 159 5.54 -46.06 -6.58
CA VAL C 159 4.14 -46.46 -6.43
C VAL C 159 3.43 -46.31 -7.77
N PHE C 160 3.74 -45.24 -8.50
CA PHE C 160 3.12 -44.94 -9.78
C PHE C 160 3.43 -46.05 -10.78
N GLU C 161 4.61 -46.67 -10.67
CA GLU C 161 4.98 -47.79 -11.51
C GLU C 161 4.15 -49.02 -11.15
N GLU C 162 3.91 -49.22 -9.84
CA GLU C 162 3.18 -50.39 -9.35
C GLU C 162 1.71 -50.29 -9.74
N ILE C 163 1.14 -49.08 -9.69
CA ILE C 163 -0.25 -48.86 -10.10
C ILE C 163 -0.36 -49.09 -11.61
N GLY C 164 0.70 -48.74 -12.35
CA GLY C 164 0.74 -48.95 -13.80
C GLY C 164 0.79 -50.42 -14.18
N LYS C 165 1.27 -51.27 -13.25
CA LYS C 165 1.32 -52.71 -13.45
C LYS C 165 -0.05 -53.34 -13.19
N LEU C 166 -0.94 -52.61 -12.51
CA LEU C 166 -2.29 -53.07 -12.23
C LEU C 166 -3.24 -52.64 -13.35
N ILE C 167 -3.29 -51.33 -13.61
CA ILE C 167 -4.18 -50.76 -14.60
C ILE C 167 -3.37 -49.99 -15.64
N GLY C 168 -4.04 -49.58 -16.72
CA GLY C 168 -3.41 -48.82 -17.79
C GLY C 168 -2.93 -49.72 -18.93
N PRO C 169 -2.03 -49.23 -19.80
CA PRO C 169 -1.56 -50.00 -20.96
C PRO C 169 -0.77 -51.26 -20.60
N LYS C 170 0.12 -51.14 -19.60
CA LYS C 170 0.96 -52.24 -19.19
C LYS C 170 0.43 -52.84 -17.88
N GLY C 171 -0.87 -53.15 -17.85
CA GLY C 171 -1.53 -53.68 -16.67
C GLY C 171 -2.34 -54.93 -16.98
N VAL C 172 -2.75 -55.64 -15.92
CA VAL C 172 -3.57 -56.83 -16.05
C VAL C 172 -4.98 -56.41 -16.46
N ASP C 173 -5.47 -55.32 -15.87
CA ASP C 173 -6.81 -54.80 -16.14
C ASP C 173 -6.67 -53.54 -17.01
N LYS C 174 -6.71 -53.74 -18.33
CA LYS C 174 -6.43 -52.67 -19.29
C LYS C 174 -7.71 -51.93 -19.67
N SER C 175 -8.86 -52.41 -19.18
CA SER C 175 -10.14 -51.76 -19.46
C SER C 175 -10.20 -50.39 -18.77
N ARG C 176 -9.56 -50.29 -17.59
CA ARG C 176 -9.54 -49.06 -16.83
C ARG C 176 -8.32 -48.23 -17.23
N LEU C 177 -8.54 -46.92 -17.38
CA LEU C 177 -7.52 -45.99 -17.86
C LEU C 177 -6.62 -45.58 -16.69
N PHE C 178 -5.39 -45.16 -17.02
CA PHE C 178 -4.49 -44.55 -16.06
C PHE C 178 -4.00 -43.22 -16.63
N ILE C 179 -4.41 -42.12 -16.00
CA ILE C 179 -4.19 -40.78 -16.51
C ILE C 179 -3.38 -39.99 -15.49
N MET C 180 -2.66 -38.96 -15.98
CA MET C 180 -1.92 -38.04 -15.13
C MET C 180 -2.17 -36.62 -15.63
N ASP C 181 -2.49 -35.71 -14.70
CA ASP C 181 -2.66 -34.30 -15.03
C ASP C 181 -1.59 -33.49 -14.30
N SER C 182 -1.03 -32.49 -14.98
CA SER C 182 0.17 -31.81 -14.51
C SER C 182 0.18 -30.34 -14.98
N THR C 183 0.53 -29.44 -14.06
CA THR C 183 0.83 -28.06 -14.40
C THR C 183 2.32 -27.91 -14.68
N TYR C 184 3.13 -28.80 -14.08
CA TYR C 184 4.57 -28.84 -14.31
C TYR C 184 4.85 -29.09 -15.78
N MET C 185 6.09 -28.81 -16.19
CA MET C 185 6.56 -29.14 -17.53
C MET C 185 7.37 -30.44 -17.46
N ALA C 186 7.69 -31.00 -18.63
CA ALA C 186 8.31 -32.31 -18.72
C ALA C 186 9.62 -32.34 -17.94
N ASP C 187 10.42 -31.28 -18.08
CA ASP C 187 11.74 -31.21 -17.46
C ASP C 187 11.61 -31.08 -15.94
N LYS C 188 10.49 -30.50 -15.47
CA LYS C 188 10.30 -30.22 -14.06
C LYS C 188 9.62 -31.39 -13.34
N ASN C 189 8.58 -31.98 -13.97
CA ASN C 189 7.82 -33.05 -13.34
C ASN C 189 8.64 -34.34 -13.38
N PRO C 190 8.85 -35.02 -12.23
CA PRO C 190 9.73 -36.19 -12.16
C PRO C 190 9.10 -37.55 -12.48
N LEU C 191 7.77 -37.61 -12.56
CA LEU C 191 7.06 -38.88 -12.78
C LEU C 191 6.99 -39.23 -14.26
N ILE C 192 7.20 -38.23 -15.13
CA ILE C 192 7.04 -38.44 -16.57
C ILE C 192 8.07 -39.45 -17.07
N GLU C 193 9.30 -39.35 -16.55
CA GLU C 193 10.39 -40.24 -16.92
C GLU C 193 10.02 -41.69 -16.62
N ARG C 194 9.58 -41.92 -15.38
CA ARG C 194 9.34 -43.27 -14.86
C ARG C 194 8.05 -43.82 -15.46
N GLY C 195 6.96 -43.06 -15.29
CA GLY C 195 5.64 -43.52 -15.68
C GLY C 195 5.14 -42.85 -16.96
N ALA C 196 5.92 -43.00 -18.04
CA ALA C 196 5.51 -42.55 -19.36
C ALA C 196 4.71 -43.65 -20.05
N PRO C 197 5.21 -44.91 -20.13
CA PRO C 197 4.46 -46.01 -20.74
C PRO C 197 3.22 -46.46 -19.98
N TYR C 198 3.14 -46.12 -18.68
CA TYR C 198 2.10 -46.64 -17.80
C TYR C 198 0.83 -45.79 -17.85
N ILE C 199 0.85 -44.66 -18.57
CA ILE C 199 -0.32 -43.79 -18.65
C ILE C 199 -0.92 -43.88 -20.06
N ASN C 200 -2.24 -43.66 -20.14
CA ASN C 200 -2.96 -43.60 -21.39
C ASN C 200 -2.94 -42.17 -21.92
N LEU C 201 -3.31 -41.21 -21.07
CA LEU C 201 -3.42 -39.81 -21.43
C LEU C 201 -2.63 -38.95 -20.45
N LEU C 202 -2.14 -37.80 -20.95
CA LEU C 202 -1.59 -36.75 -20.12
C LEU C 202 -2.43 -35.50 -20.30
N LEU C 203 -2.79 -34.86 -19.18
CA LEU C 203 -3.67 -33.70 -19.18
C LEU C 203 -2.96 -32.49 -18.59
N VAL C 204 -2.32 -31.70 -19.45
CA VAL C 204 -1.66 -30.48 -19.03
C VAL C 204 -2.72 -29.41 -18.77
N GLN C 205 -2.57 -28.69 -17.65
CA GLN C 205 -3.51 -27.67 -17.24
C GLN C 205 -2.89 -26.30 -17.48
N VAL C 206 -3.47 -25.55 -18.43
CA VAL C 206 -2.86 -24.34 -18.94
C VAL C 206 -3.94 -23.26 -19.07
N TYR C 207 -4.53 -22.90 -17.93
CA TYR C 207 -5.60 -21.90 -17.91
C TYR C 207 -4.99 -20.52 -18.07
N GLY C 208 -5.77 -19.58 -18.63
CA GLY C 208 -5.35 -18.19 -18.77
C GLY C 208 -4.30 -18.01 -19.86
N SER C 209 -3.87 -16.75 -20.04
CA SER C 209 -2.86 -16.42 -21.03
C SER C 209 -1.48 -16.89 -20.59
N GLN C 210 -1.31 -17.10 -19.27
CA GLN C 210 -0.09 -17.67 -18.71
C GLN C 210 0.17 -19.05 -19.33
N GLY C 211 -0.92 -19.77 -19.60
CA GLY C 211 -0.83 -21.08 -20.24
C GLY C 211 -0.76 -20.98 -21.76
N GLU C 212 -1.59 -20.11 -22.34
CA GLU C 212 -1.72 -19.97 -23.78
C GLU C 212 -0.44 -19.34 -24.35
N LYS C 213 -0.16 -18.11 -23.93
CA LYS C 213 0.96 -17.34 -24.45
C LYS C 213 2.26 -17.83 -23.81
N GLY C 214 2.16 -18.32 -22.57
CA GLY C 214 3.33 -18.68 -21.78
C GLY C 214 3.73 -17.55 -20.84
N GLY C 215 4.47 -17.89 -19.79
CA GLY C 215 5.01 -16.90 -18.87
C GLY C 215 6.07 -16.04 -19.55
N TRP C 216 6.63 -15.08 -18.80
CA TRP C 216 7.60 -14.14 -19.32
C TRP C 216 8.92 -14.30 -18.58
N GLU C 217 10.04 -14.27 -19.32
CA GLU C 217 11.36 -14.28 -18.73
C GLU C 217 11.91 -12.86 -18.76
N PRO C 218 11.96 -12.13 -17.62
CA PRO C 218 12.37 -10.73 -17.60
C PRO C 218 13.83 -10.47 -18.01
N VAL C 219 14.74 -11.40 -17.67
CA VAL C 219 16.16 -11.23 -17.95
C VAL C 219 16.37 -11.39 -19.45
N SER C 220 15.62 -12.31 -20.06
CA SER C 220 15.66 -12.57 -21.49
C SER C 220 14.79 -11.56 -22.22
N ASN C 221 13.70 -11.13 -21.55
CA ASN C 221 12.69 -10.26 -22.12
C ASN C 221 11.99 -11.00 -23.25
N ARG C 222 11.74 -12.31 -23.03
CA ARG C 222 11.13 -13.18 -24.02
C ARG C 222 10.25 -14.20 -23.29
N PRO C 223 9.24 -14.79 -23.98
CA PRO C 223 8.31 -15.71 -23.32
C PRO C 223 8.93 -17.06 -22.97
N GLU C 224 8.49 -17.64 -21.84
CA GLU C 224 8.97 -18.92 -21.35
C GLU C 224 7.78 -19.85 -21.09
N LYS C 225 8.06 -21.15 -21.06
CA LYS C 225 7.07 -22.17 -20.74
C LYS C 225 5.81 -21.96 -21.57
N THR C 226 5.99 -21.77 -22.88
CA THR C 226 4.87 -21.55 -23.79
C THR C 226 4.14 -22.87 -24.01
N MET C 227 2.98 -22.77 -24.68
CA MET C 227 2.12 -23.93 -24.95
C MET C 227 2.88 -24.94 -25.78
N GLU C 228 3.70 -24.45 -26.74
CA GLU C 228 4.49 -25.28 -27.62
C GLU C 228 5.65 -25.90 -26.84
N GLU C 229 6.39 -25.06 -26.11
CA GLU C 229 7.55 -25.50 -25.35
C GLU C 229 7.13 -26.52 -24.28
N ARG C 230 5.92 -26.36 -23.74
CA ARG C 230 5.38 -27.28 -22.75
C ARG C 230 5.30 -28.68 -23.33
N TRP C 231 4.63 -28.81 -24.49
CA TRP C 231 4.50 -30.09 -25.17
C TRP C 231 5.87 -30.62 -25.60
N GLN C 232 6.71 -29.71 -26.10
CA GLN C 232 7.99 -30.07 -26.71
C GLN C 232 8.74 -31.05 -25.83
N GLY C 233 8.76 -30.78 -24.51
CA GLY C 233 9.41 -31.65 -23.54
C GLY C 233 8.68 -32.99 -23.37
N TYR C 234 7.34 -32.93 -23.38
CA TYR C 234 6.50 -34.11 -23.21
C TYR C 234 6.50 -34.98 -24.47
N SER C 235 6.86 -34.38 -25.62
CA SER C 235 6.87 -35.09 -26.89
C SER C 235 7.80 -36.29 -26.83
N LYS C 236 8.89 -36.17 -26.08
CA LYS C 236 9.88 -37.23 -25.94
C LYS C 236 9.29 -38.43 -25.22
N TYR C 237 8.41 -38.18 -24.24
CA TYR C 237 8.00 -39.20 -23.28
C TYR C 237 6.73 -39.92 -23.74
N ILE C 238 5.77 -39.18 -24.32
CA ILE C 238 4.51 -39.76 -24.73
C ILE C 238 4.25 -39.44 -26.20
N ARG C 239 3.29 -40.18 -26.78
CA ARG C 239 2.84 -39.95 -28.15
C ARG C 239 1.91 -38.74 -28.17
N PRO C 240 1.76 -38.06 -29.33
CA PRO C 240 0.97 -36.82 -29.41
C PRO C 240 -0.53 -37.02 -29.18
N GLU C 241 -1.05 -38.20 -29.51
CA GLU C 241 -2.47 -38.48 -29.38
C GLU C 241 -2.86 -38.66 -27.91
N GLN C 242 -1.86 -38.84 -27.03
CA GLN C 242 -2.09 -39.01 -25.61
C GLN C 242 -2.21 -37.64 -24.93
N TYR C 243 -1.69 -36.60 -25.59
CA TYR C 243 -1.61 -35.25 -25.01
C TYR C 243 -3.00 -34.62 -25.02
N MET C 244 -3.29 -33.83 -23.97
CA MET C 244 -4.56 -33.13 -23.83
C MET C 244 -4.36 -31.85 -23.02
N ILE C 245 -4.90 -30.74 -23.52
CA ILE C 245 -4.72 -29.43 -22.88
C ILE C 245 -6.01 -29.04 -22.16
N GLY C 246 -5.89 -28.18 -21.14
CA GLY C 246 -6.99 -27.86 -20.25
C GLY C 246 -7.29 -26.36 -20.17
N PHE C 247 -8.58 -26.02 -20.24
CA PHE C 247 -9.07 -24.69 -19.94
C PHE C 247 -9.99 -24.77 -18.72
N SER C 248 -10.48 -23.62 -18.24
CA SER C 248 -11.30 -23.56 -17.05
C SER C 248 -12.50 -22.65 -17.25
N PHE C 249 -13.66 -23.06 -16.71
CA PHE C 249 -14.85 -22.23 -16.65
C PHE C 249 -14.78 -21.33 -15.42
N TYR C 250 -15.69 -20.36 -15.34
CA TYR C 250 -15.75 -19.45 -14.20
C TYR C 250 -16.33 -20.17 -12.99
N GLU C 251 -15.53 -20.25 -11.92
CA GLU C 251 -16.01 -20.75 -10.63
C GLU C 251 -16.72 -19.61 -9.90
N GLU C 252 -17.81 -19.95 -9.19
CA GLU C 252 -18.64 -18.97 -8.51
C GLU C 252 -17.84 -18.29 -7.40
N ASN C 253 -17.98 -16.96 -7.31
CA ASN C 253 -17.27 -16.16 -6.32
C ASN C 253 -15.78 -16.52 -6.32
N ALA C 254 -15.17 -16.48 -7.51
CA ALA C 254 -13.74 -16.72 -7.65
C ALA C 254 -12.99 -15.47 -7.21
N GLN C 255 -11.75 -15.67 -6.73
CA GLN C 255 -10.94 -14.60 -6.17
C GLN C 255 -9.70 -14.40 -7.03
N GLU C 256 -8.92 -13.36 -6.72
CA GLU C 256 -7.71 -13.03 -7.43
C GLU C 256 -6.72 -14.19 -7.30
N GLY C 257 -6.08 -14.54 -8.42
CA GLY C 257 -5.20 -15.69 -8.50
C GLY C 257 -5.92 -16.94 -9.02
N ASN C 258 -7.15 -16.75 -9.50
CA ASN C 258 -7.93 -17.85 -10.06
C ASN C 258 -8.99 -17.28 -11.00
N LEU C 259 -8.59 -16.29 -11.82
CA LEU C 259 -9.46 -15.69 -12.82
C LEU C 259 -8.74 -15.73 -14.16
N TRP C 260 -9.13 -16.69 -15.01
CA TRP C 260 -8.39 -16.98 -16.23
C TRP C 260 -9.04 -16.31 -17.44
N TYR C 261 -10.34 -16.02 -17.34
CA TYR C 261 -11.10 -15.40 -18.42
C TYR C 261 -10.95 -16.22 -19.70
N ASP C 262 -11.20 -17.53 -19.59
CA ASP C 262 -11.07 -18.44 -20.72
C ASP C 262 -12.30 -18.31 -21.61
N ILE C 263 -13.50 -18.41 -21.02
CA ILE C 263 -14.75 -18.23 -21.75
C ILE C 263 -15.18 -16.76 -21.63
N ASN C 264 -16.12 -16.38 -22.50
CA ASN C 264 -16.51 -14.98 -22.66
C ASN C 264 -17.04 -14.42 -21.35
N SER C 265 -16.69 -13.15 -21.07
CA SER C 265 -17.09 -12.48 -19.84
C SER C 265 -18.48 -11.88 -20.00
N ARG C 266 -19.07 -11.45 -18.88
CA ARG C 266 -20.36 -10.79 -18.86
C ARG C 266 -20.17 -9.34 -19.33
N LYS C 267 -21.15 -8.84 -20.09
CA LYS C 267 -21.18 -7.45 -20.51
C LYS C 267 -21.69 -6.60 -19.34
N ASP C 268 -21.05 -5.44 -19.12
CA ASP C 268 -21.38 -4.58 -17.99
C ASP C 268 -22.79 -4.00 -18.18
N GLU C 269 -23.23 -3.89 -19.45
CA GLU C 269 -24.58 -3.49 -19.78
C GLU C 269 -25.56 -4.56 -19.28
N ASP C 270 -25.30 -5.82 -19.66
CA ASP C 270 -26.16 -6.94 -19.32
C ASP C 270 -25.94 -7.29 -17.84
N LYS C 271 -26.65 -6.57 -16.96
CA LYS C 271 -26.52 -6.75 -15.53
C LYS C 271 -27.30 -7.99 -15.09
N ALA C 272 -28.48 -8.19 -15.68
CA ALA C 272 -29.37 -9.29 -15.33
C ALA C 272 -28.80 -10.61 -15.85
N ASN C 273 -28.33 -10.60 -17.11
CA ASN C 273 -27.86 -11.82 -17.77
C ASN C 273 -26.48 -12.19 -17.22
N GLY C 274 -26.34 -13.47 -16.83
CA GLY C 274 -25.07 -14.02 -16.41
C GLY C 274 -24.76 -15.35 -17.10
N ILE C 275 -25.23 -15.46 -18.36
CA ILE C 275 -25.04 -16.65 -19.16
C ILE C 275 -24.47 -16.23 -20.52
N ASN C 276 -23.36 -16.87 -20.92
CA ASN C 276 -22.72 -16.59 -22.20
C ASN C 276 -22.23 -17.91 -22.78
N THR C 277 -23.14 -18.57 -23.52
CA THR C 277 -22.88 -19.88 -24.11
C THR C 277 -22.09 -19.73 -25.41
N ASP C 278 -21.96 -18.49 -25.91
CA ASP C 278 -21.16 -18.21 -27.09
C ASP C 278 -19.71 -18.59 -26.81
N ILE C 279 -19.09 -19.31 -27.75
CA ILE C 279 -17.76 -19.86 -27.58
C ILE C 279 -16.77 -19.14 -28.51
N THR C 280 -17.25 -18.15 -29.26
CA THR C 280 -16.44 -17.48 -30.27
C THR C 280 -15.57 -16.41 -29.60
N GLY C 281 -14.29 -16.39 -29.98
CA GLY C 281 -13.32 -15.47 -29.40
C GLY C 281 -12.95 -15.84 -27.97
N THR C 282 -12.97 -17.15 -27.67
CA THR C 282 -12.64 -17.66 -26.35
C THR C 282 -11.31 -18.41 -26.42
N ARG C 283 -10.70 -18.62 -25.26
CA ARG C 283 -9.45 -19.37 -25.15
C ARG C 283 -9.72 -20.85 -25.37
N ALA C 284 -10.90 -21.31 -24.92
CA ALA C 284 -11.31 -22.70 -25.07
C ALA C 284 -11.40 -23.07 -26.54
N GLU C 285 -12.01 -22.18 -27.34
CA GLU C 285 -12.24 -22.43 -28.75
C GLU C 285 -10.90 -22.50 -29.48
N ARG C 286 -9.95 -21.65 -29.08
CA ARG C 286 -8.61 -21.65 -29.65
C ARG C 286 -7.86 -22.92 -29.23
N TYR C 287 -8.07 -23.34 -27.98
CA TYR C 287 -7.50 -24.58 -27.48
C TYR C 287 -8.09 -25.77 -28.22
N ALA C 288 -9.38 -25.69 -28.56
CA ALA C 288 -10.05 -26.75 -29.32
C ALA C 288 -9.39 -26.91 -30.68
N ARG C 289 -8.98 -25.78 -31.29
CA ARG C 289 -8.45 -25.77 -32.64
C ARG C 289 -6.94 -26.01 -32.64
N TRP C 290 -6.28 -25.89 -31.48
CA TRP C 290 -4.83 -25.94 -31.40
C TRP C 290 -4.31 -27.34 -31.72
N GLN C 291 -3.26 -27.39 -32.54
CA GLN C 291 -2.55 -28.62 -32.84
C GLN C 291 -1.05 -28.35 -32.79
N PRO C 292 -0.23 -29.26 -32.18
CA PRO C 292 1.23 -29.07 -32.13
C PRO C 292 1.86 -28.85 -33.51
N LYS C 293 3.03 -28.20 -33.52
CA LYS C 293 3.74 -27.89 -34.75
C LYS C 293 4.49 -29.13 -35.24
N THR C 294 4.85 -30.03 -34.32
CA THR C 294 5.57 -31.24 -34.65
C THR C 294 4.97 -32.41 -33.89
N GLY C 295 5.44 -33.63 -34.21
CA GLY C 295 5.03 -34.83 -33.51
C GLY C 295 3.74 -35.41 -34.08
N GLY C 296 2.63 -34.70 -33.85
CA GLY C 296 1.32 -35.12 -34.33
C GLY C 296 0.20 -34.30 -33.71
N VAL C 297 -1.05 -34.72 -33.99
CA VAL C 297 -2.23 -34.05 -33.47
C VAL C 297 -2.45 -34.47 -32.03
N LYS C 298 -3.08 -33.58 -31.25
CA LYS C 298 -3.30 -33.81 -29.83
C LYS C 298 -4.48 -34.77 -29.64
N GLY C 299 -4.62 -35.29 -28.42
CA GLY C 299 -5.70 -36.18 -28.06
C GLY C 299 -7.03 -35.45 -27.90
N GLY C 300 -6.96 -34.17 -27.51
CA GLY C 300 -8.14 -33.34 -27.34
C GLY C 300 -7.91 -32.22 -26.33
N ILE C 301 -9.00 -31.71 -25.76
CA ILE C 301 -8.94 -30.73 -24.70
C ILE C 301 -9.72 -31.25 -23.51
N PHE C 302 -9.76 -30.45 -22.44
CA PHE C 302 -10.65 -30.72 -21.31
C PHE C 302 -10.95 -29.42 -20.57
N SER C 303 -12.09 -29.40 -19.87
CA SER C 303 -12.51 -28.26 -19.09
C SER C 303 -12.28 -28.53 -17.61
N TYR C 304 -12.31 -27.46 -16.81
CA TYR C 304 -12.35 -27.55 -15.36
C TYR C 304 -13.62 -26.84 -14.87
N ALA C 305 -14.26 -27.44 -13.87
CA ALA C 305 -15.56 -26.99 -13.40
C ALA C 305 -16.55 -26.98 -14.57
N ILE C 306 -16.75 -28.17 -15.18
CA ILE C 306 -17.63 -28.32 -16.33
C ILE C 306 -19.08 -28.04 -15.92
N ASP C 307 -19.36 -28.16 -14.62
CA ASP C 307 -20.66 -27.79 -14.05
C ASP C 307 -20.98 -26.32 -14.32
N ARG C 308 -19.95 -25.51 -14.61
CA ARG C 308 -20.12 -24.10 -14.95
C ARG C 308 -20.03 -23.90 -16.45
N ASP C 309 -20.70 -24.78 -17.21
CA ASP C 309 -20.68 -24.72 -18.66
C ASP C 309 -21.69 -23.67 -19.12
N GLY C 310 -21.22 -22.70 -19.92
CA GLY C 310 -22.07 -21.67 -20.49
C GLY C 310 -22.18 -20.44 -19.60
N VAL C 311 -21.68 -20.54 -18.36
CA VAL C 311 -21.74 -19.44 -17.41
C VAL C 311 -20.69 -18.41 -17.82
N ALA C 312 -21.11 -17.14 -17.86
CA ALA C 312 -20.24 -16.05 -18.26
C ALA C 312 -19.23 -15.76 -17.16
N HIS C 313 -18.08 -15.20 -17.54
CA HIS C 313 -17.02 -14.88 -16.60
C HIS C 313 -17.30 -13.51 -15.99
N GLN C 314 -16.99 -13.37 -14.69
CA GLN C 314 -17.12 -12.10 -14.01
C GLN C 314 -16.17 -11.09 -14.66
N PRO C 315 -16.65 -9.89 -15.05
CA PRO C 315 -15.79 -8.87 -15.66
C PRO C 315 -14.47 -8.63 -14.92
N LYS C 316 -13.47 -8.15 -15.67
CA LYS C 316 -12.14 -7.91 -15.13
C LYS C 316 -12.16 -6.71 -14.19
N LYS C 317 -13.11 -5.79 -14.41
CA LYS C 317 -13.21 -4.56 -13.63
C LYS C 317 -13.54 -4.89 -12.18
N TYR C 318 -14.40 -5.89 -11.95
CA TYR C 318 -14.85 -6.25 -10.62
C TYR C 318 -14.01 -7.39 -10.05
N ALA C 319 -12.79 -7.57 -10.56
CA ALA C 319 -11.90 -8.63 -10.11
C ALA C 319 -11.22 -8.23 -8.80
N LYS C 320 -11.11 -6.92 -8.57
CA LYS C 320 -10.46 -6.39 -7.37
C LYS C 320 -11.34 -6.61 -6.15
N GLN C 321 -12.60 -6.19 -6.24
CA GLN C 321 -13.53 -6.24 -5.12
C GLN C 321 -13.86 -7.69 -4.78
N LYS C 322 -13.44 -8.13 -3.58
CA LYS C 322 -13.57 -9.51 -3.16
C LYS C 322 -15.04 -9.85 -2.94
N GLU C 323 -15.69 -9.07 -2.07
CA GLU C 323 -17.09 -9.31 -1.71
C GLU C 323 -17.98 -8.66 -2.77
N PHE C 324 -18.17 -9.37 -3.89
CA PHE C 324 -18.97 -8.89 -5.00
C PHE C 324 -19.93 -9.99 -5.43
N LYS C 325 -21.23 -9.68 -5.43
CA LYS C 325 -22.26 -10.63 -5.84
C LYS C 325 -22.70 -10.28 -7.27
N ASP C 326 -21.98 -10.81 -8.25
CA ASP C 326 -22.28 -10.59 -9.66
C ASP C 326 -23.34 -11.60 -10.08
N ALA C 327 -23.96 -11.36 -11.25
CA ALA C 327 -24.94 -12.27 -11.82
C ALA C 327 -24.29 -13.60 -12.18
N THR C 328 -22.99 -13.59 -12.49
CA THR C 328 -22.25 -14.78 -12.85
C THR C 328 -21.97 -15.65 -11.62
N ASP C 329 -21.94 -15.02 -10.44
CA ASP C 329 -21.64 -15.72 -9.19
C ASP C 329 -22.82 -16.59 -8.77
N ASN C 330 -24.00 -16.35 -9.34
CA ASN C 330 -25.15 -17.23 -9.15
C ASN C 330 -24.88 -18.56 -9.86
N ILE C 331 -25.54 -19.63 -9.37
CA ILE C 331 -25.36 -20.96 -9.93
C ILE C 331 -26.52 -21.23 -10.89
N PHE C 332 -26.22 -21.87 -12.03
CA PHE C 332 -27.20 -22.10 -13.07
C PHE C 332 -27.21 -23.57 -13.47
N HIS C 333 -28.36 -24.04 -13.97
CA HIS C 333 -28.53 -25.39 -14.48
C HIS C 333 -28.04 -25.43 -15.93
N SER C 334 -26.78 -25.81 -16.11
CA SER C 334 -26.14 -25.81 -17.42
C SER C 334 -26.67 -26.97 -18.27
N ASP C 335 -26.89 -26.69 -19.56
CA ASP C 335 -27.31 -27.70 -20.52
C ASP C 335 -26.10 -28.18 -21.32
N TYR C 336 -24.90 -27.71 -20.93
CA TYR C 336 -23.64 -28.18 -21.49
C TYR C 336 -23.59 -27.89 -22.99
N SER C 337 -23.85 -26.63 -23.34
CA SER C 337 -23.86 -26.18 -24.73
C SER C 337 -22.43 -25.98 -25.23
N VAL C 338 -21.58 -25.41 -24.36
CA VAL C 338 -20.20 -25.09 -24.72
C VAL C 338 -19.42 -26.38 -24.92
N SER C 339 -19.59 -27.33 -24.01
CA SER C 339 -18.91 -28.62 -24.09
C SER C 339 -19.25 -29.31 -25.42
N LYS C 340 -20.54 -29.31 -25.77
CA LYS C 340 -21.01 -29.93 -27.01
C LYS C 340 -20.53 -29.12 -28.21
N ALA C 341 -20.51 -27.79 -28.07
CA ALA C 341 -20.08 -26.91 -29.15
C ALA C 341 -18.58 -27.08 -29.40
N LEU C 342 -17.79 -27.12 -28.32
CA LEU C 342 -16.34 -27.24 -28.42
C LEU C 342 -15.95 -28.62 -28.94
N LYS C 343 -16.77 -29.64 -28.61
CA LYS C 343 -16.54 -31.00 -29.09
C LYS C 343 -16.73 -31.03 -30.60
N THR C 344 -17.86 -30.48 -31.08
CA THR C 344 -18.19 -30.48 -32.50
C THR C 344 -17.16 -29.66 -33.29
N VAL C 345 -16.58 -28.64 -32.65
CA VAL C 345 -15.54 -27.83 -33.27
C VAL C 345 -14.31 -28.69 -33.54
N MET C 346 -14.01 -29.61 -32.61
CA MET C 346 -12.86 -30.50 -32.74
C MET C 346 -13.16 -31.59 -33.76
N LEU C 347 -14.44 -31.98 -33.89
CA LEU C 347 -14.86 -32.94 -34.91
C LEU C 347 -14.73 -32.29 -36.29
N LYS C 348 -15.00 -30.98 -36.38
CA LYS C 348 -14.89 -30.25 -37.63
C LYS C 348 -13.44 -30.19 -38.12
N ASP C 349 -12.49 -30.35 -37.20
CA ASP C 349 -11.07 -30.34 -37.55
C ASP C 349 -10.79 -31.47 -38.52
N LYS C 350 -10.06 -31.14 -39.60
CA LYS C 350 -9.89 -32.03 -40.73
C LYS C 350 -8.68 -32.94 -40.54
N SER C 351 -7.82 -32.62 -39.57
CA SER C 351 -6.60 -33.36 -39.33
C SER C 351 -6.91 -34.72 -38.68
N TYR C 352 -8.07 -34.82 -38.01
CA TYR C 352 -8.46 -36.04 -37.32
C TYR C 352 -9.09 -37.04 -38.29
N ASP C 353 -9.17 -36.68 -39.58
CA ASP C 353 -9.52 -37.63 -40.62
C ASP C 353 -8.47 -38.74 -40.65
N LEU C 354 -8.93 -39.98 -40.83
CA LEU C 354 -8.07 -41.14 -40.78
C LEU C 354 -7.18 -41.20 -42.03
N ILE C 355 -6.11 -41.99 -41.94
CA ILE C 355 -5.27 -42.29 -43.09
C ILE C 355 -5.97 -43.37 -43.91
N ASP C 356 -5.95 -43.20 -45.24
CA ASP C 356 -6.68 -44.07 -46.15
C ASP C 356 -5.80 -44.39 -47.36
N GLU C 357 -6.35 -45.17 -48.31
CA GLU C 357 -5.65 -45.59 -49.51
C GLU C 357 -5.26 -44.38 -50.36
N LYS C 358 -6.00 -43.27 -50.22
CA LYS C 358 -5.71 -42.04 -50.94
C LYS C 358 -4.28 -41.59 -50.65
N ASP C 359 -3.88 -41.66 -49.38
CA ASP C 359 -2.55 -41.24 -48.95
C ASP C 359 -1.52 -42.28 -49.36
N PHE C 360 -1.72 -43.53 -48.90
CA PHE C 360 -0.80 -44.62 -49.14
C PHE C 360 -1.52 -45.76 -49.86
N PRO C 361 -1.40 -45.87 -51.21
CA PRO C 361 -2.00 -46.97 -51.96
C PRO C 361 -1.55 -48.35 -51.48
N ASP C 362 -0.23 -48.52 -51.34
CA ASP C 362 0.36 -49.79 -50.92
C ASP C 362 -0.07 -50.09 -49.49
N LYS C 363 -0.35 -51.37 -49.22
CA LYS C 363 -0.91 -51.79 -47.93
C LYS C 363 0.22 -51.97 -46.91
N ALA C 364 1.36 -52.51 -47.37
CA ALA C 364 2.50 -52.77 -46.49
C ALA C 364 3.10 -51.45 -45.99
N LEU C 365 3.03 -50.41 -46.83
CA LEU C 365 3.49 -49.08 -46.47
C LEU C 365 2.47 -48.42 -45.52
N ARG C 366 1.18 -48.59 -45.85
CA ARG C 366 0.10 -47.98 -45.09
C ARG C 366 0.02 -48.58 -43.68
N GLU C 367 0.39 -49.86 -43.56
CA GLU C 367 0.39 -50.55 -42.27
C GLU C 367 1.63 -50.17 -41.46
N ALA C 368 2.77 -49.98 -42.15
CA ALA C 368 4.01 -49.62 -41.50
C ALA C 368 3.93 -48.21 -40.93
N VAL C 369 3.27 -47.31 -41.67
CA VAL C 369 3.10 -45.93 -41.26
C VAL C 369 2.19 -45.87 -40.03
N MET C 370 1.09 -46.64 -40.07
CA MET C 370 0.10 -46.65 -39.00
C MET C 370 0.72 -47.14 -37.70
N ALA C 371 1.69 -48.07 -37.81
CA ALA C 371 2.34 -48.67 -36.65
C ALA C 371 3.35 -47.69 -36.05
N GLN C 372 4.17 -47.07 -36.91
CA GLN C 372 5.32 -46.29 -36.48
C GLN C 372 4.92 -44.83 -36.24
N VAL C 373 4.29 -44.21 -37.25
CA VAL C 373 3.99 -42.79 -37.21
C VAL C 373 2.70 -42.56 -36.44
N GLY C 374 1.56 -42.88 -37.06
CA GLY C 374 0.26 -42.58 -36.49
C GLY C 374 -0.86 -42.83 -37.50
N THR C 375 -2.11 -42.62 -37.06
CA THR C 375 -3.28 -43.00 -37.83
C THR C 375 -4.12 -41.77 -38.16
N ARG C 376 -3.46 -40.64 -38.46
CA ARG C 376 -4.13 -39.40 -38.80
C ARG C 376 -3.43 -38.75 -39.99
N LYS C 377 -4.19 -37.96 -40.75
CA LYS C 377 -3.65 -37.21 -41.88
C LYS C 377 -2.74 -36.08 -41.37
N GLY C 378 -3.08 -35.55 -40.19
CA GLY C 378 -2.33 -34.44 -39.60
C GLY C 378 -0.96 -34.87 -39.08
N ASP C 379 -0.81 -36.16 -38.74
CA ASP C 379 0.43 -36.70 -38.22
C ASP C 379 1.53 -36.61 -39.28
N LEU C 380 1.14 -36.74 -40.55
CA LEU C 380 2.09 -36.69 -41.66
C LEU C 380 2.66 -35.27 -41.80
N GLU C 381 1.84 -34.26 -41.47
CA GLU C 381 2.23 -32.86 -41.61
C GLU C 381 3.20 -32.45 -40.50
N ARG C 382 3.28 -33.26 -39.44
CA ARG C 382 3.95 -32.86 -38.20
C ARG C 382 5.07 -33.82 -37.84
N PHE C 383 4.78 -35.12 -37.82
CA PHE C 383 5.69 -36.14 -37.31
C PHE C 383 7.13 -35.86 -37.72
N ASN C 384 8.03 -35.86 -36.72
CA ASN C 384 9.44 -35.65 -36.93
C ASN C 384 10.22 -36.74 -36.18
N GLY C 385 10.06 -37.98 -36.65
CA GLY C 385 10.78 -39.12 -36.12
C GLY C 385 11.23 -40.06 -37.24
N THR C 386 11.80 -41.21 -36.86
CA THR C 386 12.32 -42.16 -37.82
C THR C 386 11.17 -43.00 -38.38
N LEU C 387 11.24 -43.30 -39.68
CA LEU C 387 10.28 -44.16 -40.34
C LEU C 387 11.04 -45.27 -41.07
N ARG C 388 10.92 -46.51 -40.55
CA ARG C 388 11.62 -47.67 -41.09
C ARG C 388 10.71 -48.41 -42.07
N LEU C 389 11.20 -48.59 -43.29
CA LEU C 389 10.50 -49.37 -44.31
C LEU C 389 11.30 -50.63 -44.61
N ASP C 390 11.35 -51.53 -43.62
CA ASP C 390 12.18 -52.72 -43.69
C ASP C 390 11.43 -53.85 -44.40
N ASN C 391 10.09 -53.81 -44.35
CA ASN C 391 9.26 -54.84 -44.94
C ASN C 391 9.55 -54.92 -46.44
N PRO C 392 9.99 -56.09 -46.97
CA PRO C 392 10.43 -56.18 -48.36
C PRO C 392 9.30 -56.11 -49.38
N ALA C 393 8.12 -56.64 -49.00
CA ALA C 393 6.97 -56.67 -49.89
C ALA C 393 6.29 -55.30 -49.92
N ILE C 394 6.94 -54.34 -50.59
CA ILE C 394 6.40 -53.00 -50.77
C ILE C 394 6.56 -52.63 -52.24
N GLN C 395 5.43 -52.34 -52.89
CA GLN C 395 5.40 -52.06 -54.32
C GLN C 395 5.62 -50.57 -54.57
N SER C 396 4.70 -49.75 -54.03
CA SER C 396 4.64 -48.33 -54.36
C SER C 396 4.84 -47.48 -53.09
N LEU C 397 5.74 -46.50 -53.19
CA LEU C 397 5.95 -45.52 -52.13
C LEU C 397 5.25 -44.22 -52.51
N GLU C 398 3.97 -44.32 -52.91
CA GLU C 398 3.19 -43.16 -53.30
C GLU C 398 2.65 -42.49 -52.04
N GLY C 399 2.87 -41.17 -51.95
CA GLY C 399 2.36 -40.37 -50.85
C GLY C 399 3.33 -40.26 -49.68
N LEU C 400 4.63 -40.43 -49.96
CA LEU C 400 5.67 -40.12 -48.99
C LEU C 400 5.88 -38.60 -48.93
N ASN C 401 5.38 -37.89 -49.95
CA ASN C 401 5.45 -36.44 -50.01
C ASN C 401 4.50 -35.82 -48.98
N LYS C 402 3.57 -36.65 -48.45
CA LYS C 402 2.68 -36.24 -47.37
C LYS C 402 3.49 -35.88 -46.12
N PHE C 403 4.60 -36.61 -45.90
CA PHE C 403 5.51 -36.32 -44.80
C PHE C 403 6.20 -34.98 -45.04
N LYS C 404 5.85 -33.99 -44.22
CA LYS C 404 6.36 -32.64 -44.39
C LYS C 404 7.58 -32.38 -43.50
N LYS C 405 7.67 -33.11 -42.37
CA LYS C 405 8.68 -32.82 -41.37
C LYS C 405 9.32 -34.10 -40.83
N LEU C 406 9.43 -35.14 -41.67
CA LEU C 406 9.99 -36.41 -41.25
C LEU C 406 11.47 -36.23 -40.92
N ALA C 407 11.92 -36.90 -39.85
CA ALA C 407 13.28 -36.77 -39.35
C ALA C 407 14.22 -37.68 -40.14
N GLN C 408 13.91 -38.98 -40.16
CA GLN C 408 14.73 -39.95 -40.88
C GLN C 408 13.83 -40.95 -41.62
N LEU C 409 14.33 -41.45 -42.76
CA LEU C 409 13.64 -42.44 -43.57
C LEU C 409 14.64 -43.54 -43.95
N ASP C 410 14.34 -44.77 -43.53
CA ASP C 410 15.18 -45.92 -43.83
C ASP C 410 14.49 -46.79 -44.88
N LEU C 411 15.15 -46.95 -46.03
CA LEU C 411 14.72 -47.84 -47.09
C LEU C 411 15.59 -49.10 -47.06
N ILE C 412 15.08 -50.16 -46.42
CA ILE C 412 15.87 -51.36 -46.15
C ILE C 412 15.24 -52.55 -46.85
N GLY C 413 15.99 -53.15 -47.78
CA GLY C 413 15.59 -54.39 -48.43
C GLY C 413 14.37 -54.23 -49.33
N LEU C 414 14.22 -53.04 -49.93
CA LEU C 414 13.10 -52.74 -50.80
C LEU C 414 13.54 -52.92 -52.25
N SER C 415 13.52 -54.19 -52.71
CA SER C 415 14.01 -54.56 -54.02
C SER C 415 13.04 -54.08 -55.11
N ARG C 416 11.74 -54.15 -54.82
CA ARG C 416 10.70 -53.91 -55.82
C ARG C 416 10.70 -52.45 -56.27
N ILE C 417 11.27 -51.56 -55.45
CA ILE C 417 11.34 -50.15 -55.78
C ILE C 417 12.32 -49.96 -56.94
N THR C 418 12.02 -49.00 -57.82
CA THR C 418 12.78 -48.78 -59.05
C THR C 418 13.27 -47.34 -59.11
N LYS C 419 12.31 -46.40 -59.20
CA LYS C 419 12.62 -44.98 -59.36
C LYS C 419 12.53 -44.28 -58.00
N LEU C 420 13.37 -43.24 -57.82
CA LEU C 420 13.34 -42.39 -56.64
C LEU C 420 13.48 -40.94 -57.07
N ASP C 421 12.46 -40.13 -56.77
CA ASP C 421 12.43 -38.71 -57.12
C ASP C 421 11.56 -37.98 -56.11
N ARG C 422 11.33 -36.68 -56.36
CA ARG C 422 10.61 -35.82 -55.43
C ARG C 422 9.17 -36.32 -55.23
N SER C 423 8.62 -37.01 -56.23
CA SER C 423 7.24 -37.48 -56.18
C SER C 423 7.05 -38.48 -55.03
N VAL C 424 7.92 -39.49 -54.95
CA VAL C 424 7.77 -40.57 -53.99
C VAL C 424 8.79 -40.43 -52.87
N LEU C 425 8.98 -39.19 -52.39
CA LEU C 425 9.86 -38.90 -51.27
C LEU C 425 9.28 -37.75 -50.47
N PRO C 426 9.69 -37.57 -49.18
CA PRO C 426 9.18 -36.48 -48.35
C PRO C 426 9.35 -35.09 -48.94
N ALA C 427 8.55 -34.14 -48.43
CA ALA C 427 8.60 -32.76 -48.87
C ALA C 427 9.86 -32.08 -48.35
N ASN C 428 10.35 -32.55 -47.19
CA ASN C 428 11.54 -31.98 -46.57
C ASN C 428 12.79 -32.74 -47.01
N MET C 429 12.82 -33.18 -48.28
CA MET C 429 14.06 -33.60 -48.90
C MET C 429 14.96 -32.38 -49.06
N LYS C 430 14.34 -31.26 -49.50
CA LYS C 430 14.99 -29.97 -49.54
C LYS C 430 14.70 -29.23 -48.23
N PRO C 431 15.51 -28.21 -47.86
CA PRO C 431 15.24 -27.40 -46.67
C PRO C 431 13.97 -26.57 -46.81
N GLY C 432 13.46 -26.07 -45.67
CA GLY C 432 12.27 -25.25 -45.67
C GLY C 432 11.91 -24.73 -44.28
N LYS C 433 11.05 -23.71 -44.24
CA LYS C 433 10.55 -23.14 -43.01
C LYS C 433 9.20 -23.78 -42.67
N ASP C 434 8.67 -23.45 -41.49
CA ASP C 434 7.42 -24.01 -41.00
C ASP C 434 6.26 -23.46 -41.82
N THR C 435 5.41 -24.37 -42.31
CA THR C 435 4.27 -24.03 -43.15
C THR C 435 2.99 -23.93 -42.33
N LEU C 436 2.96 -24.61 -41.16
CA LEU C 436 1.78 -24.61 -40.30
C LEU C 436 1.59 -23.24 -39.67
N GLU C 437 0.36 -22.98 -39.21
CA GLU C 437 -0.02 -21.70 -38.64
C GLU C 437 -0.67 -21.94 -37.28
N THR C 438 -0.20 -21.22 -36.26
CA THR C 438 -0.73 -21.34 -34.90
C THR C 438 -2.08 -20.64 -34.83
N VAL C 439 -2.89 -21.04 -33.83
CA VAL C 439 -4.22 -20.49 -33.64
C VAL C 439 -4.35 -19.98 -32.20
N LEU C 440 -3.23 -19.52 -31.63
CA LEU C 440 -3.20 -18.98 -30.28
C LEU C 440 -2.77 -17.51 -30.33
N GLU C 441 -3.08 -16.77 -29.27
CA GLU C 441 -2.64 -15.39 -29.14
C GLU C 441 -1.16 -15.38 -28.72
N THR C 442 -0.55 -14.20 -28.84
CA THR C 442 0.86 -14.03 -28.53
C THR C 442 1.15 -12.58 -28.17
N TYR C 443 2.43 -12.27 -27.96
CA TYR C 443 2.90 -10.94 -27.62
C TYR C 443 3.30 -10.18 -28.89
N GLU C 450 8.58 -15.38 -36.66
CA GLU C 450 9.70 -16.23 -37.17
C GLU C 450 9.26 -17.69 -37.20
N PRO C 451 9.11 -18.31 -38.39
CA PRO C 451 8.73 -19.72 -38.48
C PRO C 451 9.93 -20.63 -38.25
N ALA C 452 9.68 -21.81 -37.67
CA ALA C 452 10.73 -22.76 -37.32
C ALA C 452 11.31 -23.40 -38.56
N THR C 453 12.61 -23.70 -38.52
CA THR C 453 13.29 -24.36 -39.63
C THR C 453 13.03 -25.87 -39.55
N ILE C 454 12.71 -26.47 -40.70
CA ILE C 454 12.48 -27.91 -40.80
C ILE C 454 13.77 -28.58 -41.23
N PRO C 455 14.36 -29.49 -40.42
CA PRO C 455 15.55 -30.24 -40.84
C PRO C 455 15.29 -31.12 -42.06
N PRO C 456 16.15 -31.06 -43.10
CA PRO C 456 16.07 -32.04 -44.20
C PRO C 456 16.14 -33.47 -43.70
N VAL C 457 15.33 -34.35 -44.31
CA VAL C 457 15.17 -35.72 -43.86
C VAL C 457 16.46 -36.50 -44.14
N SER C 458 16.88 -37.30 -43.16
CA SER C 458 18.00 -38.21 -43.31
C SER C 458 17.54 -39.44 -44.10
N LEU C 459 18.28 -39.78 -45.15
CA LEU C 459 17.88 -40.84 -46.08
C LEU C 459 18.95 -41.93 -46.12
N LYS C 460 18.59 -43.11 -45.60
CA LYS C 460 19.43 -44.30 -45.71
C LYS C 460 18.80 -45.25 -46.73
N VAL C 461 19.48 -45.40 -47.88
CA VAL C 461 19.04 -46.29 -48.94
C VAL C 461 20.04 -47.44 -49.05
N SER C 462 19.63 -48.63 -48.60
CA SER C 462 20.51 -49.80 -48.60
C SER C 462 19.68 -51.07 -48.73
N GLY C 463 20.11 -51.96 -49.63
CA GLY C 463 19.49 -53.27 -49.80
C GLY C 463 18.47 -53.28 -50.95
N LEU C 464 18.32 -52.14 -51.64
CA LEU C 464 17.41 -52.04 -52.76
C LEU C 464 18.12 -52.58 -54.01
N THR C 465 17.96 -53.89 -54.24
CA THR C 465 18.66 -54.59 -55.30
C THR C 465 18.11 -54.19 -56.66
N GLY C 466 16.78 -54.03 -56.75
CA GLY C 466 16.11 -53.75 -58.01
C GLY C 466 15.89 -52.26 -58.26
N LEU C 467 16.60 -51.40 -57.52
CA LEU C 467 16.56 -49.96 -57.75
C LEU C 467 17.32 -49.65 -59.03
N LYS C 468 16.69 -48.88 -59.92
CA LYS C 468 17.24 -48.59 -61.24
C LYS C 468 17.64 -47.13 -61.34
N GLU C 469 16.68 -46.23 -61.13
CA GLU C 469 16.93 -44.79 -61.22
C GLU C 469 17.04 -44.21 -59.82
N LEU C 470 17.59 -42.98 -59.74
CA LEU C 470 17.80 -42.29 -58.48
C LEU C 470 17.98 -40.79 -58.75
N ASP C 471 16.90 -40.02 -58.52
CA ASP C 471 16.90 -38.59 -58.78
C ASP C 471 16.82 -37.85 -57.44
N LEU C 472 17.85 -37.04 -57.17
CA LEU C 472 17.86 -36.14 -56.01
C LEU C 472 18.40 -34.78 -56.45
N SER C 473 17.72 -34.18 -57.45
CA SER C 473 18.16 -32.93 -58.04
C SER C 473 17.42 -31.76 -57.40
N GLY C 474 18.18 -30.74 -56.98
CA GLY C 474 17.62 -29.52 -56.41
C GLY C 474 17.10 -29.74 -54.99
N PHE C 475 17.73 -30.67 -54.26
CA PHE C 475 17.34 -30.99 -52.90
C PHE C 475 18.30 -30.38 -51.88
N ASP C 476 19.42 -29.81 -52.37
CA ASP C 476 20.40 -29.16 -51.51
C ASP C 476 20.80 -30.10 -50.40
N ARG C 477 21.17 -31.34 -50.77
CA ARG C 477 21.60 -32.35 -49.83
C ARG C 477 23.03 -32.02 -49.38
N GLU C 478 23.31 -32.24 -48.10
CA GLU C 478 24.58 -31.86 -47.50
C GLU C 478 25.59 -32.97 -47.74
N THR C 479 25.16 -34.23 -47.60
CA THR C 479 26.02 -35.38 -47.81
C THR C 479 25.26 -36.45 -48.60
N LEU C 480 25.98 -37.51 -48.98
CA LEU C 480 25.38 -38.69 -49.59
C LEU C 480 25.39 -39.84 -48.59
N ALA C 481 25.52 -39.52 -47.29
CA ALA C 481 25.56 -40.51 -46.25
C ALA C 481 24.23 -41.27 -46.21
N GLY C 482 24.30 -42.58 -46.01
CA GLY C 482 23.13 -43.44 -46.00
C GLY C 482 23.03 -44.29 -47.27
N LEU C 483 23.38 -43.70 -48.41
CA LEU C 483 23.32 -44.37 -49.70
C LEU C 483 24.39 -45.46 -49.76
N ASP C 484 23.99 -46.71 -49.45
CA ASP C 484 24.86 -47.86 -49.57
C ASP C 484 24.88 -48.28 -51.03
N ALA C 485 25.95 -47.90 -51.74
CA ALA C 485 26.05 -48.07 -53.19
C ALA C 485 26.36 -49.52 -53.55
N ALA C 486 26.94 -50.27 -52.61
CA ALA C 486 27.36 -51.65 -52.85
C ALA C 486 26.14 -52.57 -53.02
N THR C 487 25.02 -52.22 -52.38
CA THR C 487 23.82 -53.04 -52.41
C THR C 487 22.96 -52.69 -53.61
N LEU C 488 23.10 -51.47 -54.14
CA LEU C 488 22.37 -51.03 -55.32
C LEU C 488 22.97 -51.67 -56.56
N THR C 489 22.55 -52.91 -56.83
CA THR C 489 23.16 -53.73 -57.87
C THR C 489 22.61 -53.38 -59.25
N SER C 490 21.29 -53.17 -59.34
CA SER C 490 20.62 -52.98 -60.62
C SER C 490 20.53 -51.48 -60.98
N LEU C 491 21.51 -50.69 -60.54
CA LEU C 491 21.49 -49.25 -60.75
C LEU C 491 21.82 -48.95 -62.21
N GLU C 492 21.16 -47.92 -62.77
CA GLU C 492 21.27 -47.60 -64.19
C GLU C 492 21.35 -46.10 -64.39
N LYS C 493 20.40 -45.35 -63.80
CA LYS C 493 20.37 -43.90 -63.90
C LYS C 493 20.69 -43.29 -62.54
N VAL C 494 21.19 -42.05 -62.54
CA VAL C 494 21.49 -41.33 -61.31
C VAL C 494 21.47 -39.82 -61.61
N ASP C 495 21.01 -39.03 -60.64
CA ASP C 495 20.93 -37.59 -60.78
C ASP C 495 21.10 -36.95 -59.40
N ILE C 496 22.24 -36.27 -59.20
CA ILE C 496 22.54 -35.59 -57.95
C ILE C 496 23.03 -34.17 -58.26
N SER C 497 22.27 -33.47 -59.12
CA SER C 497 22.61 -32.13 -59.55
C SER C 497 21.91 -31.10 -58.67
N GLY C 498 22.59 -29.97 -58.43
CA GLY C 498 22.03 -28.88 -57.65
C GLY C 498 21.89 -29.23 -56.18
N ASN C 499 23.00 -29.65 -55.57
CA ASN C 499 23.05 -30.01 -54.17
C ASN C 499 24.26 -29.33 -53.53
N LYS C 500 24.53 -29.65 -52.26
CA LYS C 500 25.69 -29.13 -51.55
C LYS C 500 26.62 -30.29 -51.18
N LEU C 501 27.03 -31.04 -52.21
CA LEU C 501 27.81 -32.27 -52.02
C LEU C 501 29.27 -32.01 -52.37
N ASP C 502 30.17 -32.41 -51.47
CA ASP C 502 31.60 -32.38 -51.72
C ASP C 502 32.00 -33.72 -52.34
N LEU C 503 32.20 -33.73 -53.67
CA LEU C 503 32.50 -34.93 -54.42
C LEU C 503 33.97 -34.93 -54.84
N ALA C 504 34.86 -34.72 -53.87
CA ALA C 504 36.30 -34.67 -54.13
C ALA C 504 36.90 -36.06 -53.93
N PRO C 505 38.06 -36.37 -54.54
CA PRO C 505 38.70 -37.68 -54.37
C PRO C 505 39.04 -37.97 -52.91
N GLY C 506 38.55 -39.12 -52.40
CA GLY C 506 38.83 -39.55 -51.04
C GLY C 506 37.65 -39.32 -50.10
N THR C 507 36.67 -38.52 -50.53
CA THR C 507 35.50 -38.22 -49.72
C THR C 507 34.56 -39.43 -49.72
N GLU C 508 33.70 -39.50 -48.69
CA GLU C 508 32.73 -40.59 -48.56
C GLU C 508 31.68 -40.48 -49.65
N ASN C 509 31.40 -39.25 -50.10
CA ASN C 509 30.42 -39.00 -51.15
C ASN C 509 30.94 -39.55 -52.47
N ARG C 510 32.24 -39.32 -52.73
CA ARG C 510 32.88 -39.78 -53.97
C ARG C 510 32.97 -41.30 -53.99
N GLN C 511 33.29 -41.89 -52.82
CA GLN C 511 33.37 -43.34 -52.67
C GLN C 511 32.02 -43.96 -53.01
N ILE C 512 30.94 -43.30 -52.57
CA ILE C 512 29.58 -43.73 -52.87
C ILE C 512 29.28 -43.49 -54.34
N PHE C 513 29.76 -42.36 -54.88
CA PHE C 513 29.49 -41.98 -56.26
C PHE C 513 30.26 -42.88 -57.22
N ASP C 514 31.51 -43.21 -56.87
CA ASP C 514 32.36 -44.07 -57.70
C ASP C 514 31.80 -45.49 -57.71
N THR C 515 31.35 -45.97 -56.54
CA THR C 515 30.73 -47.27 -56.42
C THR C 515 29.42 -47.31 -57.19
N MET C 516 28.73 -46.17 -57.25
CA MET C 516 27.50 -46.03 -58.03
C MET C 516 27.84 -45.97 -59.52
N LEU C 517 28.88 -45.19 -59.86
CA LEU C 517 29.24 -44.91 -61.25
C LEU C 517 29.68 -46.18 -61.97
N SER C 518 30.35 -47.10 -61.25
CA SER C 518 30.85 -48.33 -61.84
C SER C 518 29.69 -49.24 -62.26
N THR C 519 28.56 -49.12 -61.55
CA THR C 519 27.35 -49.89 -61.85
C THR C 519 26.65 -49.32 -63.07
N ILE C 520 26.81 -48.00 -63.30
CA ILE C 520 26.13 -47.31 -64.40
C ILE C 520 26.79 -47.69 -65.72
N SER C 521 28.13 -47.74 -65.72
CA SER C 521 28.89 -48.01 -66.94
C SER C 521 28.61 -49.41 -67.47
N ASN C 522 28.34 -50.36 -66.57
CA ASN C 522 28.08 -51.74 -66.93
C ASN C 522 26.78 -51.85 -67.71
N HIS C 523 25.71 -51.23 -67.19
CA HIS C 523 24.36 -51.47 -67.68
C HIS C 523 24.08 -50.63 -68.93
N VAL C 524 24.09 -49.30 -68.79
CA VAL C 524 23.68 -48.41 -69.87
C VAL C 524 24.75 -47.34 -70.10
N GLY C 525 26.01 -47.64 -69.75
CA GLY C 525 27.11 -46.73 -69.99
C GLY C 525 27.05 -45.48 -69.11
N SER C 526 28.04 -44.60 -69.30
CA SER C 526 28.14 -43.35 -68.57
C SER C 526 28.16 -42.18 -69.56
N ASN C 527 27.26 -41.21 -69.34
CA ASN C 527 27.07 -40.13 -70.30
C ASN C 527 26.31 -38.98 -69.62
N GLU C 528 26.02 -37.92 -70.40
CA GLU C 528 25.35 -36.74 -69.88
C GLU C 528 23.88 -37.02 -69.59
N GLN C 529 23.28 -37.96 -70.34
CA GLN C 529 21.86 -38.25 -70.22
C GLN C 529 21.58 -39.09 -68.98
N THR C 530 22.40 -40.13 -68.76
CA THR C 530 22.18 -41.08 -67.67
C THR C 530 22.61 -40.47 -66.33
N VAL C 531 23.86 -39.98 -66.28
CA VAL C 531 24.46 -39.51 -65.05
C VAL C 531 24.47 -37.98 -65.02
N LYS C 532 23.99 -37.40 -63.92
CA LYS C 532 24.01 -35.96 -63.70
C LYS C 532 24.50 -35.68 -62.28
N PHE C 533 25.36 -34.67 -62.12
CA PHE C 533 25.94 -34.34 -60.83
C PHE C 533 26.60 -32.96 -60.86
N ASP C 534 25.96 -32.00 -61.54
CA ASP C 534 26.58 -30.71 -61.83
C ASP C 534 26.02 -29.65 -60.90
N LYS C 535 26.75 -28.53 -60.82
CA LYS C 535 26.33 -27.32 -60.13
C LYS C 535 26.11 -27.60 -58.64
N GLN C 536 27.16 -28.10 -57.98
CA GLN C 536 27.15 -28.31 -56.55
C GLN C 536 27.46 -26.99 -55.85
N LYS C 537 27.04 -26.87 -54.58
CA LYS C 537 27.32 -25.69 -53.77
C LYS C 537 27.63 -26.13 -52.34
N PRO C 538 28.76 -26.84 -52.10
CA PRO C 538 29.07 -27.37 -50.76
C PRO C 538 29.08 -26.30 -49.67
N THR C 539 28.63 -26.68 -48.47
CA THR C 539 28.58 -25.79 -47.33
C THR C 539 29.98 -25.67 -46.73
N GLY C 540 30.45 -24.43 -46.56
CA GLY C 540 31.72 -24.15 -45.92
C GLY C 540 31.55 -23.96 -44.41
N HIS C 541 32.28 -24.77 -43.64
CA HIS C 541 32.20 -24.73 -42.18
C HIS C 541 33.49 -24.12 -41.63
N TYR C 542 33.54 -24.01 -40.29
CA TYR C 542 34.77 -23.68 -39.58
C TYR C 542 35.49 -24.97 -39.18
N PRO C 543 36.84 -25.05 -39.32
CA PRO C 543 37.60 -26.20 -38.83
C PRO C 543 37.56 -26.31 -37.31
N ASP C 544 37.78 -27.53 -36.80
CA ASP C 544 37.78 -27.80 -35.37
C ASP C 544 39.09 -27.27 -34.77
N THR C 545 40.21 -27.71 -35.34
CA THR C 545 41.54 -27.27 -34.92
C THR C 545 42.27 -26.65 -36.11
N TYR C 546 43.35 -25.92 -35.81
CA TYR C 546 44.15 -25.24 -36.82
C TYR C 546 45.61 -25.68 -36.71
N GLY C 547 46.30 -25.71 -37.86
CA GLY C 547 47.66 -26.21 -37.93
C GLY C 547 48.69 -25.12 -37.71
N LYS C 548 48.45 -23.94 -38.30
CA LYS C 548 49.39 -22.83 -38.27
C LYS C 548 49.44 -22.24 -36.86
N THR C 549 50.33 -22.78 -36.02
CA THR C 549 50.36 -22.48 -34.60
C THR C 549 51.60 -21.67 -34.23
N SER C 550 52.36 -21.20 -35.22
CA SER C 550 53.54 -20.39 -34.98
C SER C 550 53.90 -19.60 -36.23
N LEU C 551 54.66 -18.52 -36.03
CA LEU C 551 55.01 -17.61 -37.11
C LEU C 551 56.21 -16.76 -36.68
N ARG C 552 57.39 -17.07 -37.23
CA ARG C 552 58.59 -16.29 -37.00
C ARG C 552 58.71 -15.23 -38.09
N LEU C 553 58.75 -13.96 -37.68
CA LEU C 553 58.85 -12.83 -38.60
C LEU C 553 60.17 -12.10 -38.37
N PRO C 554 60.61 -11.24 -39.32
CA PRO C 554 61.77 -10.38 -39.10
C PRO C 554 61.43 -9.22 -38.17
N VAL C 555 62.45 -8.43 -37.82
CA VAL C 555 62.26 -7.19 -37.08
C VAL C 555 62.16 -6.05 -38.10
N ALA C 556 61.24 -6.21 -39.06
CA ALA C 556 61.06 -5.25 -40.14
C ALA C 556 60.05 -4.20 -39.71
N ASN C 557 60.19 -2.99 -40.27
CA ASN C 557 59.25 -1.90 -40.01
C ASN C 557 58.02 -2.11 -40.88
N GLU C 558 57.22 -3.12 -40.53
CA GLU C 558 56.04 -3.51 -41.29
C GLU C 558 54.91 -3.85 -40.32
N LYS C 559 53.69 -3.96 -40.86
CA LYS C 559 52.52 -4.34 -40.08
C LYS C 559 51.90 -5.59 -40.71
N VAL C 560 51.43 -6.50 -39.86
CA VAL C 560 50.96 -7.82 -40.29
C VAL C 560 49.57 -8.07 -39.71
N ASP C 561 48.68 -8.61 -40.55
CA ASP C 561 47.34 -8.97 -40.12
C ASP C 561 47.37 -10.38 -39.55
N LEU C 562 47.34 -10.48 -38.21
CA LEU C 562 47.52 -11.74 -37.51
C LEU C 562 46.39 -12.72 -37.88
N GLN C 563 45.19 -12.19 -38.12
CA GLN C 563 44.03 -13.01 -38.44
C GLN C 563 44.33 -13.85 -39.68
N SER C 564 44.62 -13.17 -40.80
CA SER C 564 44.82 -13.82 -42.08
C SER C 564 46.03 -14.75 -42.03
N GLN C 565 47.06 -14.35 -41.28
CA GLN C 565 48.32 -15.07 -41.23
C GLN C 565 48.16 -16.37 -40.43
N LEU C 566 47.40 -16.32 -39.33
CA LEU C 566 47.33 -17.42 -38.38
C LEU C 566 45.98 -18.14 -38.47
N LEU C 567 44.89 -17.36 -38.53
CA LEU C 567 43.54 -17.89 -38.42
C LEU C 567 42.89 -17.94 -39.79
N PHE C 568 42.75 -19.16 -40.34
CA PHE C 568 42.17 -19.34 -41.66
C PHE C 568 41.78 -20.80 -41.84
N GLY C 569 40.88 -21.04 -42.81
CA GLY C 569 40.46 -22.39 -43.17
C GLY C 569 38.94 -22.48 -43.34
N THR C 570 38.53 -23.18 -44.40
CA THR C 570 37.11 -23.38 -44.68
C THR C 570 36.89 -24.85 -45.03
N VAL C 571 36.62 -25.66 -44.00
CA VAL C 571 36.43 -27.09 -44.16
C VAL C 571 35.04 -27.34 -44.75
N THR C 572 34.89 -28.50 -45.40
CA THR C 572 33.60 -28.95 -45.90
C THR C 572 33.00 -29.95 -44.92
N ASN C 573 31.76 -30.36 -45.19
CA ASN C 573 31.04 -31.31 -44.36
C ASN C 573 31.66 -32.70 -44.47
N GLN C 574 32.40 -32.96 -45.56
CA GLN C 574 33.12 -34.21 -45.73
C GLN C 574 34.47 -34.11 -45.01
N GLY C 575 35.25 -33.08 -45.35
CA GLY C 575 36.49 -32.79 -44.65
C GLY C 575 37.62 -32.44 -45.61
N THR C 576 37.42 -31.37 -46.39
CA THR C 576 38.45 -30.85 -47.29
C THR C 576 38.77 -29.42 -46.88
N LEU C 577 40.02 -29.18 -46.46
CA LEU C 577 40.42 -27.89 -45.93
C LEU C 577 40.83 -26.96 -47.06
N ILE C 578 39.98 -25.97 -47.35
CA ILE C 578 40.31 -24.90 -48.28
C ILE C 578 40.82 -23.71 -47.47
N ASN C 579 42.12 -23.43 -47.57
CA ASN C 579 42.76 -22.39 -46.79
C ASN C 579 42.80 -21.10 -47.60
N SER C 580 43.24 -21.18 -48.87
CA SER C 580 43.38 -20.02 -49.72
C SER C 580 42.37 -20.08 -50.86
N GLU C 581 42.32 -19.00 -51.65
CA GLU C 581 41.51 -18.93 -52.86
C GLU C 581 42.10 -19.86 -53.92
N ALA C 582 43.43 -20.04 -53.86
CA ALA C 582 44.13 -20.95 -54.75
C ALA C 582 43.68 -22.39 -54.51
N ASP C 583 43.46 -22.73 -53.23
CA ASP C 583 43.00 -24.07 -52.86
C ASP C 583 41.60 -24.32 -53.43
N TYR C 584 40.79 -23.26 -53.51
CA TYR C 584 39.43 -23.38 -54.04
C TYR C 584 39.48 -23.52 -55.56
N LYS C 585 40.35 -22.73 -56.23
CA LYS C 585 40.50 -22.80 -57.67
C LYS C 585 40.95 -24.20 -58.09
N ALA C 586 41.76 -24.84 -57.23
CA ALA C 586 42.16 -26.23 -57.43
C ALA C 586 40.97 -27.16 -57.20
N TYR C 587 40.16 -26.86 -56.17
CA TYR C 587 38.98 -27.63 -55.85
C TYR C 587 37.97 -27.56 -56.99
N GLN C 588 37.82 -26.36 -57.59
CA GLN C 588 36.90 -26.15 -58.71
C GLN C 588 37.26 -27.09 -59.86
N ASN C 589 38.55 -27.33 -60.06
CA ASN C 589 39.03 -28.19 -61.14
C ASN C 589 39.20 -29.62 -60.62
N HIS C 590 38.13 -30.19 -60.07
CA HIS C 590 38.04 -31.62 -59.84
C HIS C 590 37.18 -32.22 -60.95
N LYS C 591 37.80 -32.48 -62.10
CA LYS C 591 37.08 -32.86 -63.31
C LYS C 591 36.69 -34.33 -63.21
N ILE C 592 35.37 -34.58 -63.29
CA ILE C 592 34.83 -35.93 -63.32
C ILE C 592 34.04 -36.10 -64.61
N ALA C 593 34.53 -36.99 -65.48
CA ALA C 593 33.97 -37.20 -66.81
C ALA C 593 34.14 -35.94 -67.66
N GLY C 594 35.25 -35.24 -67.46
CA GLY C 594 35.62 -34.09 -68.27
C GLY C 594 34.79 -32.84 -67.98
N ARG C 595 34.23 -32.75 -66.77
CA ARG C 595 33.48 -31.59 -66.34
C ARG C 595 33.39 -31.57 -64.81
N SER C 596 33.51 -30.37 -64.23
CA SER C 596 33.51 -30.21 -62.79
C SER C 596 32.07 -30.23 -62.26
N PHE C 597 31.95 -30.52 -60.96
CA PHE C 597 30.65 -30.64 -60.30
C PHE C 597 30.26 -29.32 -59.66
N VAL C 598 31.25 -28.54 -59.20
CA VAL C 598 31.01 -27.28 -58.52
C VAL C 598 30.40 -26.30 -59.51
N ASP C 599 29.46 -25.48 -59.01
CA ASP C 599 28.81 -24.45 -59.80
C ASP C 599 29.80 -23.30 -60.04
N SER C 600 29.66 -22.65 -61.20
CA SER C 600 30.52 -21.53 -61.57
C SER C 600 30.13 -20.27 -60.81
N ASN C 601 28.83 -20.16 -60.48
CA ASN C 601 28.33 -19.06 -59.68
C ASN C 601 28.94 -19.11 -58.28
N TYR C 602 29.01 -20.32 -57.70
CA TYR C 602 29.50 -20.53 -56.36
C TYR C 602 31.02 -20.33 -56.35
N HIS C 603 31.44 -19.07 -56.24
CA HIS C 603 32.85 -18.70 -56.20
C HIS C 603 33.43 -19.05 -54.83
N TYR C 604 34.73 -18.76 -54.65
CA TYR C 604 35.38 -18.92 -53.35
C TYR C 604 34.72 -18.00 -52.32
N ASN C 605 34.28 -16.82 -52.77
CA ASN C 605 33.75 -15.81 -51.88
C ASN C 605 32.41 -16.26 -51.29
N ASN C 606 31.65 -17.06 -52.06
CA ASN C 606 30.38 -17.59 -51.61
C ASN C 606 30.59 -18.78 -50.68
N PHE C 607 31.72 -19.49 -50.86
CA PHE C 607 32.04 -20.67 -50.08
C PHE C 607 32.73 -20.28 -48.77
N LYS C 608 33.62 -19.28 -48.85
CA LYS C 608 34.44 -18.85 -47.73
C LYS C 608 33.58 -18.51 -46.52
N VAL C 609 34.08 -18.83 -45.33
CA VAL C 609 33.47 -18.41 -44.07
C VAL C 609 34.26 -17.20 -43.55
N SER C 610 33.54 -16.19 -43.07
CA SER C 610 34.15 -14.94 -42.63
C SER C 610 34.77 -15.12 -41.25
N TYR C 611 35.98 -14.57 -41.07
CA TYR C 611 36.64 -14.53 -39.78
C TYR C 611 36.64 -13.10 -39.25
N GLU C 612 35.70 -12.28 -39.73
CA GLU C 612 35.42 -10.99 -39.11
C GLU C 612 34.53 -11.25 -37.89
N ASN C 613 34.65 -10.36 -36.89
CA ASN C 613 33.91 -10.47 -35.63
C ASN C 613 34.66 -11.35 -34.64
N TYR C 614 35.66 -12.12 -35.12
CA TYR C 614 36.53 -12.88 -34.24
C TYR C 614 37.42 -11.93 -33.45
N THR C 615 37.43 -12.10 -32.13
CA THR C 615 38.30 -11.33 -31.26
C THR C 615 39.68 -11.98 -31.22
N VAL C 616 40.68 -11.20 -30.79
CA VAL C 616 42.06 -11.63 -30.72
C VAL C 616 42.69 -11.03 -29.47
N LYS C 617 43.63 -11.77 -28.86
CA LYS C 617 44.31 -11.32 -27.66
C LYS C 617 45.81 -11.59 -27.82
N VAL C 618 46.59 -10.51 -27.97
CA VAL C 618 48.02 -10.59 -28.24
C VAL C 618 48.78 -10.32 -26.94
N THR C 619 49.21 -11.39 -26.28
CA THR C 619 49.94 -11.31 -25.02
C THR C 619 51.44 -11.33 -25.32
N ASP C 620 52.12 -10.20 -25.06
CA ASP C 620 53.55 -10.08 -25.34
C ASP C 620 54.34 -10.80 -24.24
N SER C 621 55.67 -10.75 -24.33
CA SER C 621 56.54 -11.53 -23.46
C SER C 621 56.42 -11.08 -22.02
N THR C 622 56.08 -9.80 -21.80
CA THR C 622 55.88 -9.25 -20.47
C THR C 622 54.40 -9.25 -20.11
N LEU C 623 53.67 -10.25 -20.63
CA LEU C 623 52.24 -10.42 -20.36
C LEU C 623 51.51 -9.07 -20.48
N GLY C 624 51.74 -8.38 -21.60
CA GLY C 624 51.05 -7.15 -21.92
C GLY C 624 50.02 -7.38 -23.02
N THR C 625 48.75 -7.52 -22.64
CA THR C 625 47.69 -7.92 -23.54
C THR C 625 47.28 -6.75 -24.42
N THR C 626 46.92 -7.06 -25.68
CA THR C 626 46.39 -6.08 -26.61
C THR C 626 45.49 -6.80 -27.61
N THR C 627 44.33 -6.18 -27.91
CA THR C 627 43.33 -6.79 -28.76
C THR C 627 43.31 -6.07 -30.12
N ASP C 628 44.33 -6.35 -30.93
CA ASP C 628 44.47 -5.74 -32.24
C ASP C 628 45.11 -6.73 -33.20
N LYS C 629 44.48 -6.92 -34.36
CA LYS C 629 44.97 -7.84 -35.38
C LYS C 629 46.23 -7.28 -36.03
N THR C 630 46.21 -5.96 -36.31
CA THR C 630 47.34 -5.28 -36.93
C THR C 630 48.50 -5.19 -35.94
N LEU C 631 49.44 -6.14 -36.04
CA LEU C 631 50.61 -6.17 -35.19
C LEU C 631 51.77 -5.47 -35.88
N ALA C 632 52.39 -4.51 -35.20
CA ALA C 632 53.62 -3.89 -35.66
C ALA C 632 54.79 -4.78 -35.28
N THR C 633 55.76 -4.93 -36.20
CA THR C 633 56.89 -5.82 -36.01
C THR C 633 58.19 -5.02 -35.91
N ASP C 634 58.07 -3.70 -35.70
CA ASP C 634 59.24 -2.82 -35.66
C ASP C 634 60.05 -3.09 -34.40
N LYS C 635 59.37 -3.34 -33.28
CA LYS C 635 60.02 -3.68 -32.03
C LYS C 635 60.17 -5.20 -31.93
N GLU C 636 61.29 -5.65 -31.34
CA GLU C 636 61.53 -7.07 -31.14
C GLU C 636 60.72 -7.55 -29.95
N GLU C 637 60.08 -8.72 -30.09
CA GLU C 637 59.15 -9.22 -29.10
C GLU C 637 58.78 -10.67 -29.40
N THR C 638 58.21 -11.36 -28.41
CA THR C 638 57.53 -12.63 -28.61
C THR C 638 56.11 -12.50 -28.10
N TYR C 639 55.15 -13.05 -28.85
CA TYR C 639 53.73 -12.90 -28.57
C TYR C 639 53.07 -14.26 -28.45
N LYS C 640 51.96 -14.31 -27.70
CA LYS C 640 51.02 -15.42 -27.73
C LYS C 640 49.67 -14.89 -28.19
N VAL C 641 49.28 -15.26 -29.41
CA VAL C 641 48.09 -14.73 -30.05
C VAL C 641 46.96 -15.75 -29.94
N ASP C 642 45.96 -15.45 -29.10
CA ASP C 642 44.78 -16.28 -28.94
C ASP C 642 43.63 -15.67 -29.74
N PHE C 643 42.86 -16.53 -30.42
CA PHE C 643 41.70 -16.13 -31.19
C PHE C 643 40.44 -16.71 -30.56
N PHE C 644 39.35 -15.94 -30.57
CA PHE C 644 38.08 -16.39 -30.02
C PHE C 644 36.96 -16.15 -31.04
N SER C 645 35.95 -17.04 -30.99
CA SER C 645 34.77 -16.94 -31.83
C SER C 645 33.89 -15.79 -31.33
N PRO C 646 33.05 -15.18 -32.21
CA PRO C 646 32.04 -14.21 -31.75
C PRO C 646 31.07 -14.77 -30.71
N ALA C 647 30.83 -16.08 -30.76
CA ALA C 647 29.97 -16.75 -29.80
C ALA C 647 30.67 -16.87 -28.45
N ASP C 648 31.76 -17.65 -28.42
CA ASP C 648 32.41 -18.02 -27.18
C ASP C 648 33.68 -17.18 -27.01
N LYS C 649 33.60 -16.17 -26.14
CA LYS C 649 34.69 -15.21 -25.95
C LYS C 649 35.72 -15.73 -24.94
N THR C 650 35.29 -16.68 -24.08
CA THR C 650 36.14 -17.15 -22.99
C THR C 650 37.09 -18.24 -23.49
N LYS C 651 36.55 -19.18 -24.28
CA LYS C 651 37.32 -20.31 -24.78
C LYS C 651 37.86 -19.98 -26.17
N ALA C 652 39.18 -20.11 -26.33
CA ALA C 652 39.86 -19.78 -27.58
C ALA C 652 39.68 -20.92 -28.58
N VAL C 653 39.44 -20.55 -29.85
CA VAL C 653 39.32 -21.51 -30.93
C VAL C 653 40.71 -21.93 -31.39
N HIS C 654 41.69 -21.03 -31.26
CA HIS C 654 43.02 -21.23 -31.78
C HIS C 654 44.01 -20.38 -30.99
N THR C 655 45.22 -20.92 -30.78
CA THR C 655 46.29 -20.22 -30.09
C THR C 655 47.57 -20.33 -30.92
N ALA C 656 48.29 -19.21 -31.05
CA ALA C 656 49.46 -19.13 -31.90
C ALA C 656 50.66 -18.62 -31.11
N LYS C 657 51.79 -18.45 -31.80
CA LYS C 657 53.02 -17.99 -31.19
C LYS C 657 53.82 -17.17 -32.20
N VAL C 658 53.57 -15.86 -32.22
CA VAL C 658 54.25 -14.95 -33.13
C VAL C 658 55.56 -14.50 -32.47
N ILE C 659 56.64 -14.52 -33.26
CA ILE C 659 57.98 -14.20 -32.77
C ILE C 659 58.66 -13.25 -33.75
N VAL C 660 58.55 -11.94 -33.48
CA VAL C 660 59.25 -10.95 -34.29
C VAL C 660 60.67 -10.83 -33.76
N GLY C 661 61.63 -11.33 -34.55
CA GLY C 661 63.04 -11.30 -34.19
C GLY C 661 63.46 -12.53 -33.40
N ASP C 662 64.40 -12.35 -32.47
CA ASP C 662 64.85 -13.41 -31.58
C ASP C 662 63.75 -13.72 -30.57
N GLU C 663 63.54 -15.01 -30.31
CA GLU C 663 62.50 -15.47 -29.40
C GLU C 663 62.89 -15.07 -27.97
N LYS C 664 61.89 -14.61 -27.21
CA LYS C 664 62.01 -14.39 -25.78
C LYS C 664 61.05 -15.36 -25.08
N THR C 665 61.53 -16.01 -24.01
CA THR C 665 60.71 -16.92 -23.24
C THR C 665 59.57 -16.14 -22.58
N MET C 666 58.36 -16.70 -22.64
CA MET C 666 57.17 -16.00 -22.16
C MET C 666 57.21 -15.96 -20.63
N MET C 667 57.07 -14.76 -20.06
CA MET C 667 57.14 -14.57 -18.62
C MET C 667 55.89 -15.15 -17.96
N VAL C 668 55.94 -15.27 -16.63
CA VAL C 668 54.82 -15.77 -15.85
C VAL C 668 54.59 -14.83 -14.67
N ASN C 669 53.31 -14.62 -14.31
CA ASN C 669 52.96 -13.78 -13.17
C ASN C 669 53.21 -14.58 -11.89
N LEU C 670 54.21 -14.15 -11.12
CA LEU C 670 54.59 -14.82 -9.88
C LEU C 670 53.69 -14.34 -8.75
N ALA C 671 53.06 -13.18 -8.91
CA ALA C 671 52.18 -12.61 -7.90
C ALA C 671 50.87 -13.39 -7.83
N GLU C 672 50.41 -13.91 -8.97
CA GLU C 672 49.18 -14.69 -9.03
C GLU C 672 49.24 -15.79 -7.98
N GLY C 673 48.27 -15.77 -7.06
CA GLY C 673 48.22 -16.71 -5.95
C GLY C 673 49.17 -16.30 -4.82
N ALA C 674 49.22 -14.99 -4.54
CA ALA C 674 50.09 -14.45 -3.50
C ALA C 674 49.37 -14.50 -2.17
N THR C 675 50.07 -15.03 -1.14
CA THR C 675 49.55 -15.07 0.21
C THR C 675 49.69 -13.69 0.84
N VAL C 676 48.58 -12.96 0.94
CA VAL C 676 48.56 -11.66 1.58
C VAL C 676 48.68 -11.88 3.08
N ILE C 677 49.62 -11.17 3.71
CA ILE C 677 49.96 -11.38 5.11
C ILE C 677 50.23 -10.05 5.80
N GLY C 678 49.50 -9.00 5.40
CA GLY C 678 49.65 -7.69 6.01
C GLY C 678 49.22 -6.57 5.08
N GLY C 679 49.56 -5.33 5.47
CA GLY C 679 49.15 -4.14 4.75
C GLY C 679 47.84 -3.58 5.31
N SER C 680 47.59 -2.30 5.02
CA SER C 680 46.39 -1.61 5.49
C SER C 680 45.17 -2.06 4.69
N ALA C 681 45.40 -2.58 3.48
CA ALA C 681 44.33 -2.99 2.58
C ALA C 681 43.55 -4.16 3.17
N ASP C 682 42.28 -4.26 2.77
CA ASP C 682 41.39 -5.32 3.23
C ASP C 682 41.86 -6.65 2.64
N PRO C 683 42.21 -7.65 3.48
CA PRO C 683 42.66 -8.96 3.01
C PRO C 683 41.78 -9.62 1.94
N VAL C 684 40.48 -9.34 1.96
CA VAL C 684 39.54 -9.94 1.03
C VAL C 684 39.76 -9.34 -0.37
N ASN C 685 39.85 -8.01 -0.43
CA ASN C 685 40.04 -7.29 -1.68
C ASN C 685 41.52 -7.25 -2.08
N ALA C 686 42.40 -7.58 -1.11
CA ALA C 686 43.83 -7.65 -1.38
C ALA C 686 44.16 -8.88 -2.22
N ARG C 687 43.44 -9.99 -1.98
CA ARG C 687 43.64 -11.22 -2.72
C ARG C 687 43.14 -11.07 -4.16
N LYS C 688 42.26 -10.10 -4.39
CA LYS C 688 41.61 -9.93 -5.69
C LYS C 688 42.43 -9.00 -6.60
N VAL C 689 43.63 -8.60 -6.16
CA VAL C 689 44.61 -7.99 -7.04
C VAL C 689 45.62 -9.04 -7.48
N PHE C 690 45.44 -10.29 -7.02
CA PHE C 690 46.26 -11.41 -7.44
C PHE C 690 45.38 -12.58 -7.87
N ASP C 691 44.12 -12.29 -8.22
CA ASP C 691 43.13 -13.31 -8.52
C ASP C 691 43.42 -13.92 -9.89
N GLY C 692 44.01 -13.12 -10.80
CA GLY C 692 44.29 -13.54 -12.16
C GLY C 692 43.47 -12.77 -13.18
N GLN C 693 42.21 -12.51 -12.84
CA GLN C 693 41.31 -11.73 -13.67
C GLN C 693 41.28 -10.29 -13.17
N LEU C 694 40.71 -9.40 -13.99
CA LEU C 694 40.46 -8.02 -13.58
C LEU C 694 39.30 -8.03 -12.59
N GLY C 695 38.16 -8.56 -13.03
CA GLY C 695 36.94 -8.60 -12.25
C GLY C 695 35.72 -8.32 -13.12
N SER C 696 34.53 -8.60 -12.57
CA SER C 696 33.27 -8.34 -13.26
C SER C 696 33.01 -6.84 -13.31
N GLU C 697 32.13 -6.44 -14.23
CA GLU C 697 31.77 -5.04 -14.41
C GLU C 697 31.29 -4.45 -13.08
N THR C 698 30.54 -5.26 -12.32
CA THR C 698 29.98 -4.84 -11.04
C THR C 698 30.62 -5.63 -9.91
N ASP C 699 31.96 -5.65 -9.89
CA ASP C 699 32.70 -6.27 -8.79
C ASP C 699 33.04 -5.17 -7.79
N ASN C 700 33.90 -5.46 -6.81
CA ASN C 700 34.34 -4.47 -5.85
C ASN C 700 35.75 -4.83 -5.38
N ILE C 701 36.74 -4.01 -5.78
CA ILE C 701 38.15 -4.30 -5.52
C ILE C 701 38.77 -3.10 -4.81
N SER C 702 37.96 -2.37 -4.03
CA SER C 702 38.46 -1.25 -3.25
C SER C 702 39.30 -1.78 -2.08
N LEU C 703 40.56 -1.36 -2.03
CA LEU C 703 41.54 -1.92 -1.12
C LEU C 703 41.20 -1.55 0.32
N GLY C 704 40.93 -0.25 0.53
CA GLY C 704 40.56 0.24 1.85
C GLY C 704 39.72 1.51 1.75
N TRP C 705 39.61 2.23 2.88
CA TRP C 705 38.81 3.44 2.97
C TRP C 705 39.67 4.66 2.68
N ASP C 706 40.88 4.68 3.26
CA ASP C 706 41.80 5.81 3.13
C ASP C 706 42.31 5.88 1.69
N SER C 707 42.79 7.06 1.30
CA SER C 707 43.31 7.31 -0.03
C SER C 707 44.60 6.52 -0.26
N LYS C 708 45.41 6.37 0.79
CA LYS C 708 46.63 5.60 0.75
C LYS C 708 46.38 4.20 1.34
N GLN C 709 46.77 3.16 0.61
CA GLN C 709 46.60 1.79 1.06
C GLN C 709 47.83 0.97 0.67
N SER C 710 48.17 -0.01 1.52
CA SER C 710 49.35 -0.84 1.34
C SER C 710 48.98 -2.32 1.35
N ILE C 711 49.77 -3.13 0.65
CA ILE C 711 49.58 -4.58 0.59
C ILE C 711 50.93 -5.26 0.83
N ILE C 712 51.01 -6.07 1.88
CA ILE C 712 52.17 -6.92 2.13
C ILE C 712 51.80 -8.35 1.77
N PHE C 713 52.67 -9.02 1.03
CA PHE C 713 52.35 -10.33 0.47
C PHE C 713 53.61 -11.14 0.17
N LYS C 714 53.40 -12.43 -0.10
CA LYS C 714 54.45 -13.37 -0.41
C LYS C 714 54.16 -13.99 -1.77
N LEU C 715 55.22 -14.30 -2.52
CA LEU C 715 55.08 -14.89 -3.85
C LEU C 715 54.73 -16.36 -3.74
N LYS C 716 54.12 -16.90 -4.80
CA LYS C 716 53.73 -18.30 -4.86
C LYS C 716 54.97 -19.18 -5.04
N GLU C 717 55.87 -18.75 -5.94
CA GLU C 717 57.06 -19.53 -6.28
C GLU C 717 58.30 -18.65 -6.22
N ASP C 718 59.48 -19.31 -6.17
CA ASP C 718 60.75 -18.62 -6.31
C ASP C 718 60.96 -18.29 -7.79
N GLY C 719 61.70 -17.21 -8.06
CA GLY C 719 61.95 -16.78 -9.42
C GLY C 719 62.75 -15.48 -9.49
N LEU C 720 63.04 -15.04 -10.73
CA LEU C 720 63.78 -13.82 -10.96
C LEU C 720 62.85 -12.81 -11.63
N ILE C 721 62.53 -11.74 -10.88
CA ILE C 721 61.55 -10.76 -11.30
C ILE C 721 62.24 -9.75 -12.22
N LYS C 722 61.79 -9.70 -13.48
CA LYS C 722 62.36 -8.82 -14.49
C LYS C 722 61.43 -7.65 -14.81
N HIS C 723 60.15 -7.76 -14.43
CA HIS C 723 59.15 -6.79 -14.86
C HIS C 723 57.94 -6.86 -13.92
N TRP C 724 57.24 -5.72 -13.77
CA TRP C 724 56.02 -5.66 -12.99
C TRP C 724 55.00 -4.77 -13.69
N ARG C 725 53.72 -4.95 -13.35
CA ARG C 725 52.63 -4.17 -13.92
C ARG C 725 51.48 -4.10 -12.92
N PHE C 726 50.78 -2.96 -12.90
CA PHE C 726 49.55 -2.81 -12.14
C PHE C 726 48.52 -2.11 -13.02
N PHE C 727 47.23 -2.42 -12.81
CA PHE C 727 46.15 -1.91 -13.63
C PHE C 727 45.33 -0.88 -12.85
N ASN C 728 44.75 0.08 -13.60
CA ASN C 728 43.75 0.97 -13.06
C ASN C 728 42.37 0.36 -13.27
N ASP C 729 41.33 1.00 -12.72
CA ASP C 729 39.97 0.51 -12.82
C ASP C 729 39.43 0.72 -14.23
N SER C 730 40.04 1.66 -14.98
CA SER C 730 39.68 1.90 -16.37
C SER C 730 39.97 0.66 -17.22
N ALA C 731 40.88 -0.21 -16.75
CA ALA C 731 41.15 -1.48 -17.41
C ALA C 731 39.92 -2.38 -17.35
N ARG C 732 39.28 -2.45 -16.17
CA ARG C 732 38.16 -3.34 -15.93
C ARG C 732 36.88 -2.73 -16.52
N ASN C 733 36.55 -1.52 -16.08
CA ASN C 733 35.38 -0.80 -16.55
C ASN C 733 35.84 0.49 -17.22
N PRO C 734 35.88 0.55 -18.58
CA PRO C 734 36.31 1.75 -19.30
C PRO C 734 35.70 3.05 -18.78
N GLU C 735 34.39 3.02 -18.50
CA GLU C 735 33.65 4.22 -18.17
C GLU C 735 33.53 4.36 -16.65
N THR C 736 34.64 4.12 -15.94
CA THR C 736 34.61 4.09 -14.48
C THR C 736 34.63 5.50 -13.92
N THR C 737 34.12 5.64 -12.68
CA THR C 737 34.14 6.90 -11.95
C THR C 737 35.25 6.89 -10.90
N ASN C 738 35.91 5.74 -10.72
CA ASN C 738 36.99 5.61 -9.76
C ASN C 738 38.19 6.42 -10.25
N LYS C 739 38.90 7.02 -9.29
CA LYS C 739 40.08 7.83 -9.58
C LYS C 739 41.28 6.91 -9.76
N PRO C 740 42.14 7.15 -10.78
CA PRO C 740 43.29 6.27 -11.03
C PRO C 740 44.37 6.45 -9.96
N ILE C 741 45.25 5.45 -9.85
CA ILE C 741 46.36 5.51 -8.90
C ILE C 741 47.30 6.62 -9.35
N GLN C 742 47.51 7.61 -8.47
CA GLN C 742 48.30 8.79 -8.78
C GLN C 742 49.79 8.46 -8.58
N GLU C 743 50.11 7.90 -7.40
CA GLU C 743 51.48 7.53 -7.09
C GLU C 743 51.48 6.17 -6.36
N ALA C 744 52.45 5.32 -6.74
CA ALA C 744 52.58 3.99 -6.16
C ALA C 744 54.06 3.66 -6.00
N SER C 745 54.34 2.64 -5.19
CA SER C 745 55.71 2.23 -4.90
C SER C 745 55.76 0.73 -4.64
N LEU C 746 56.46 -0.01 -5.51
CA LEU C 746 56.74 -1.42 -5.28
C LEU C 746 58.00 -1.52 -4.43
N GLN C 747 57.99 -2.44 -3.45
CA GLN C 747 59.03 -2.53 -2.44
C GLN C 747 59.32 -4.00 -2.14
N ILE C 748 60.48 -4.24 -1.51
CA ILE C 748 60.87 -5.57 -1.07
C ILE C 748 61.40 -5.50 0.35
N PHE C 749 61.31 -6.62 1.07
CA PHE C 749 61.68 -6.68 2.48
C PHE C 749 63.19 -6.64 2.63
N ASN C 750 63.66 -5.93 3.65
CA ASN C 750 65.08 -5.83 3.96
C ASN C 750 65.49 -7.05 4.79
N ILE C 751 65.67 -8.18 4.09
CA ILE C 751 65.92 -9.47 4.72
C ILE C 751 67.29 -9.49 5.38
N LYS C 752 68.25 -8.74 4.80
CA LYS C 752 69.62 -8.75 5.28
C LYS C 752 69.69 -8.13 6.68
N ASP C 753 69.04 -6.97 6.86
CA ASP C 753 69.09 -6.26 8.13
C ASP C 753 68.26 -6.99 9.19
N TYR C 754 66.94 -7.06 8.96
CA TYR C 754 66.00 -7.44 10.01
C TYR C 754 65.67 -8.93 9.92
N ASN C 755 64.98 -9.43 10.95
CA ASN C 755 64.61 -10.83 11.05
C ASN C 755 63.34 -11.06 10.25
N LEU C 756 63.20 -12.28 9.71
CA LEU C 756 62.08 -12.64 8.84
C LEU C 756 60.86 -13.03 9.69
N ASP C 757 61.12 -13.65 10.85
CA ASP C 757 60.06 -14.21 11.68
C ASP C 757 59.34 -13.11 12.45
N ASN C 758 59.89 -11.90 12.46
CA ASN C 758 59.22 -10.74 13.04
C ASN C 758 58.04 -10.33 12.17
N LEU C 759 58.22 -10.43 10.84
CA LEU C 759 57.21 -10.04 9.88
C LEU C 759 56.07 -11.07 9.89
N LEU C 760 56.42 -12.36 10.04
CA LEU C 760 55.43 -13.42 10.07
C LEU C 760 54.53 -13.30 11.29
N GLU C 761 55.15 -13.15 12.47
CA GLU C 761 54.44 -13.06 13.73
C GLU C 761 53.75 -11.70 13.85
N ASN C 762 54.51 -10.63 13.60
CA ASN C 762 54.03 -9.27 13.78
C ASN C 762 54.10 -8.53 12.44
N PRO C 763 53.15 -8.78 11.51
CA PRO C 763 53.13 -8.07 10.22
C PRO C 763 52.64 -6.63 10.31
N ASN C 764 51.88 -6.33 11.36
CA ASN C 764 51.29 -5.00 11.56
C ASN C 764 52.40 -3.99 11.79
N LYS C 765 53.29 -4.29 12.74
CA LYS C 765 54.38 -3.40 13.11
C LYS C 765 55.22 -3.07 11.87
N PHE C 766 55.54 -4.10 11.08
CA PHE C 766 56.33 -3.93 9.87
C PHE C 766 55.43 -3.44 8.74
N ASP C 767 55.17 -2.13 8.73
CA ASP C 767 54.43 -1.49 7.65
C ASP C 767 54.86 -0.02 7.59
N ASP C 768 56.17 0.18 7.37
CA ASP C 768 56.73 1.52 7.23
C ASP C 768 57.79 1.45 6.12
N GLU C 769 58.05 2.60 5.48
CA GLU C 769 58.94 2.67 4.33
C GLU C 769 60.38 2.33 4.75
N LYS C 770 60.69 2.51 6.04
CA LYS C 770 62.04 2.30 6.55
C LYS C 770 62.42 0.82 6.47
N TYR C 771 61.45 -0.07 6.72
CA TYR C 771 61.72 -1.49 6.86
C TYR C 771 61.83 -2.18 5.50
N TRP C 772 61.31 -1.53 4.44
CA TRP C 772 61.31 -2.10 3.11
C TRP C 772 62.17 -1.25 2.17
N ILE C 773 62.47 -1.81 1.00
CA ILE C 773 63.38 -1.20 0.04
C ILE C 773 62.66 -1.01 -1.29
N THR C 774 62.47 0.27 -1.67
CA THR C 774 61.68 0.62 -2.84
C THR C 774 62.47 0.32 -4.12
N VAL C 775 61.99 -0.67 -4.88
CA VAL C 775 62.67 -1.12 -6.09
C VAL C 775 62.25 -0.25 -7.28
N ASP C 776 61.01 0.26 -7.24
CA ASP C 776 60.51 1.11 -8.31
C ASP C 776 59.33 1.93 -7.78
N THR C 777 59.13 3.13 -8.35
CA THR C 777 58.04 4.01 -7.98
C THR C 777 57.27 4.41 -9.23
N TYR C 778 56.12 5.06 -9.02
CA TYR C 778 55.29 5.57 -10.10
C TYR C 778 54.79 6.97 -9.74
N SER C 779 54.68 7.82 -10.76
CA SER C 779 54.10 9.15 -10.61
C SER C 779 53.38 9.52 -11.91
N ALA C 780 52.04 9.65 -11.82
CA ALA C 780 51.21 9.87 -13.00
C ALA C 780 51.36 11.31 -13.47
N GLN C 781 52.46 11.59 -14.17
CA GLN C 781 52.71 12.89 -14.76
C GLN C 781 52.24 12.87 -16.22
N GLY C 782 50.92 12.74 -16.40
CA GLY C 782 50.33 12.62 -17.72
C GLY C 782 48.86 12.22 -17.65
N GLU C 783 48.31 11.81 -18.80
CA GLU C 783 46.90 11.45 -18.91
C GLU C 783 46.67 10.09 -18.26
N ARG C 784 45.39 9.74 -18.08
CA ARG C 784 45.00 8.47 -17.49
C ARG C 784 45.39 7.34 -18.43
N ALA C 785 45.65 6.16 -17.86
CA ALA C 785 46.08 5.01 -18.62
C ALA C 785 45.44 3.73 -18.07
N THR C 786 45.49 2.66 -18.88
CA THR C 786 44.93 1.37 -18.51
C THR C 786 45.78 0.74 -17.39
N ALA C 787 47.10 0.81 -17.56
CA ALA C 787 48.04 0.20 -16.63
C ALA C 787 49.41 0.87 -16.75
N PHE C 788 50.25 0.67 -15.72
CA PHE C 788 51.64 1.06 -15.77
C PHE C 788 52.52 -0.19 -15.67
N SER C 789 53.58 -0.22 -16.47
CA SER C 789 54.51 -1.34 -16.48
C SER C 789 55.93 -0.82 -16.65
N ASN C 790 56.89 -1.53 -16.04
CA ASN C 790 58.29 -1.13 -16.05
C ASN C 790 59.15 -2.34 -15.70
N THR C 791 60.39 -2.36 -16.19
CA THR C 791 61.30 -3.46 -15.95
C THR C 791 61.93 -3.32 -14.55
N LEU C 792 62.49 -4.43 -14.07
CA LEU C 792 63.15 -4.49 -12.76
C LEU C 792 64.50 -5.20 -12.94
N ASN C 793 65.39 -4.98 -11.96
CA ASN C 793 66.78 -5.38 -12.09
C ASN C 793 66.99 -6.74 -11.44
N ASN C 794 66.26 -7.76 -11.92
CA ASN C 794 66.46 -9.14 -11.53
C ASN C 794 66.43 -9.26 -10.00
N ILE C 795 65.22 -9.17 -9.44
CA ILE C 795 65.02 -9.21 -8.00
C ILE C 795 64.48 -10.59 -7.61
N THR C 796 64.70 -10.98 -6.35
CA THR C 796 64.27 -12.28 -5.85
C THR C 796 63.35 -12.11 -4.64
N SER C 797 63.73 -11.23 -3.70
CA SER C 797 63.04 -11.03 -2.43
C SER C 797 61.58 -11.49 -2.54
N LYS C 798 61.27 -12.59 -1.84
CA LYS C 798 59.99 -13.28 -2.00
C LYS C 798 58.87 -12.52 -1.29
N TYR C 799 59.22 -11.73 -0.26
CA TYR C 799 58.24 -10.95 0.47
C TYR C 799 58.24 -9.52 -0.07
N TRP C 800 57.07 -9.07 -0.56
CA TRP C 800 56.93 -7.78 -1.19
C TRP C 800 56.00 -6.87 -0.40
N ARG C 801 56.15 -5.56 -0.61
CA ARG C 801 55.19 -4.56 -0.16
C ARG C 801 54.91 -3.62 -1.33
N VAL C 802 53.65 -3.18 -1.44
CA VAL C 802 53.25 -2.23 -2.47
C VAL C 802 52.26 -1.24 -1.86
N VAL C 803 52.31 0.00 -2.32
CA VAL C 803 51.42 1.05 -1.84
C VAL C 803 50.75 1.73 -3.04
N PHE C 804 49.52 2.18 -2.83
CA PHE C 804 48.74 2.87 -3.86
C PHE C 804 48.09 4.10 -3.23
N ASP C 805 48.30 5.27 -3.84
CA ASP C 805 47.74 6.52 -3.36
C ASP C 805 47.06 7.24 -4.52
N THR C 806 45.76 7.51 -4.37
CA THR C 806 45.00 8.28 -5.34
C THR C 806 45.13 9.77 -5.03
N LYS C 807 45.13 10.11 -3.74
CA LYS C 807 45.23 11.49 -3.28
C LYS C 807 43.97 12.24 -3.70
N GLY C 808 42.81 11.76 -3.21
CA GLY C 808 41.52 12.37 -3.46
C GLY C 808 40.80 12.72 -2.16
N ASP C 809 39.62 13.33 -2.28
CA ASP C 809 38.85 13.81 -1.15
C ASP C 809 38.24 12.63 -0.39
N ARG C 810 37.47 12.95 0.66
CA ARG C 810 36.87 11.95 1.56
C ARG C 810 36.37 10.75 0.76
N TYR C 811 36.85 9.56 1.13
CA TYR C 811 36.52 8.31 0.47
C TYR C 811 37.02 8.33 -0.98
N SER C 812 38.31 8.04 -1.13
CA SER C 812 38.97 7.96 -2.43
C SER C 812 39.79 6.67 -2.52
N SER C 813 39.10 5.54 -2.40
CA SER C 813 39.73 4.23 -2.29
C SER C 813 40.47 3.88 -3.58
N PRO C 814 41.71 3.34 -3.49
CA PRO C 814 42.41 2.83 -4.67
C PRO C 814 41.77 1.57 -5.22
N VAL C 815 41.71 1.47 -6.56
CA VAL C 815 41.15 0.30 -7.23
C VAL C 815 42.20 -0.25 -8.19
N VAL C 816 42.73 -1.44 -7.87
CA VAL C 816 43.70 -2.13 -8.72
C VAL C 816 43.14 -3.51 -9.03
N PRO C 817 42.52 -3.70 -10.23
CA PRO C 817 41.99 -5.01 -10.63
C PRO C 817 42.98 -6.17 -10.52
N GLU C 818 44.24 -5.90 -10.88
CA GLU C 818 45.29 -6.90 -10.84
C GLU C 818 46.65 -6.24 -10.65
N LEU C 819 47.53 -6.91 -9.90
CA LEU C 819 48.92 -6.51 -9.74
C LEU C 819 49.80 -7.66 -10.19
N GLN C 820 50.65 -7.38 -11.20
CA GLN C 820 51.51 -8.38 -11.80
C GLN C 820 52.96 -8.13 -11.40
N ILE C 821 53.58 -9.15 -10.79
CA ILE C 821 55.02 -9.21 -10.65
C ILE C 821 55.50 -10.35 -11.54
N LEU C 822 56.13 -9.99 -12.66
CA LEU C 822 56.43 -10.91 -13.74
C LEU C 822 57.90 -11.31 -13.69
N GLY C 823 58.19 -12.53 -14.14
CA GLY C 823 59.55 -13.05 -14.12
C GLY C 823 59.63 -14.45 -14.73
N TYR C 824 60.50 -15.30 -14.15
CA TYR C 824 60.68 -16.67 -14.61
C TYR C 824 60.83 -17.59 -13.40
N PRO C 825 60.31 -18.84 -13.45
CA PRO C 825 60.56 -19.82 -12.39
C PRO C 825 62.03 -20.21 -12.35
N LEU C 826 62.60 -20.22 -11.14
CA LEU C 826 64.02 -20.47 -10.97
C LEU C 826 64.29 -20.98 -9.54
N PRO C 827 64.44 -22.32 -9.35
CA PRO C 827 64.80 -22.88 -8.05
C PRO C 827 66.09 -22.29 -7.49
N ASN C 828 66.03 -21.84 -6.23
CA ASN C 828 67.15 -21.19 -5.56
C ASN C 828 67.58 -19.96 -6.37
N ALA C 829 66.62 -19.06 -6.61
CA ALA C 829 66.89 -17.79 -7.28
C ALA C 829 67.64 -16.85 -6.34
N ASP C 830 67.46 -17.08 -5.03
CA ASP C 830 68.07 -16.24 -4.00
C ASP C 830 69.56 -16.56 -3.91
N THR C 831 69.89 -17.86 -3.94
CA THR C 831 71.27 -18.34 -3.84
C THR C 831 72.08 -17.87 -5.05
N ILE C 832 71.46 -17.97 -6.24
CA ILE C 832 72.13 -17.68 -7.50
C ILE C 832 72.50 -16.19 -7.57
N MET C 833 71.60 -15.33 -7.10
CA MET C 833 71.80 -13.89 -7.18
C MET C 833 72.74 -13.41 -6.07
N LYS C 834 72.89 -14.21 -5.02
CA LYS C 834 73.86 -13.92 -3.97
C LYS C 834 75.28 -14.17 -4.47
N THR C 835 75.41 -15.05 -5.47
CA THR C 835 76.69 -15.36 -6.07
C THR C 835 77.18 -14.18 -6.91
N VAL C 836 76.25 -13.53 -7.62
CA VAL C 836 76.58 -12.45 -8.53
C VAL C 836 76.93 -11.19 -7.74
N THR C 837 76.14 -10.90 -6.70
CA THR C 837 76.29 -9.68 -5.92
C THR C 837 77.58 -9.72 -5.11
N THR C 838 77.96 -10.91 -4.62
CA THR C 838 79.19 -11.08 -3.85
C THR C 838 80.40 -11.04 -4.78
N ALA C 839 80.24 -11.53 -6.02
CA ALA C 839 81.32 -11.57 -6.99
C ALA C 839 81.72 -10.15 -7.41
N LYS C 840 80.76 -9.22 -7.38
CA LYS C 840 81.03 -7.82 -7.66
C LYS C 840 81.85 -7.21 -6.52
N GLU C 841 81.51 -7.57 -5.28
CA GLU C 841 82.15 -7.02 -4.09
C GLU C 841 83.62 -7.45 -4.01
N LEU C 842 83.93 -8.62 -4.57
CA LEU C 842 85.29 -9.14 -4.58
C LEU C 842 86.13 -8.39 -5.62
N SER C 843 85.53 -8.07 -6.77
CA SER C 843 86.21 -7.34 -7.83
C SER C 843 86.43 -5.88 -7.43
N GLN C 844 85.66 -5.40 -6.43
CA GLN C 844 85.87 -4.08 -5.85
C GLN C 844 87.17 -4.07 -5.05
N GLN C 845 87.46 -5.17 -4.34
CA GLN C 845 88.68 -5.31 -3.56
C GLN C 845 89.87 -5.30 -4.52
N LYS C 846 90.53 -4.15 -4.62
CA LYS C 846 91.63 -3.95 -5.55
C LYS C 846 92.87 -4.72 -5.07
N ASP C 847 93.16 -4.62 -3.77
CA ASP C 847 94.35 -5.23 -3.18
C ASP C 847 93.95 -6.51 -2.45
N LYS C 848 93.31 -7.44 -3.17
CA LYS C 848 92.94 -8.74 -2.65
C LYS C 848 93.78 -9.81 -3.33
N PHE C 849 93.58 -9.97 -4.65
CA PHE C 849 94.14 -11.08 -5.39
C PHE C 849 94.72 -10.55 -6.69
N SER C 850 95.66 -11.32 -7.27
CA SER C 850 96.29 -11.00 -8.53
C SER C 850 95.25 -10.78 -9.63
N GLN C 851 95.71 -10.19 -10.74
CA GLN C 851 94.87 -9.91 -11.90
C GLN C 851 94.48 -11.23 -12.58
N LYS C 852 95.33 -12.26 -12.43
CA LYS C 852 95.13 -13.55 -13.08
C LYS C 852 93.85 -14.21 -12.56
N MET C 853 93.56 -14.05 -11.25
CA MET C 853 92.41 -14.67 -10.63
C MET C 853 91.21 -13.72 -10.64
N LEU C 854 91.48 -12.40 -10.61
CA LEU C 854 90.42 -11.40 -10.68
C LEU C 854 89.77 -11.44 -12.06
N ASP C 855 90.56 -11.77 -13.09
CA ASP C 855 90.06 -11.89 -14.45
C ASP C 855 89.24 -13.18 -14.59
N GLU C 856 89.62 -14.23 -13.86
CA GLU C 856 88.88 -15.48 -13.84
C GLU C 856 87.50 -15.27 -13.22
N LEU C 857 87.41 -14.35 -12.25
CA LEU C 857 86.16 -14.02 -11.58
C LEU C 857 85.19 -13.37 -12.56
N LYS C 858 85.68 -12.36 -13.29
CA LYS C 858 84.84 -11.56 -14.17
C LYS C 858 84.29 -12.40 -15.32
N ILE C 859 85.09 -13.35 -15.81
CA ILE C 859 84.70 -14.21 -16.93
C ILE C 859 83.63 -15.20 -16.47
N LYS C 860 83.71 -15.63 -15.21
CA LYS C 860 82.74 -16.56 -14.64
C LYS C 860 81.45 -15.83 -14.27
N GLU C 861 81.58 -14.56 -13.83
CA GLU C 861 80.45 -13.77 -13.39
C GLU C 861 79.62 -13.31 -14.59
N MET C 862 80.31 -12.86 -15.65
CA MET C 862 79.66 -12.32 -16.82
C MET C 862 79.00 -13.45 -17.61
N ALA C 863 79.53 -14.67 -17.47
CA ALA C 863 78.95 -15.86 -18.08
C ALA C 863 77.56 -16.12 -17.50
N LEU C 864 77.45 -15.99 -16.17
CA LEU C 864 76.19 -16.20 -15.47
C LEU C 864 75.23 -15.07 -15.79
N GLU C 865 75.69 -13.83 -15.64
CA GLU C 865 74.86 -12.64 -15.85
C GLU C 865 74.35 -12.60 -17.28
N THR C 866 75.09 -13.19 -18.22
CA THR C 866 74.66 -13.32 -19.60
C THR C 866 73.48 -14.28 -19.70
N SER C 867 73.55 -15.40 -18.97
CA SER C 867 72.51 -16.41 -19.00
C SER C 867 71.29 -15.98 -18.18
N LEU C 868 71.48 -15.01 -17.28
CA LEU C 868 70.38 -14.41 -16.54
C LEU C 868 69.57 -13.51 -17.47
N ASN C 869 70.26 -12.61 -18.18
CA ASN C 869 69.63 -11.64 -19.07
C ASN C 869 69.58 -12.16 -20.51
N SER C 870 69.55 -13.49 -20.66
CA SER C 870 69.38 -14.12 -21.97
C SER C 870 67.91 -14.02 -22.38
N LYS C 871 67.68 -13.89 -23.69
CA LYS C 871 66.34 -13.81 -24.24
C LYS C 871 65.62 -15.13 -24.00
N ILE C 872 66.26 -16.24 -24.40
CA ILE C 872 65.81 -17.56 -24.03
C ILE C 872 66.30 -17.85 -22.61
N PHE C 873 65.39 -18.28 -21.73
CA PHE C 873 65.70 -18.49 -20.33
C PHE C 873 65.94 -19.98 -20.09
N ASP C 874 67.19 -20.41 -20.32
CA ASP C 874 67.62 -21.76 -19.98
C ASP C 874 68.11 -21.75 -18.54
N VAL C 875 67.46 -22.56 -17.68
CA VAL C 875 67.76 -22.60 -16.27
C VAL C 875 69.03 -23.44 -16.05
N THR C 876 69.20 -24.48 -16.87
CA THR C 876 70.35 -25.37 -16.76
C THR C 876 71.65 -24.59 -16.99
N ALA C 877 71.62 -23.66 -17.95
CA ALA C 877 72.77 -22.84 -18.27
C ALA C 877 73.08 -21.87 -17.12
N ILE C 878 72.03 -21.40 -16.44
CA ILE C 878 72.17 -20.52 -15.29
C ILE C 878 72.69 -21.31 -14.10
N ASN C 879 72.18 -22.55 -13.93
CA ASN C 879 72.60 -23.42 -12.85
C ASN C 879 74.06 -23.84 -13.04
N ALA C 880 74.47 -24.00 -14.30
CA ALA C 880 75.83 -24.41 -14.64
C ALA C 880 76.81 -23.29 -14.29
N ASN C 881 76.50 -22.06 -14.74
CA ASN C 881 77.38 -20.91 -14.56
C ASN C 881 77.40 -20.49 -13.09
N ALA C 882 76.30 -20.76 -12.38
CA ALA C 882 76.23 -20.50 -10.95
C ALA C 882 77.12 -21.49 -10.20
N GLY C 883 77.08 -22.76 -10.61
CA GLY C 883 77.90 -23.81 -10.02
C GLY C 883 79.39 -23.59 -10.25
N VAL C 884 79.73 -22.98 -11.40
CA VAL C 884 81.10 -22.63 -11.73
C VAL C 884 81.55 -21.51 -10.80
N LEU C 885 80.67 -20.52 -10.56
CA LEU C 885 81.01 -19.34 -9.79
C LEU C 885 80.85 -19.61 -8.29
N LYS C 886 80.14 -20.70 -7.94
CA LYS C 886 79.89 -21.04 -6.55
C LYS C 886 81.21 -21.35 -5.84
N ASP C 887 81.93 -22.36 -6.34
CA ASP C 887 83.16 -22.83 -5.71
C ASP C 887 84.34 -21.92 -6.08
N CYS C 888 84.12 -21.01 -7.04
CA CYS C 888 85.14 -20.05 -7.45
C CYS C 888 85.45 -19.07 -6.32
N ILE C 889 84.45 -18.80 -5.46
CA ILE C 889 84.65 -17.90 -4.34
C ILE C 889 85.45 -18.63 -3.27
N GLU C 890 86.59 -18.03 -2.88
CA GLU C 890 87.61 -18.71 -2.09
C GLU C 890 87.66 -18.12 -0.69
N LYS C 891 88.46 -18.76 0.18
CA LYS C 891 88.66 -18.32 1.56
C LYS C 891 89.64 -17.16 1.60
N ARG C 892 89.81 -16.58 2.80
CA ARG C 892 90.67 -15.42 3.00
C ARG C 892 90.18 -14.26 2.13
N PRO D 18 1.00 -0.02 -12.33
CA PRO D 18 2.26 -0.55 -11.80
C PRO D 18 2.83 0.34 -10.69
N SER D 19 3.23 -0.29 -9.58
CA SER D 19 3.81 0.42 -8.45
C SER D 19 5.29 0.07 -8.33
N VAL D 20 6.11 1.08 -8.03
CA VAL D 20 7.56 0.91 -7.92
C VAL D 20 7.95 1.04 -6.44
N PHE D 21 8.97 0.27 -6.04
CA PHE D 21 9.44 0.25 -4.66
C PHE D 21 10.96 0.15 -4.63
N LEU D 22 11.62 1.32 -4.55
CA LEU D 22 13.06 1.40 -4.47
C LEU D 22 13.48 1.17 -3.02
N PHE D 23 14.55 0.37 -2.83
CA PHE D 23 14.98 -0.04 -1.50
C PHE D 23 16.48 0.23 -1.34
N PRO D 24 16.93 0.64 -0.12
CA PRO D 24 18.34 0.93 0.13
C PRO D 24 19.18 -0.34 0.32
N PRO D 25 20.52 -0.22 0.39
CA PRO D 25 21.38 -1.37 0.63
C PRO D 25 21.43 -1.76 2.11
N LYS D 26 21.84 -3.00 2.37
CA LYS D 26 21.98 -3.50 3.73
C LYS D 26 23.06 -2.69 4.43
N PRO D 27 22.84 -2.24 5.69
CA PRO D 27 23.85 -1.51 6.44
C PRO D 27 25.20 -2.23 6.51
N LYS D 28 25.16 -3.55 6.71
CA LYS D 28 26.37 -4.35 6.86
C LYS D 28 27.21 -4.30 5.57
N ASP D 29 26.53 -4.23 4.42
CA ASP D 29 27.20 -4.23 3.12
C ASP D 29 27.89 -2.90 2.87
N THR D 30 27.28 -1.79 3.31
CA THR D 30 27.80 -0.46 3.02
C THR D 30 28.92 -0.10 3.98
N LEU D 31 29.08 -0.86 5.07
CA LEU D 31 30.08 -0.57 6.09
C LEU D 31 31.24 -1.56 6.04
N MET D 32 31.20 -2.48 5.06
CA MET D 32 32.30 -3.41 4.84
C MET D 32 32.63 -3.43 3.35
N ILE D 33 33.89 -3.14 3.03
CA ILE D 33 34.33 -2.97 1.65
C ILE D 33 34.47 -4.33 0.96
N SER D 34 34.64 -5.40 1.74
CA SER D 34 34.72 -6.75 1.19
C SER D 34 33.36 -7.20 0.65
N ARG D 35 32.28 -6.70 1.26
CA ARG D 35 30.92 -7.05 0.85
C ARG D 35 30.45 -6.04 -0.20
N THR D 36 29.42 -6.42 -0.97
CA THR D 36 28.94 -5.63 -2.09
C THR D 36 27.51 -5.19 -1.85
N PRO D 37 27.25 -3.87 -1.73
CA PRO D 37 25.88 -3.35 -1.49
C PRO D 37 25.06 -3.22 -2.76
N GLU D 38 23.73 -3.34 -2.61
CA GLU D 38 22.81 -3.35 -3.73
C GLU D 38 21.64 -2.39 -3.45
N VAL D 39 21.20 -1.67 -4.49
CA VAL D 39 20.04 -0.80 -4.40
C VAL D 39 18.93 -1.41 -5.26
N THR D 40 18.04 -2.15 -4.59
CA THR D 40 17.02 -2.93 -5.27
C THR D 40 15.86 -2.04 -5.68
N CYS D 41 15.31 -2.27 -6.88
CA CYS D 41 14.15 -1.55 -7.38
C CYS D 41 13.08 -2.53 -7.82
N VAL D 42 12.17 -2.85 -6.90
CA VAL D 42 11.08 -3.78 -7.15
C VAL D 42 9.96 -3.05 -7.89
N VAL D 43 9.25 -3.78 -8.75
CA VAL D 43 8.09 -3.26 -9.45
C VAL D 43 6.98 -4.31 -9.35
N VAL D 44 5.88 -3.95 -8.69
CA VAL D 44 4.77 -4.86 -8.46
C VAL D 44 3.55 -4.38 -9.24
N ASP D 45 2.57 -5.28 -9.41
CA ASP D 45 1.35 -5.02 -10.15
C ASP D 45 1.70 -4.66 -11.59
N VAL D 46 2.68 -5.38 -12.17
CA VAL D 46 3.16 -5.11 -13.52
C VAL D 46 2.13 -5.66 -14.51
N SER D 47 1.97 -4.94 -15.63
CA SER D 47 0.95 -5.25 -16.62
C SER D 47 1.12 -6.69 -17.13
N HIS D 48 0.01 -7.43 -17.10
CA HIS D 48 -0.04 -8.80 -17.57
C HIS D 48 -0.04 -8.82 -19.10
N GLU D 49 -0.63 -7.76 -19.70
CA GLU D 49 -0.74 -7.65 -21.14
C GLU D 49 0.63 -7.34 -21.74
N ASP D 50 1.25 -6.24 -21.29
CA ASP D 50 2.55 -5.81 -21.76
C ASP D 50 3.56 -5.90 -20.61
N PRO D 51 4.24 -7.05 -20.42
CA PRO D 51 5.15 -7.24 -19.29
C PRO D 51 6.58 -6.76 -19.49
N GLU D 52 6.83 -6.04 -20.60
CA GLU D 52 8.15 -5.49 -20.87
C GLU D 52 8.42 -4.33 -19.91
N VAL D 53 9.54 -4.40 -19.19
CA VAL D 53 9.95 -3.38 -18.24
C VAL D 53 11.39 -2.98 -18.54
N LYS D 54 11.60 -1.70 -18.87
CA LYS D 54 12.93 -1.16 -19.12
C LYS D 54 13.33 -0.27 -17.95
N PHE D 55 14.33 -0.70 -17.18
CA PHE D 55 14.85 0.07 -16.07
C PHE D 55 15.96 0.99 -16.55
N ASN D 56 15.92 2.25 -16.09
CA ASN D 56 17.02 3.19 -16.29
C ASN D 56 17.53 3.62 -14.92
N TRP D 57 18.85 3.62 -14.76
CA TRP D 57 19.49 3.88 -13.48
C TRP D 57 20.36 5.12 -13.56
N TYR D 58 20.15 6.05 -12.62
CA TYR D 58 20.89 7.31 -12.57
C TYR D 58 21.52 7.48 -11.19
N VAL D 59 22.63 8.21 -11.14
CA VAL D 59 23.32 8.53 -9.90
C VAL D 59 23.73 9.99 -9.95
N ASP D 60 22.82 10.88 -9.52
CA ASP D 60 22.98 12.33 -9.63
C ASP D 60 23.01 12.73 -11.10
N GLY D 61 22.18 12.09 -11.92
CA GLY D 61 22.09 12.38 -13.34
C GLY D 61 22.96 11.45 -14.20
N VAL D 62 24.09 11.02 -13.64
CA VAL D 62 25.00 10.12 -14.32
C VAL D 62 24.30 8.77 -14.50
N GLU D 63 23.74 8.55 -15.70
CA GLU D 63 23.06 7.29 -15.99
C GLU D 63 24.10 6.17 -16.06
N VAL D 64 23.87 5.11 -15.29
CA VAL D 64 24.72 3.93 -15.31
C VAL D 64 23.96 2.81 -16.02
N HIS D 65 24.71 1.87 -16.59
CA HIS D 65 24.13 0.78 -17.38
C HIS D 65 24.74 -0.55 -16.93
N ASN D 66 24.92 -0.70 -15.62
CA ASN D 66 25.58 -1.87 -15.06
C ASN D 66 24.61 -2.63 -14.14
N ALA D 67 23.30 -2.42 -14.35
CA ALA D 67 22.29 -3.06 -13.54
C ALA D 67 22.12 -4.52 -13.96
N LYS D 68 21.33 -5.27 -13.17
CA LYS D 68 20.98 -6.64 -13.49
C LYS D 68 19.54 -6.91 -13.08
N THR D 69 18.68 -7.19 -14.06
CA THR D 69 17.32 -7.62 -13.78
C THR D 69 17.37 -9.03 -13.17
N LYS D 70 16.77 -9.18 -11.99
CA LYS D 70 16.79 -10.44 -11.26
C LYS D 70 15.79 -11.40 -11.91
N PRO D 71 16.08 -12.72 -11.96
CA PRO D 71 15.14 -13.69 -12.51
C PRO D 71 13.83 -13.74 -11.72
N ARG D 72 12.73 -14.00 -12.43
CA ARG D 72 11.41 -14.08 -11.83
C ARG D 72 11.41 -15.21 -10.79
N GLU D 73 11.38 -14.82 -9.51
CA GLU D 73 11.38 -15.77 -8.41
C GLU D 73 10.10 -16.60 -8.44
N GLU D 74 10.08 -17.68 -7.64
CA GLU D 74 9.00 -18.67 -7.68
C GLU D 74 7.67 -17.99 -7.99
N GLN D 75 7.24 -17.11 -7.08
CA GLN D 75 6.00 -16.34 -7.22
C GLN D 75 4.81 -17.29 -7.17
N TYR D 76 3.68 -16.78 -6.65
CA TYR D 76 2.42 -17.51 -6.62
C TYR D 76 1.42 -16.85 -7.56
N ASN D 77 1.74 -16.81 -8.85
CA ASN D 77 0.90 -16.27 -9.92
C ASN D 77 0.32 -14.92 -9.51
N SER D 78 -0.68 -14.47 -10.29
CA SER D 78 -1.51 -13.31 -9.98
C SER D 78 -0.92 -12.04 -10.60
N THR D 79 0.19 -11.55 -10.03
CA THR D 79 0.77 -10.28 -10.42
C THR D 79 2.29 -10.42 -10.60
N TYR D 80 2.80 -9.87 -11.71
CA TYR D 80 4.22 -9.90 -12.02
C TYR D 80 4.96 -8.94 -11.09
N ARG D 81 6.16 -9.36 -10.65
CA ARG D 81 6.99 -8.60 -9.75
C ARG D 81 8.41 -8.56 -10.30
N VAL D 82 8.69 -7.54 -11.13
CA VAL D 82 9.97 -7.42 -11.79
C VAL D 82 10.94 -6.65 -10.89
N VAL D 83 11.95 -7.35 -10.38
CA VAL D 83 12.98 -6.77 -9.54
C VAL D 83 14.14 -6.33 -10.44
N SER D 84 14.84 -5.27 -10.02
CA SER D 84 16.04 -4.83 -10.70
C SER D 84 17.07 -4.34 -9.67
N VAL D 85 18.22 -5.01 -9.64
CA VAL D 85 19.27 -4.72 -8.68
C VAL D 85 20.31 -3.81 -9.35
N LEU D 86 20.97 -2.99 -8.53
CA LEU D 86 22.10 -2.18 -8.97
C LEU D 86 23.20 -2.27 -7.91
N THR D 87 24.37 -2.78 -8.31
CA THR D 87 25.55 -2.75 -7.47
C THR D 87 26.07 -1.31 -7.41
N VAL D 88 26.40 -0.85 -6.19
CA VAL D 88 26.77 0.53 -5.95
C VAL D 88 28.11 0.58 -5.24
N LEU D 89 28.81 1.70 -5.39
CA LEU D 89 30.04 1.96 -4.65
C LEU D 89 29.67 2.38 -3.23
N HIS D 90 30.47 1.94 -2.26
CA HIS D 90 30.24 2.27 -0.85
C HIS D 90 30.32 3.77 -0.68
N GLN D 91 31.42 4.35 -1.18
CA GLN D 91 31.69 5.78 -1.04
C GLN D 91 30.52 6.61 -1.61
N ASP D 92 29.94 6.16 -2.72
CA ASP D 92 28.86 6.88 -3.38
C ASP D 92 27.63 6.90 -2.48
N TRP D 93 27.36 5.79 -1.77
CA TRP D 93 26.25 5.71 -0.84
C TRP D 93 26.52 6.58 0.38
N LEU D 94 27.72 6.43 0.96
CA LEU D 94 28.08 7.13 2.19
C LEU D 94 28.19 8.63 1.96
N ASN D 95 28.59 9.03 0.74
CA ASN D 95 28.60 10.44 0.36
C ASN D 95 27.16 10.93 0.19
N GLY D 96 26.25 10.02 -0.17
CA GLY D 96 24.83 10.30 -0.20
C GLY D 96 24.37 10.75 -1.58
N LYS D 97 24.71 9.97 -2.60
CA LYS D 97 24.31 10.24 -3.97
C LYS D 97 22.91 9.69 -4.20
N GLU D 98 22.12 10.42 -5.00
CA GLU D 98 20.74 10.06 -5.27
C GLU D 98 20.67 8.98 -6.35
N TYR D 99 20.37 7.74 -5.93
CA TYR D 99 20.13 6.64 -6.85
C TYR D 99 18.67 6.68 -7.30
N LYS D 100 18.45 6.81 -8.62
CA LYS D 100 17.12 6.95 -9.18
C LYS D 100 16.80 5.75 -10.07
N CYS D 101 15.64 5.13 -9.84
CA CYS D 101 15.16 4.01 -10.63
C CYS D 101 13.99 4.45 -11.51
N LYS D 102 14.24 4.59 -12.81
CA LYS D 102 13.21 4.97 -13.77
C LYS D 102 12.66 3.72 -14.45
N VAL D 103 11.45 3.31 -14.02
CA VAL D 103 10.76 2.18 -14.60
C VAL D 103 10.00 2.65 -15.85
N SER D 104 10.00 1.81 -16.90
CA SER D 104 9.34 2.14 -18.15
C SER D 104 8.56 0.91 -18.65
N ASN D 105 7.22 1.04 -18.69
CA ASN D 105 6.34 -0.01 -19.15
C ASN D 105 5.53 0.53 -20.34
N LYS D 106 5.13 -0.37 -21.24
CA LYS D 106 4.39 0.02 -22.44
C LYS D 106 2.96 0.43 -22.06
N ALA D 107 2.39 -0.25 -21.06
CA ALA D 107 1.06 0.06 -20.57
C ALA D 107 1.05 1.39 -19.84
N LEU D 108 2.16 1.69 -19.15
CA LEU D 108 2.33 2.93 -18.41
C LEU D 108 2.48 4.09 -19.39
N PRO D 109 1.68 5.19 -19.24
CA PRO D 109 1.72 6.31 -20.19
C PRO D 109 3.04 7.09 -20.17
N ALA D 110 3.68 7.17 -19.00
CA ALA D 110 4.98 7.82 -18.88
C ALA D 110 5.74 7.23 -17.69
N PRO D 111 7.10 7.18 -17.73
CA PRO D 111 7.89 6.41 -16.77
C PRO D 111 7.73 6.86 -15.31
N ILE D 112 7.71 5.88 -14.40
CA ILE D 112 7.68 6.14 -12.96
C ILE D 112 9.12 6.18 -12.45
N GLU D 113 9.47 7.28 -11.77
CA GLU D 113 10.79 7.43 -11.18
C GLU D 113 10.68 7.32 -9.65
N LYS D 114 11.71 6.71 -9.04
CA LYS D 114 11.83 6.66 -7.59
C LYS D 114 13.29 6.95 -7.22
N THR D 115 13.49 7.76 -6.17
CA THR D 115 14.82 8.19 -5.76
C THR D 115 15.04 7.85 -4.29
N ILE D 116 16.29 7.53 -3.95
CA ILE D 116 16.66 7.18 -2.59
C ILE D 116 18.07 7.69 -2.32
N SER D 117 18.36 7.96 -1.04
CA SER D 117 19.68 8.40 -0.61
C SER D 117 19.87 8.10 0.87
N LYS D 118 21.09 8.27 1.36
CA LYS D 118 21.40 8.06 2.77
C LYS D 118 20.73 9.16 3.59
N ALA D 119 20.45 8.85 4.86
CA ALA D 119 19.84 9.81 5.78
C ALA D 119 20.75 11.02 5.93
N LYS D 120 20.17 12.22 5.69
CA LYS D 120 20.91 13.46 5.69
C LYS D 120 20.92 14.06 7.09
N GLY D 121 22.11 14.14 7.70
CA GLY D 121 22.27 14.74 9.01
C GLY D 121 23.62 14.39 9.65
N GLN D 122 23.96 15.11 10.71
CA GLN D 122 25.24 14.98 11.39
C GLN D 122 25.37 13.57 11.97
N PRO D 123 26.30 12.73 11.46
CA PRO D 123 26.51 11.38 12.03
C PRO D 123 27.00 11.42 13.47
N ARG D 124 26.67 10.39 14.24
CA ARG D 124 27.00 10.31 15.64
C ARG D 124 27.49 8.91 15.99
N GLU D 125 28.44 8.83 16.92
CA GLU D 125 29.11 7.58 17.26
C GLU D 125 28.20 6.74 18.16
N PRO D 126 28.05 5.43 17.89
CA PRO D 126 27.26 4.55 18.74
C PRO D 126 28.01 4.18 20.01
N GLN D 127 27.43 4.55 21.16
CA GLN D 127 27.97 4.13 22.44
C GLN D 127 27.49 2.71 22.73
N VAL D 128 28.44 1.77 22.77
CA VAL D 128 28.13 0.35 22.89
C VAL D 128 28.34 -0.07 24.34
N TYR D 129 27.37 -0.81 24.87
CA TYR D 129 27.38 -1.25 26.26
C TYR D 129 26.83 -2.66 26.35
N THR D 130 27.63 -3.58 26.91
CA THR D 130 27.18 -4.95 27.15
C THR D 130 26.65 -5.05 28.58
N LEU D 131 25.46 -5.65 28.71
CA LEU D 131 24.83 -5.87 30.01
C LEU D 131 24.71 -7.36 30.25
N PRO D 132 25.02 -7.86 31.48
CA PRO D 132 24.93 -9.28 31.79
C PRO D 132 23.49 -9.73 32.00
N PRO D 133 23.22 -11.04 32.19
CA PRO D 133 21.87 -11.54 32.46
C PRO D 133 21.32 -10.96 33.76
N SER D 134 19.99 -10.92 33.87
CA SER D 134 19.32 -10.38 35.05
C SER D 134 19.58 -11.30 36.23
N ARG D 135 19.49 -10.73 37.44
CA ARG D 135 19.68 -11.45 38.69
C ARG D 135 18.61 -12.54 38.81
N GLU D 136 17.41 -12.25 38.27
CA GLU D 136 16.28 -13.17 38.32
C GLU D 136 16.45 -14.27 37.28
N GLU D 137 17.06 -13.94 36.13
CA GLU D 137 17.16 -14.86 35.01
C GLU D 137 18.21 -15.93 35.29
N MET D 138 19.01 -15.75 36.36
CA MET D 138 20.07 -16.68 36.70
C MET D 138 19.48 -18.01 37.19
N THR D 139 18.22 -18.00 37.62
CA THR D 139 17.54 -19.20 38.06
C THR D 139 17.20 -20.10 36.87
N LYS D 140 16.97 -19.49 35.70
CA LYS D 140 16.61 -20.21 34.49
C LYS D 140 17.83 -20.94 33.94
N ASN D 141 17.58 -21.98 33.15
CA ASN D 141 18.63 -22.84 32.61
C ASN D 141 19.36 -22.16 31.46
N GLN D 142 18.71 -21.17 30.83
CA GLN D 142 19.33 -20.32 29.82
C GLN D 142 19.29 -18.87 30.28
N VAL D 143 20.19 -18.06 29.71
CA VAL D 143 20.34 -16.66 30.09
C VAL D 143 20.34 -15.80 28.83
N SER D 144 20.18 -14.49 29.01
CA SER D 144 20.09 -13.53 27.92
C SER D 144 21.15 -12.45 28.10
N LEU D 145 22.19 -12.49 27.24
CA LEU D 145 23.21 -11.45 27.21
C LEU D 145 22.72 -10.31 26.34
N THR D 146 22.76 -9.09 26.89
CA THR D 146 22.21 -7.92 26.25
C THR D 146 23.35 -7.03 25.74
N CYS D 147 23.08 -6.31 24.65
CA CYS D 147 24.02 -5.32 24.14
C CYS D 147 23.24 -4.05 23.77
N LEU D 148 23.34 -3.03 24.62
CA LEU D 148 22.74 -1.73 24.36
C LEU D 148 23.64 -0.95 23.39
N VAL D 149 23.01 -0.33 22.40
CA VAL D 149 23.70 0.52 21.43
C VAL D 149 22.84 1.77 21.24
N LYS D 150 23.32 2.92 21.72
CA LYS D 150 22.53 4.14 21.73
C LYS D 150 23.34 5.32 21.20
N GLY D 151 22.62 6.42 20.93
CA GLY D 151 23.23 7.71 20.64
C GLY D 151 23.89 7.75 19.26
N PHE D 152 23.35 7.00 18.30
CA PHE D 152 23.95 6.88 16.98
C PHE D 152 23.00 7.44 15.93
N TYR D 153 23.59 7.88 14.80
CA TYR D 153 22.84 8.38 13.67
C TYR D 153 23.71 8.24 12.41
N PRO D 154 23.15 7.81 11.25
CA PRO D 154 21.75 7.44 11.10
C PRO D 154 21.42 6.01 11.55
N SER D 155 20.21 5.56 11.24
CA SER D 155 19.72 4.25 11.65
C SER D 155 20.50 3.11 10.99
N ASP D 156 21.24 3.42 9.92
CA ASP D 156 22.07 2.43 9.24
C ASP D 156 23.14 1.89 10.19
N ILE D 157 22.94 0.66 10.68
CA ILE D 157 23.83 0.05 11.65
C ILE D 157 23.69 -1.47 11.56
N ALA D 158 24.72 -2.19 12.01
CA ALA D 158 24.69 -3.65 12.05
C ALA D 158 25.39 -4.14 13.32
N VAL D 159 24.85 -5.22 13.91
CA VAL D 159 25.33 -5.76 15.17
C VAL D 159 25.44 -7.28 15.05
N GLU D 160 26.47 -7.85 15.70
CA GLU D 160 26.71 -9.28 15.68
C GLU D 160 27.35 -9.71 17.01
N TRP D 161 27.03 -10.94 17.44
CA TRP D 161 27.68 -11.55 18.60
C TRP D 161 28.70 -12.58 18.13
N ARG D 162 29.63 -12.93 19.04
CA ARG D 162 30.62 -13.96 18.79
C ARG D 162 31.19 -14.42 20.12
N SER D 163 31.20 -15.74 20.33
CA SER D 163 31.68 -16.33 21.58
C SER D 163 33.03 -17.00 21.35
N ASN D 164 34.08 -16.44 21.98
CA ASN D 164 35.44 -16.94 21.87
C ASN D 164 35.84 -16.97 20.40
N GLY D 165 35.57 -15.87 19.68
CA GLY D 165 35.96 -15.75 18.28
C GLY D 165 34.93 -16.33 17.32
N GLN D 166 34.33 -17.47 17.69
CA GLN D 166 33.37 -18.17 16.85
C GLN D 166 32.08 -17.36 16.76
N PRO D 167 31.62 -16.97 15.53
CA PRO D 167 30.36 -16.26 15.38
C PRO D 167 29.17 -17.00 16.01
N GLU D 168 28.29 -16.24 16.66
CA GLU D 168 27.17 -16.81 17.39
C GLU D 168 25.97 -16.99 16.46
N ASN D 169 25.11 -17.96 16.81
CA ASN D 169 23.95 -18.32 16.02
C ASN D 169 22.70 -17.71 16.64
N ASN D 170 22.44 -18.06 17.91
CA ASN D 170 21.18 -17.77 18.55
C ASN D 170 21.25 -16.40 19.22
N TYR D 171 20.97 -15.36 18.44
CA TYR D 171 20.74 -14.02 18.96
C TYR D 171 19.76 -13.28 18.07
N LYS D 172 19.16 -12.21 18.61
CA LYS D 172 18.26 -11.36 17.85
C LYS D 172 18.54 -9.90 18.18
N THR D 173 18.38 -9.03 17.18
CA THR D 173 18.63 -7.61 17.33
C THR D 173 17.34 -6.85 17.06
N THR D 174 17.04 -5.86 17.90
CA THR D 174 15.85 -5.05 17.74
C THR D 174 16.09 -4.00 16.65
N PRO D 175 15.04 -3.56 15.92
CA PRO D 175 15.16 -2.43 14.99
C PRO D 175 15.71 -1.18 15.68
N PRO D 176 16.37 -0.26 14.94
CA PRO D 176 16.75 1.04 15.50
C PRO D 176 15.53 1.85 15.91
N VAL D 177 15.50 2.25 17.18
CA VAL D 177 14.37 3.00 17.73
C VAL D 177 14.82 4.44 17.95
N LEU D 178 13.94 5.39 17.60
CA LEU D 178 14.24 6.81 17.71
C LEU D 178 14.27 7.22 19.18
N ASP D 179 15.39 7.81 19.60
CA ASP D 179 15.60 8.22 20.97
C ASP D 179 15.04 9.63 21.15
N SER D 180 15.01 10.11 22.40
CA SER D 180 14.41 11.39 22.73
C SER D 180 15.19 12.55 22.11
N ASP D 181 16.52 12.47 22.18
CA ASP D 181 17.39 13.57 21.77
C ASP D 181 17.36 13.75 20.26
N GLY D 182 17.17 12.65 19.52
CA GLY D 182 17.15 12.69 18.06
C GLY D 182 17.92 11.52 17.45
N SER D 183 18.90 10.99 18.22
CA SER D 183 19.64 9.81 17.82
C SER D 183 18.75 8.57 17.87
N PHE D 184 19.31 7.42 17.47
CA PHE D 184 18.61 6.14 17.56
C PHE D 184 19.26 5.29 18.63
N PHE D 185 18.64 4.13 18.90
CA PHE D 185 19.21 3.13 19.79
C PHE D 185 18.61 1.77 19.45
N LEU D 186 19.25 0.70 19.94
CA LEU D 186 18.72 -0.65 19.83
C LEU D 186 19.43 -1.57 20.82
N TYR D 187 18.79 -2.71 21.10
CA TYR D 187 19.38 -3.76 21.91
C TYR D 187 19.59 -4.99 21.05
N SER D 188 20.41 -5.92 21.54
CA SER D 188 20.63 -7.20 20.88
C SER D 188 20.73 -8.30 21.94
N LYS D 189 19.82 -9.27 21.85
CA LYS D 189 19.68 -10.31 22.86
C LYS D 189 20.36 -11.58 22.36
N LEU D 190 21.43 -11.99 23.05
CA LEU D 190 22.10 -13.25 22.78
C LEU D 190 21.63 -14.28 23.79
N THR D 191 20.86 -15.27 23.31
CA THR D 191 20.38 -16.36 24.14
C THR D 191 21.43 -17.48 24.14
N VAL D 192 21.99 -17.77 25.32
CA VAL D 192 22.96 -18.84 25.49
C VAL D 192 22.58 -19.67 26.71
N ASP D 193 23.22 -20.84 26.84
CA ASP D 193 23.05 -21.68 28.00
C ASP D 193 23.75 -21.04 29.19
N LYS D 194 23.30 -21.37 30.41
CA LYS D 194 23.86 -20.81 31.62
C LYS D 194 25.23 -21.43 31.90
N SER D 195 25.44 -22.65 31.38
CA SER D 195 26.69 -23.38 31.57
C SER D 195 27.86 -22.56 31.03
N ARG D 196 27.73 -22.08 29.79
CA ARG D 196 28.80 -21.38 29.09
C ARG D 196 29.06 -20.02 29.74
N TRP D 197 28.03 -19.43 30.35
CA TRP D 197 28.16 -18.16 31.05
C TRP D 197 28.92 -18.34 32.37
N GLN D 198 28.48 -19.33 33.17
CA GLN D 198 29.06 -19.58 34.47
C GLN D 198 30.49 -20.09 34.35
N GLN D 199 30.75 -20.93 33.34
CA GLN D 199 32.08 -21.48 33.09
C GLN D 199 33.07 -20.34 32.85
N GLY D 200 32.62 -19.27 32.18
CA GLY D 200 33.42 -18.08 31.99
C GLY D 200 33.99 -17.99 30.57
N ASN D 201 33.08 -17.96 29.59
CA ASN D 201 33.45 -17.73 28.21
C ASN D 201 33.42 -16.23 27.93
N VAL D 202 33.87 -15.83 26.74
CA VAL D 202 33.82 -14.44 26.32
C VAL D 202 32.78 -14.32 25.20
N PHE D 203 31.94 -13.29 25.29
CA PHE D 203 30.96 -12.98 24.25
C PHE D 203 31.13 -11.51 23.87
N SER D 204 31.18 -11.23 22.56
CA SER D 204 31.56 -9.90 22.09
C SER D 204 30.51 -9.34 21.13
N CYS D 205 29.93 -8.21 21.52
CA CYS D 205 28.96 -7.47 20.71
C CYS D 205 29.71 -6.63 19.68
N SER D 206 29.52 -6.95 18.40
CA SER D 206 30.30 -6.36 17.31
C SER D 206 29.44 -5.37 16.53
N VAL D 207 29.42 -4.11 16.97
CA VAL D 207 28.63 -3.07 16.34
C VAL D 207 29.39 -2.52 15.14
N MET D 208 28.64 -2.06 14.13
CA MET D 208 29.22 -1.53 12.89
C MET D 208 28.42 -0.32 12.43
N HIS D 209 29.06 0.86 12.42
CA HIS D 209 28.42 2.11 12.07
C HIS D 209 29.42 3.00 11.33
N GLU D 210 28.92 3.90 10.48
CA GLU D 210 29.75 4.71 9.61
C GLU D 210 30.63 5.66 10.43
N ALA D 211 30.18 6.02 11.64
CA ALA D 211 30.92 6.92 12.50
C ALA D 211 31.71 6.13 13.55
N LEU D 212 32.53 5.19 13.08
CA LEU D 212 33.43 4.43 13.94
C LEU D 212 34.77 4.24 13.22
N HIS D 213 35.79 3.79 13.96
CA HIS D 213 37.09 3.50 13.37
C HIS D 213 36.98 2.21 12.56
N ASN D 214 37.17 2.34 11.23
CA ASN D 214 37.00 1.24 10.30
C ASN D 214 35.55 0.74 10.33
N HIS D 215 34.62 1.65 10.66
CA HIS D 215 33.20 1.33 10.73
C HIS D 215 32.94 0.13 11.63
N TYR D 216 33.70 0.02 12.74
CA TYR D 216 33.70 -1.20 13.54
C TYR D 216 34.14 -0.92 14.97
N THR D 217 33.55 -1.66 15.91
CA THR D 217 33.90 -1.59 17.32
C THR D 217 33.33 -2.81 18.04
N GLN D 218 33.98 -3.22 19.13
CA GLN D 218 33.57 -4.39 19.90
C GLN D 218 33.50 -4.05 21.38
N LYS D 219 32.63 -4.78 22.10
CA LYS D 219 32.58 -4.74 23.55
C LYS D 219 32.37 -6.17 24.06
N SER D 220 33.33 -6.65 24.87
CA SER D 220 33.30 -8.01 25.37
C SER D 220 32.46 -8.07 26.64
N LEU D 221 32.00 -9.29 26.98
CA LEU D 221 31.12 -9.51 28.12
C LEU D 221 31.42 -10.89 28.72
N SER D 222 31.62 -10.93 30.04
CA SER D 222 31.94 -12.16 30.74
C SER D 222 31.51 -12.07 32.20
N LEU D 223 31.53 -13.22 32.89
CA LEU D 223 31.07 -13.33 34.26
C LEU D 223 32.07 -12.65 35.21
N SER D 224 31.56 -12.17 36.35
CA SER D 224 32.37 -11.57 37.38
C SER D 224 31.91 -12.06 38.76
#